data_6OWD
# 
_entry.id   6OWD 
# 
_audit_conform.dict_name       mmcif_pdbx.dic 
_audit_conform.dict_version    5.398 
_audit_conform.dict_location   http://mmcif.pdb.org/dictionaries/ascii/mmcif_pdbx.dic 
# 
loop_
_database_2.database_id 
_database_2.database_code 
_database_2.pdbx_database_accession 
_database_2.pdbx_DOI 
PDB   6OWD         pdb_00006owd 10.2210/pdb6owd/pdb 
WWPDB D_1000241332 ?            ?                   
# 
loop_
_pdbx_audit_revision_history.ordinal 
_pdbx_audit_revision_history.data_content_type 
_pdbx_audit_revision_history.major_revision 
_pdbx_audit_revision_history.minor_revision 
_pdbx_audit_revision_history.revision_date 
1 'Structure model' 1 0 2020-03-04 
2 'Structure model' 1 1 2023-10-11 
3 'Structure model' 1 2 2024-11-06 
# 
_pdbx_audit_revision_details.ordinal             1 
_pdbx_audit_revision_details.revision_ordinal    1 
_pdbx_audit_revision_details.data_content_type   'Structure model' 
_pdbx_audit_revision_details.provider            repository 
_pdbx_audit_revision_details.type                'Initial release' 
_pdbx_audit_revision_details.description         ? 
_pdbx_audit_revision_details.details             ? 
# 
loop_
_pdbx_audit_revision_group.ordinal 
_pdbx_audit_revision_group.revision_ordinal 
_pdbx_audit_revision_group.data_content_type 
_pdbx_audit_revision_group.group 
1 2 'Structure model' 'Data collection'        
2 2 'Structure model' 'Database references'    
3 2 'Structure model' 'Refinement description' 
4 3 'Structure model' 'Structure summary'      
# 
loop_
_pdbx_audit_revision_category.ordinal 
_pdbx_audit_revision_category.revision_ordinal 
_pdbx_audit_revision_category.data_content_type 
_pdbx_audit_revision_category.category 
1 2 'Structure model' chem_comp_atom                
2 2 'Structure model' chem_comp_bond                
3 2 'Structure model' database_2                    
4 2 'Structure model' pdbx_initial_refinement_model 
5 3 'Structure model' pdbx_entry_details            
6 3 'Structure model' pdbx_modification_feature     
# 
loop_
_pdbx_audit_revision_item.ordinal 
_pdbx_audit_revision_item.revision_ordinal 
_pdbx_audit_revision_item.data_content_type 
_pdbx_audit_revision_item.item 
1 2 'Structure model' '_database_2.pdbx_DOI'                
2 2 'Structure model' '_database_2.pdbx_database_accession' 
# 
_pdbx_database_status.status_code                     REL 
_pdbx_database_status.status_code_sf                  REL 
_pdbx_database_status.status_code_mr                  ? 
_pdbx_database_status.entry_id                        6OWD 
_pdbx_database_status.recvd_initial_deposition_date   2019-05-09 
_pdbx_database_status.SG_entry                        N 
_pdbx_database_status.deposit_site                    RCSB 
_pdbx_database_status.process_site                    RCSB 
_pdbx_database_status.status_code_cs                  ? 
_pdbx_database_status.methods_development_category    ? 
_pdbx_database_status.pdb_format_compatible           Y 
_pdbx_database_status.status_code_nmr_data            ? 
# 
loop_
_audit_author.name 
_audit_author.pdbx_ordinal 
_audit_author.identifier_ORCID 
'Biok, N.A.'    1 0000-0003-3305-6732 
'Bingman, C.A.' 2 0000-0002-3073-5089 
'Gellman, S.H.' 3 0000-0001-5617-0058 
# 
_citation.abstract                  ? 
_citation.abstract_id_CAS           ? 
_citation.book_id_ISBN              ? 
_citation.book_publisher            ? 
_citation.book_publisher_city       ? 
_citation.book_title                ? 
_citation.coordinate_linkage        ? 
_citation.country                   US 
_citation.database_id_Medline       ? 
_citation.details                   ? 
_citation.id                        primary 
_citation.journal_abbrev            Biochemistry 
_citation.journal_id_ASTM           BICHAW 
_citation.journal_id_CSD            0033 
_citation.journal_id_ISSN           0006-2960 
_citation.journal_full              ? 
_citation.journal_issue             ? 
_citation.journal_volume            58 
_citation.language                  ? 
_citation.page_first                4821 
_citation.page_last                 4826 
_citation.title                     
'Retention of Coiled-Coil Dimer Formation in the Absence of Ion Pairing at Positions Flanking the Hydrophobic Core.' 
_citation.year                      2019 
_citation.database_id_CSD           ? 
_citation.pdbx_database_id_DOI      10.1021/acs.biochem.9b00668 
_citation.pdbx_database_id_PubMed   31738525 
_citation.unpublished_flag          ? 
# 
loop_
_citation_author.citation_id 
_citation_author.name 
_citation_author.ordinal 
_citation_author.identifier_ORCID 
primary 'Biok, N.A.'    1 0000-0003-3305-6732 
primary 'Passow, A.D.'  2 ?                   
primary 'Wang, C.'      3 0000-0001-6045-7908 
primary 'Bingman, C.A.' 4 ?                   
primary 'Abbott, N.L.'  5 0000-0002-9653-0326 
primary 'Gellman, S.H.' 6 0000-0001-5617-0058 
# 
loop_
_entity.id 
_entity.type 
_entity.src_method 
_entity.pdbx_description 
_entity.formula_weight 
_entity.pdbx_number_of_molecules 
_entity.pdbx_ec 
_entity.pdbx_mutation 
_entity.pdbx_fragment 
_entity.details 
1 polymer     syn R+7            3544.177 2  ? ? ? ? 
2 non-polymer syn 'CHLORIDE ION' 35.453   5  ? ? ? ? 
3 water       nat water          18.015   63 ? ? ? ? 
# 
_entity_poly.entity_id                      1 
_entity_poly.type                           'polypeptide(L)' 
_entity_poly.nstd_linkage                   no 
_entity_poly.nstd_monomer                   yes 
_entity_poly.pdbx_seq_one_letter_code       '(ACE)QIARLQRQIRALQRQNARLQRQIRALQW(NH2)' 
_entity_poly.pdbx_seq_one_letter_code_can   XQIARLQRQIRALQRQNARLQRQIRALQWX 
_entity_poly.pdbx_strand_id                 A,B 
_entity_poly.pdbx_target_identifier         ? 
# 
loop_
_pdbx_entity_nonpoly.entity_id 
_pdbx_entity_nonpoly.name 
_pdbx_entity_nonpoly.comp_id 
2 'CHLORIDE ION' CL  
3 water          HOH 
# 
loop_
_entity_poly_seq.entity_id 
_entity_poly_seq.num 
_entity_poly_seq.mon_id 
_entity_poly_seq.hetero 
1 1  ACE n 
1 2  GLN n 
1 3  ILE n 
1 4  ALA n 
1 5  ARG n 
1 6  LEU n 
1 7  GLN n 
1 8  ARG n 
1 9  GLN n 
1 10 ILE n 
1 11 ARG n 
1 12 ALA n 
1 13 LEU n 
1 14 GLN n 
1 15 ARG n 
1 16 GLN n 
1 17 ASN n 
1 18 ALA n 
1 19 ARG n 
1 20 LEU n 
1 21 GLN n 
1 22 ARG n 
1 23 GLN n 
1 24 ILE n 
1 25 ARG n 
1 26 ALA n 
1 27 LEU n 
1 28 GLN n 
1 29 TRP n 
1 30 NH2 n 
# 
_pdbx_entity_src_syn.entity_id              1 
_pdbx_entity_src_syn.pdbx_src_id            1 
_pdbx_entity_src_syn.pdbx_alt_source_flag   sample 
_pdbx_entity_src_syn.pdbx_beg_seq_num       1 
_pdbx_entity_src_syn.pdbx_end_seq_num       30 
_pdbx_entity_src_syn.organism_scientific    'synthetic construct' 
_pdbx_entity_src_syn.organism_common_name   ? 
_pdbx_entity_src_syn.ncbi_taxonomy_id       32630 
_pdbx_entity_src_syn.details                ? 
# 
loop_
_chem_comp.id 
_chem_comp.type 
_chem_comp.mon_nstd_flag 
_chem_comp.name 
_chem_comp.pdbx_synonyms 
_chem_comp.formula 
_chem_comp.formula_weight 
ACE non-polymer         . 'ACETYL GROUP' ? 'C2 H4 O'        44.053  
ALA 'L-peptide linking' y ALANINE        ? 'C3 H7 N O2'     89.093  
ARG 'L-peptide linking' y ARGININE       ? 'C6 H15 N4 O2 1' 175.209 
ASN 'L-peptide linking' y ASPARAGINE     ? 'C4 H8 N2 O3'    132.118 
CL  non-polymer         . 'CHLORIDE ION' ? 'Cl -1'          35.453  
GLN 'L-peptide linking' y GLUTAMINE      ? 'C5 H10 N2 O3'   146.144 
HOH non-polymer         . WATER          ? 'H2 O'           18.015  
ILE 'L-peptide linking' y ISOLEUCINE     ? 'C6 H13 N O2'    131.173 
LEU 'L-peptide linking' y LEUCINE        ? 'C6 H13 N O2'    131.173 
NH2 non-polymer         . 'AMINO GROUP'  ? 'H2 N'           16.023  
TRP 'L-peptide linking' y TRYPTOPHAN     ? 'C11 H12 N2 O2'  204.225 
# 
loop_
_pdbx_poly_seq_scheme.asym_id 
_pdbx_poly_seq_scheme.entity_id 
_pdbx_poly_seq_scheme.seq_id 
_pdbx_poly_seq_scheme.mon_id 
_pdbx_poly_seq_scheme.ndb_seq_num 
_pdbx_poly_seq_scheme.pdb_seq_num 
_pdbx_poly_seq_scheme.auth_seq_num 
_pdbx_poly_seq_scheme.pdb_mon_id 
_pdbx_poly_seq_scheme.auth_mon_id 
_pdbx_poly_seq_scheme.pdb_strand_id 
_pdbx_poly_seq_scheme.pdb_ins_code 
_pdbx_poly_seq_scheme.hetero 
A 1 1  ACE 1  0  0  ACE ACE A . n 
A 1 2  GLN 2  1  1  GLN GLN A . n 
A 1 3  ILE 3  2  2  ILE ILE A . n 
A 1 4  ALA 4  3  3  ALA ALA A . n 
A 1 5  ARG 5  4  4  ARG ARG A . n 
A 1 6  LEU 6  5  5  LEU LEU A . n 
A 1 7  GLN 7  6  6  GLN GLN A . n 
A 1 8  ARG 8  7  7  ARG ARG A . n 
A 1 9  GLN 9  8  8  GLN GLN A . n 
A 1 10 ILE 10 9  9  ILE ILE A . n 
A 1 11 ARG 11 10 10 ARG ARG A . n 
A 1 12 ALA 12 11 11 ALA ALA A . n 
A 1 13 LEU 13 12 12 LEU LEU A . n 
A 1 14 GLN 14 13 13 GLN GLN A . n 
A 1 15 ARG 15 14 14 ARG ARG A . n 
A 1 16 GLN 16 15 15 GLN GLN A . n 
A 1 17 ASN 17 16 16 ASN ASN A . n 
A 1 18 ALA 18 17 17 ALA ALA A . n 
A 1 19 ARG 19 18 18 ARG ARG A . n 
A 1 20 LEU 20 19 19 LEU LEU A . n 
A 1 21 GLN 21 20 20 GLN GLN A . n 
A 1 22 ARG 22 21 21 ARG ARG A . n 
A 1 23 GLN 23 22 22 GLN GLN A . n 
A 1 24 ILE 24 23 23 ILE ILE A . n 
A 1 25 ARG 25 24 24 ARG ARG A . n 
A 1 26 ALA 26 25 25 ALA ALA A . n 
A 1 27 LEU 27 26 26 LEU LEU A . n 
A 1 28 GLN 28 27 27 GLN GLN A . n 
A 1 29 TRP 29 28 28 TRP TRP A . n 
A 1 30 NH2 30 29 29 NH2 NH2 A . n 
B 1 1  ACE 1  0  0  ACE ACE B . n 
B 1 2  GLN 2  1  1  GLN GLN B . n 
B 1 3  ILE 3  2  2  ILE ILE B . n 
B 1 4  ALA 4  3  3  ALA ALA B . n 
B 1 5  ARG 5  4  4  ARG ARG B . n 
B 1 6  LEU 6  5  5  LEU LEU B . n 
B 1 7  GLN 7  6  6  GLN GLN B . n 
B 1 8  ARG 8  7  7  ARG ARG B . n 
B 1 9  GLN 9  8  8  GLN GLN B . n 
B 1 10 ILE 10 9  9  ILE ILE B . n 
B 1 11 ARG 11 10 10 ARG ARG B . n 
B 1 12 ALA 12 11 11 ALA ALA B . n 
B 1 13 LEU 13 12 12 LEU LEU B . n 
B 1 14 GLN 14 13 13 GLN GLN B . n 
B 1 15 ARG 15 14 14 ARG ARG B . n 
B 1 16 GLN 16 15 15 GLN GLN B . n 
B 1 17 ASN 17 16 16 ASN ASN B . n 
B 1 18 ALA 18 17 17 ALA ALA B . n 
B 1 19 ARG 19 18 18 ARG ARG B . n 
B 1 20 LEU 20 19 19 LEU LEU B . n 
B 1 21 GLN 21 20 20 GLN GLN B . n 
B 1 22 ARG 22 21 21 ARG ARG B . n 
B 1 23 GLN 23 22 22 GLN GLN B . n 
B 1 24 ILE 24 23 23 ILE ILE B . n 
B 1 25 ARG 25 24 24 ARG ARG B . n 
B 1 26 ALA 26 25 25 ALA ALA B . n 
B 1 27 LEU 27 26 26 LEU LEU B . n 
B 1 28 GLN 28 27 27 GLN GLN B . n 
B 1 29 TRP 29 28 28 TRP TRP B . n 
B 1 30 NH2 30 29 29 NH2 NH2 B . n 
# 
loop_
_pdbx_nonpoly_scheme.asym_id 
_pdbx_nonpoly_scheme.entity_id 
_pdbx_nonpoly_scheme.mon_id 
_pdbx_nonpoly_scheme.ndb_seq_num 
_pdbx_nonpoly_scheme.pdb_seq_num 
_pdbx_nonpoly_scheme.auth_seq_num 
_pdbx_nonpoly_scheme.pdb_mon_id 
_pdbx_nonpoly_scheme.auth_mon_id 
_pdbx_nonpoly_scheme.pdb_strand_id 
_pdbx_nonpoly_scheme.pdb_ins_code 
C 2 CL  1  101 1  CL  CL  A . 
D 2 CL  1  102 3  CL  CL  A . 
E 2 CL  1  103 4  CL  CL  A . 
F 2 CL  1  104 5  CL  CL  A . 
G 2 CL  1  101 2  CL  CL  B . 
H 3 HOH 1  201 20 HOH HOH A . 
H 3 HOH 2  202 44 HOH HOH A . 
H 3 HOH 3  203 41 HOH HOH A . 
H 3 HOH 4  204 45 HOH HOH A . 
H 3 HOH 5  205 49 HOH HOH A . 
H 3 HOH 6  206 3  HOH HOH A . 
H 3 HOH 7  207 1  HOH HOH A . 
H 3 HOH 8  208 19 HOH HOH A . 
H 3 HOH 9  209 29 HOH HOH A . 
H 3 HOH 10 210 16 HOH HOH A . 
H 3 HOH 11 211 70 HOH HOH A . 
H 3 HOH 12 212 32 HOH HOH A . 
H 3 HOH 13 213 43 HOH HOH A . 
H 3 HOH 14 214 5  HOH HOH A . 
H 3 HOH 15 215 4  HOH HOH A . 
H 3 HOH 16 216 71 HOH HOH A . 
H 3 HOH 17 217 24 HOH HOH A . 
H 3 HOH 18 218 52 HOH HOH A . 
H 3 HOH 19 219 25 HOH HOH A . 
H 3 HOH 20 220 66 HOH HOH A . 
H 3 HOH 21 221 69 HOH HOH A . 
H 3 HOH 22 222 48 HOH HOH A . 
H 3 HOH 23 223 37 HOH HOH A . 
H 3 HOH 24 224 68 HOH HOH A . 
H 3 HOH 25 225 27 HOH HOH A . 
H 3 HOH 26 226 46 HOH HOH A . 
H 3 HOH 27 227 50 HOH HOH A . 
H 3 HOH 28 228 57 HOH HOH A . 
H 3 HOH 29 229 18 HOH HOH A . 
H 3 HOH 30 230 33 HOH HOH A . 
I 3 HOH 1  201 64 HOH HOH B . 
I 3 HOH 2  202 8  HOH HOH B . 
I 3 HOH 3  203 14 HOH HOH B . 
I 3 HOH 4  204 10 HOH HOH B . 
I 3 HOH 5  205 17 HOH HOH B . 
I 3 HOH 6  206 13 HOH HOH B . 
I 3 HOH 7  207 47 HOH HOH B . 
I 3 HOH 8  208 75 HOH HOH B . 
I 3 HOH 9  209 59 HOH HOH B . 
I 3 HOH 10 210 74 HOH HOH B . 
I 3 HOH 11 211 11 HOH HOH B . 
I 3 HOH 12 212 22 HOH HOH B . 
I 3 HOH 13 213 12 HOH HOH B . 
I 3 HOH 14 214 34 HOH HOH B . 
I 3 HOH 15 215 65 HOH HOH B . 
I 3 HOH 16 216 30 HOH HOH B . 
I 3 HOH 17 217 9  HOH HOH B . 
I 3 HOH 18 218 6  HOH HOH B . 
I 3 HOH 19 219 2  HOH HOH B . 
I 3 HOH 20 220 60 HOH HOH B . 
I 3 HOH 21 221 28 HOH HOH B . 
I 3 HOH 22 222 51 HOH HOH B . 
I 3 HOH 23 223 36 HOH HOH B . 
I 3 HOH 24 224 42 HOH HOH B . 
I 3 HOH 25 225 53 HOH HOH B . 
I 3 HOH 26 226 7  HOH HOH B . 
I 3 HOH 27 227 21 HOH HOH B . 
I 3 HOH 28 228 23 HOH HOH B . 
I 3 HOH 29 229 72 HOH HOH B . 
I 3 HOH 30 230 15 HOH HOH B . 
I 3 HOH 31 231 63 HOH HOH B . 
I 3 HOH 32 232 61 HOH HOH B . 
I 3 HOH 33 233 55 HOH HOH B . 
# 
loop_
_software.citation_id 
_software.classification 
_software.compiler_name 
_software.compiler_version 
_software.contact_author 
_software.contact_author_email 
_software.date 
_software.description 
_software.dependencies 
_software.hardware 
_software.language 
_software.location 
_software.mods 
_software.name 
_software.os 
_software.os_version 
_software.type 
_software.version 
_software.pdbx_ordinal 
? refinement       ? ? ? ? ? ? ? ? ? ? ? PHENIX ? ? ? . 1 
? 'data reduction' ? ? ? ? ? ? ? ? ? ? ? XDS    ? ? ? . 2 
? 'data scaling'   ? ? ? ? ? ? ? ? ? ? ? XSCALE ? ? ? . 3 
? phasing          ? ? ? ? ? ? ? ? ? ? ? PHASER ? ? ? . 4 
# 
_cell.angle_alpha                  90.000 
_cell.angle_alpha_esd              ? 
_cell.angle_beta                   101.720 
_cell.angle_beta_esd               ? 
_cell.angle_gamma                  90.000 
_cell.angle_gamma_esd              ? 
_cell.entry_id                     6OWD 
_cell.details                      ? 
_cell.formula_units_Z              ? 
_cell.length_a                     74.730 
_cell.length_a_esd                 ? 
_cell.length_b                     31.290 
_cell.length_b_esd                 ? 
_cell.length_c                     23.930 
_cell.length_c_esd                 ? 
_cell.volume                       54788.996 
_cell.volume_esd                   ? 
_cell.Z_PDB                        8 
_cell.reciprocal_angle_alpha       ? 
_cell.reciprocal_angle_beta        ? 
_cell.reciprocal_angle_gamma       ? 
_cell.reciprocal_angle_alpha_esd   ? 
_cell.reciprocal_angle_beta_esd    ? 
_cell.reciprocal_angle_gamma_esd   ? 
_cell.reciprocal_length_a          ? 
_cell.reciprocal_length_b          ? 
_cell.reciprocal_length_c          ? 
_cell.reciprocal_length_a_esd      ? 
_cell.reciprocal_length_b_esd      ? 
_cell.reciprocal_length_c_esd      ? 
_cell.pdbx_unique_axis             ? 
# 
_symmetry.entry_id                         6OWD 
_symmetry.cell_setting                     ? 
_symmetry.Int_Tables_number                5 
_symmetry.space_group_name_Hall            'C 2y' 
_symmetry.space_group_name_H-M             'C 1 2 1' 
_symmetry.pdbx_full_space_group_name_H-M   ? 
# 
_exptl.absorpt_coefficient_mu     ? 
_exptl.absorpt_correction_T_max   ? 
_exptl.absorpt_correction_T_min   ? 
_exptl.absorpt_correction_type    ? 
_exptl.absorpt_process_details    ? 
_exptl.entry_id                   6OWD 
_exptl.crystals_number            1 
_exptl.details                    ? 
_exptl.method                     'X-RAY DIFFRACTION' 
_exptl.method_details             ? 
# 
_exptl_crystal.colour                      ? 
_exptl_crystal.density_diffrn              ? 
_exptl_crystal.density_Matthews            1.93 
_exptl_crystal.density_method              ? 
_exptl_crystal.density_percent_sol         36.35 
_exptl_crystal.description                 ? 
_exptl_crystal.F_000                       ? 
_exptl_crystal.id                          1 
_exptl_crystal.preparation                 ? 
_exptl_crystal.size_max                    ? 
_exptl_crystal.size_mid                    ? 
_exptl_crystal.size_min                    ? 
_exptl_crystal.size_rad                    ? 
_exptl_crystal.colour_lustre               ? 
_exptl_crystal.colour_modifier             ? 
_exptl_crystal.colour_primary              ? 
_exptl_crystal.density_meas                ? 
_exptl_crystal.density_meas_esd            ? 
_exptl_crystal.density_meas_gt             ? 
_exptl_crystal.density_meas_lt             ? 
_exptl_crystal.density_meas_temp           ? 
_exptl_crystal.density_meas_temp_esd       ? 
_exptl_crystal.density_meas_temp_gt        ? 
_exptl_crystal.density_meas_temp_lt        ? 
_exptl_crystal.pdbx_crystal_image_url      ? 
_exptl_crystal.pdbx_crystal_image_format   ? 
_exptl_crystal.pdbx_mosaicity              ? 
_exptl_crystal.pdbx_mosaicity_esd          ? 
# 
_exptl_crystal_grow.apparatus       ? 
_exptl_crystal_grow.atmosphere      ? 
_exptl_crystal_grow.crystal_id      1 
_exptl_crystal_grow.details         ? 
_exptl_crystal_grow.method          'VAPOR DIFFUSION, HANGING DROP' 
_exptl_crystal_grow.method_ref      ? 
_exptl_crystal_grow.pH              5.5 
_exptl_crystal_grow.pressure        ? 
_exptl_crystal_grow.pressure_esd    ? 
_exptl_crystal_grow.seeding         ? 
_exptl_crystal_grow.seeding_ref     ? 
_exptl_crystal_grow.temp            298 
_exptl_crystal_grow.temp_details    ? 
_exptl_crystal_grow.temp_esd        ? 
_exptl_crystal_grow.time            ? 
_exptl_crystal_grow.pdbx_details    'No salt, 0.1 M Bis-Tris pH 5.5, 3.0 M sodium chloride' 
_exptl_crystal_grow.pdbx_pH_range   ? 
# 
_diffrn.ambient_environment              ? 
_diffrn.ambient_temp                     100 
_diffrn.ambient_temp_details             ? 
_diffrn.ambient_temp_esd                 ? 
_diffrn.crystal_id                       1 
_diffrn.crystal_support                  ? 
_diffrn.crystal_treatment                ? 
_diffrn.details                          ? 
_diffrn.id                               1 
_diffrn.ambient_pressure                 ? 
_diffrn.ambient_pressure_esd             ? 
_diffrn.ambient_pressure_gt              ? 
_diffrn.ambient_pressure_lt              ? 
_diffrn.ambient_temp_gt                  ? 
_diffrn.ambient_temp_lt                  ? 
_diffrn.pdbx_serial_crystal_experiment   N 
# 
_diffrn_detector.details                      ? 
_diffrn_detector.detector                     PIXEL 
_diffrn_detector.diffrn_id                    1 
_diffrn_detector.type                         'DECTRIS EIGER X 9M' 
_diffrn_detector.area_resol_mean              ? 
_diffrn_detector.dtime                        ? 
_diffrn_detector.pdbx_frames_total            ? 
_diffrn_detector.pdbx_collection_time_total   ? 
_diffrn_detector.pdbx_collection_date         2019-02-17 
_diffrn_detector.pdbx_frequency               ? 
# 
_diffrn_radiation.collimation                      ? 
_diffrn_radiation.diffrn_id                        1 
_diffrn_radiation.filter_edge                      ? 
_diffrn_radiation.inhomogeneity                    ? 
_diffrn_radiation.monochromator                    ? 
_diffrn_radiation.polarisn_norm                    ? 
_diffrn_radiation.polarisn_ratio                   ? 
_diffrn_radiation.probe                            ? 
_diffrn_radiation.type                             ? 
_diffrn_radiation.xray_symbol                      ? 
_diffrn_radiation.wavelength_id                    1 
_diffrn_radiation.pdbx_monochromatic_or_laue_m_l   M 
_diffrn_radiation.pdbx_wavelength_list             ? 
_diffrn_radiation.pdbx_wavelength                  ? 
_diffrn_radiation.pdbx_diffrn_protocol             'SINGLE WAVELENGTH' 
_diffrn_radiation.pdbx_analyzer                    ? 
_diffrn_radiation.pdbx_scattering_type             x-ray 
# 
_diffrn_radiation_wavelength.id           1 
_diffrn_radiation_wavelength.wavelength   1.1272 
_diffrn_radiation_wavelength.wt           1.0 
# 
_diffrn_source.current                     ? 
_diffrn_source.details                     ? 
_diffrn_source.diffrn_id                   1 
_diffrn_source.power                       ? 
_diffrn_source.size                        ? 
_diffrn_source.source                      SYNCHROTRON 
_diffrn_source.target                      ? 
_diffrn_source.type                        'APS BEAMLINE 21-ID-D' 
_diffrn_source.voltage                     ? 
_diffrn_source.take-off_angle              ? 
_diffrn_source.pdbx_wavelength_list        1.1272 
_diffrn_source.pdbx_wavelength             ? 
_diffrn_source.pdbx_synchrotron_beamline   21-ID-D 
_diffrn_source.pdbx_synchrotron_site       APS 
# 
_reflns.B_iso_Wilson_estimate            32.74 
_reflns.entry_id                         6OWD 
_reflns.data_reduction_details           ? 
_reflns.data_reduction_method            ? 
_reflns.d_resolution_high                1.5 
_reflns.d_resolution_low                 36.59 
_reflns.details                          ? 
_reflns.limit_h_max                      ? 
_reflns.limit_h_min                      ? 
_reflns.limit_k_max                      ? 
_reflns.limit_k_min                      ? 
_reflns.limit_l_max                      ? 
_reflns.limit_l_min                      ? 
_reflns.number_all                       ? 
_reflns.number_obs                       8381 
_reflns.observed_criterion               ? 
_reflns.observed_criterion_F_max         ? 
_reflns.observed_criterion_F_min         ? 
_reflns.observed_criterion_I_max         ? 
_reflns.observed_criterion_I_min         ? 
_reflns.observed_criterion_sigma_F       ? 
_reflns.observed_criterion_sigma_I       ? 
_reflns.percent_possible_obs             95.00 
_reflns.R_free_details                   ? 
_reflns.Rmerge_F_all                     ? 
_reflns.Rmerge_F_obs                     ? 
_reflns.Friedel_coverage                 ? 
_reflns.number_gt                        ? 
_reflns.threshold_expression             ? 
_reflns.pdbx_redundancy                  6.7 
_reflns.pdbx_Rmerge_I_obs                0.1088 
_reflns.pdbx_Rmerge_I_all                ? 
_reflns.pdbx_Rsym_value                  ? 
_reflns.pdbx_netI_over_av_sigmaI         ? 
_reflns.pdbx_netI_over_sigmaI            12.09 
_reflns.pdbx_res_netI_over_av_sigmaI_2   ? 
_reflns.pdbx_res_netI_over_sigmaI_2      ? 
_reflns.pdbx_chi_squared                 ? 
_reflns.pdbx_scaling_rejects             ? 
_reflns.pdbx_d_res_high_opt              ? 
_reflns.pdbx_d_res_low_opt               ? 
_reflns.pdbx_d_res_opt_method            ? 
_reflns.phase_calculation_details        ? 
_reflns.pdbx_Rrim_I_all                  0.1184 
_reflns.pdbx_Rpim_I_all                  0.04586 
_reflns.pdbx_d_opt                       ? 
_reflns.pdbx_number_measured_all         ? 
_reflns.pdbx_diffrn_id                   1 
_reflns.pdbx_ordinal                     1 
_reflns.pdbx_CC_half                     0.997 
_reflns.pdbx_R_split                     ? 
# 
_reflns_shell.d_res_high                  1.5 
_reflns_shell.d_res_low                   1.554 
_reflns_shell.meanI_over_sigI_all         ? 
_reflns_shell.meanI_over_sigI_obs         1.34 
_reflns_shell.number_measured_all         ? 
_reflns_shell.number_measured_obs         ? 
_reflns_shell.number_possible             ? 
_reflns_shell.number_unique_all           ? 
_reflns_shell.number_unique_obs           808 
_reflns_shell.percent_possible_all        93.73 
_reflns_shell.percent_possible_obs        ? 
_reflns_shell.Rmerge_F_all                ? 
_reflns_shell.Rmerge_F_obs                ? 
_reflns_shell.Rmerge_I_all                ? 
_reflns_shell.Rmerge_I_obs                1.003 
_reflns_shell.meanI_over_sigI_gt          ? 
_reflns_shell.meanI_over_uI_all           ? 
_reflns_shell.meanI_over_uI_gt            ? 
_reflns_shell.number_measured_gt          ? 
_reflns_shell.number_unique_gt            ? 
_reflns_shell.percent_possible_gt         ? 
_reflns_shell.Rmerge_F_gt                 ? 
_reflns_shell.Rmerge_I_gt                 ? 
_reflns_shell.pdbx_redundancy             7.0 
_reflns_shell.pdbx_Rsym_value             ? 
_reflns_shell.pdbx_chi_squared            ? 
_reflns_shell.pdbx_netI_over_sigmaI_all   ? 
_reflns_shell.pdbx_netI_over_sigmaI_obs   ? 
_reflns_shell.pdbx_Rrim_I_all             1.086 
_reflns_shell.pdbx_Rpim_I_all             0.4111 
_reflns_shell.pdbx_rejects                ? 
_reflns_shell.pdbx_ordinal                1 
_reflns_shell.pdbx_diffrn_id              1 
_reflns_shell.pdbx_CC_half                0.424 
_reflns_shell.pdbx_R_split                ? 
# 
_refine.aniso_B[1][1]                            ? 
_refine.aniso_B[1][2]                            ? 
_refine.aniso_B[1][3]                            ? 
_refine.aniso_B[2][2]                            ? 
_refine.aniso_B[2][3]                            ? 
_refine.aniso_B[3][3]                            ? 
_refine.B_iso_max                                ? 
_refine.B_iso_mean                               36.62 
_refine.B_iso_min                                ? 
_refine.correlation_coeff_Fo_to_Fc               ? 
_refine.correlation_coeff_Fo_to_Fc_free          ? 
_refine.details                                  ? 
_refine.diff_density_max                         ? 
_refine.diff_density_max_esd                     ? 
_refine.diff_density_min                         ? 
_refine.diff_density_min_esd                     ? 
_refine.diff_density_rms                         ? 
_refine.diff_density_rms_esd                     ? 
_refine.entry_id                                 6OWD 
_refine.pdbx_refine_id                           'X-RAY DIFFRACTION' 
_refine.ls_abs_structure_details                 ? 
_refine.ls_abs_structure_Flack                   ? 
_refine.ls_abs_structure_Flack_esd               ? 
_refine.ls_abs_structure_Rogers                  ? 
_refine.ls_abs_structure_Rogers_esd              ? 
_refine.ls_d_res_high                            1.5 
_refine.ls_d_res_low                             36.59 
_refine.ls_extinction_coef                       ? 
_refine.ls_extinction_coef_esd                   ? 
_refine.ls_extinction_expression                 ? 
_refine.ls_extinction_method                     ? 
_refine.ls_goodness_of_fit_all                   ? 
_refine.ls_goodness_of_fit_all_esd               ? 
_refine.ls_goodness_of_fit_obs                   ? 
_refine.ls_goodness_of_fit_obs_esd               ? 
_refine.ls_hydrogen_treatment                    ? 
_refine.ls_matrix_type                           ? 
_refine.ls_number_constraints                    ? 
_refine.ls_number_parameters                     ? 
_refine.ls_number_reflns_all                     ? 
_refine.ls_number_reflns_obs                     8363 
_refine.ls_number_reflns_R_free                  818 
_refine.ls_number_reflns_R_work                  ? 
_refine.ls_number_restraints                     ? 
_refine.ls_percent_reflns_obs                    95.00 
_refine.ls_percent_reflns_R_free                 9.8 
_refine.ls_R_factor_all                          ? 
_refine.ls_R_factor_obs                          ? 
_refine.ls_R_factor_R_free                       0.2344 
_refine.ls_R_factor_R_free_error                 ? 
_refine.ls_R_factor_R_free_error_details         ? 
_refine.ls_R_factor_R_work                       0.1840 
_refine.ls_R_Fsqd_factor_obs                     ? 
_refine.ls_R_I_factor_obs                        ? 
_refine.ls_redundancy_reflns_all                 ? 
_refine.ls_redundancy_reflns_obs                 ? 
_refine.ls_restrained_S_all                      ? 
_refine.ls_restrained_S_obs                      ? 
_refine.ls_shift_over_esd_max                    ? 
_refine.ls_shift_over_esd_mean                   ? 
_refine.ls_structure_factor_coef                 ? 
_refine.ls_weighting_details                     ? 
_refine.ls_weighting_scheme                      ? 
_refine.ls_wR_factor_all                         ? 
_refine.ls_wR_factor_obs                         ? 
_refine.ls_wR_factor_R_free                      ? 
_refine.ls_wR_factor_R_work                      ? 
_refine.occupancy_max                            ? 
_refine.occupancy_min                            ? 
_refine.solvent_model_details                    ? 
_refine.solvent_model_param_bsol                 ? 
_refine.solvent_model_param_ksol                 ? 
_refine.ls_R_factor_gt                           ? 
_refine.ls_goodness_of_fit_gt                    ? 
_refine.ls_goodness_of_fit_ref                   ? 
_refine.ls_shift_over_su_max                     ? 
_refine.ls_shift_over_su_max_lt                  ? 
_refine.ls_shift_over_su_mean                    ? 
_refine.ls_shift_over_su_mean_lt                 ? 
_refine.pdbx_ls_sigma_I                          ? 
_refine.pdbx_ls_sigma_F                          ? 
_refine.pdbx_ls_sigma_Fsqd                       ? 
_refine.pdbx_data_cutoff_high_absF               ? 
_refine.pdbx_data_cutoff_high_rms_absF           ? 
_refine.pdbx_data_cutoff_low_absF                ? 
_refine.pdbx_isotropic_thermal_model             ? 
_refine.pdbx_ls_cross_valid_method               'FREE R-VALUE' 
_refine.pdbx_method_to_determine_struct          'MOLECULAR REPLACEMENT' 
_refine.pdbx_starting_model                      4DZM 
_refine.pdbx_stereochemistry_target_values       ? 
_refine.pdbx_R_Free_selection_details            ? 
_refine.pdbx_stereochem_target_val_spec_case     ? 
_refine.pdbx_overall_ESU_R                       ? 
_refine.pdbx_overall_ESU_R_Free                  ? 
_refine.pdbx_solvent_vdw_probe_radii             ? 
_refine.pdbx_solvent_ion_probe_radii             ? 
_refine.pdbx_solvent_shrinkage_radii             ? 
_refine.pdbx_real_space_R                        ? 
_refine.pdbx_density_correlation                 ? 
_refine.pdbx_pd_number_of_powder_patterns        ? 
_refine.pdbx_pd_number_of_points                 ? 
_refine.pdbx_pd_meas_number_of_points            ? 
_refine.pdbx_pd_proc_ls_prof_R_factor            ? 
_refine.pdbx_pd_proc_ls_prof_wR_factor           ? 
_refine.pdbx_pd_Marquardt_correlation_coeff      ? 
_refine.pdbx_pd_Fsqrd_R_factor                   ? 
_refine.pdbx_pd_ls_matrix_band_width             ? 
_refine.pdbx_overall_phase_error                 ? 
_refine.pdbx_overall_SU_R_free_Cruickshank_DPI   ? 
_refine.pdbx_overall_SU_R_free_Blow_DPI          ? 
_refine.pdbx_overall_SU_R_Blow_DPI               ? 
_refine.pdbx_TLS_residual_ADP_flag               ? 
_refine.pdbx_diffrn_id                           1 
_refine.overall_SU_B                             ? 
_refine.overall_SU_ML                            ? 
_refine.overall_SU_R_Cruickshank_DPI             ? 
_refine.overall_SU_R_free                        ? 
_refine.overall_FOM_free_R_set                   ? 
_refine.overall_FOM_work_R_set                   ? 
_refine.pdbx_average_fsc_overall                 ? 
_refine.pdbx_average_fsc_work                    ? 
_refine.pdbx_average_fsc_free                    ? 
# 
_refine_hist.pdbx_refine_id                   'X-RAY DIFFRACTION' 
_refine_hist.cycle_id                         LAST 
_refine_hist.pdbx_number_atoms_protein        502 
_refine_hist.pdbx_number_atoms_nucleic_acid   0 
_refine_hist.pdbx_number_atoms_ligand         5 
_refine_hist.number_atoms_solvent             63 
_refine_hist.number_atoms_total               570 
_refine_hist.d_res_high                       1.5 
_refine_hist.d_res_low                        36.59 
# 
_struct.entry_id                     6OWD 
_struct.title                        
;Arginine Containing Reengineered Coiled-Coiled Dimer to Examine the Impact of Proximal Cation Identity on Hydrophobically-Driven Assembly
;
_struct.pdbx_model_details           ? 
_struct.pdbx_formula_weight          ? 
_struct.pdbx_formula_weight_method   ? 
_struct.pdbx_model_type_details      ? 
_struct.pdbx_CASP_flag               N 
# 
_struct_keywords.entry_id        6OWD 
_struct_keywords.text            'Parallel coiled-coil, Dimer, De novo peptide, DE NOVO PROTEIN' 
_struct_keywords.pdbx_keywords   'DE NOVO PROTEIN' 
# 
loop_
_struct_asym.id 
_struct_asym.pdbx_blank_PDB_chainid_flag 
_struct_asym.pdbx_modified 
_struct_asym.entity_id 
_struct_asym.details 
A N N 1 ? 
B N N 1 ? 
C N N 2 ? 
D N N 2 ? 
E N N 2 ? 
F N N 2 ? 
G N N 2 ? 
H N N 3 ? 
I N N 3 ? 
# 
_struct_ref.id                         1 
_struct_ref.db_name                    PDB 
_struct_ref.db_code                    6OWD 
_struct_ref.pdbx_db_accession          6OWD 
_struct_ref.pdbx_db_isoform            ? 
_struct_ref.entity_id                  1 
_struct_ref.pdbx_seq_one_letter_code   ? 
_struct_ref.pdbx_align_begin           1 
# 
loop_
_struct_ref_seq.align_id 
_struct_ref_seq.ref_id 
_struct_ref_seq.pdbx_PDB_id_code 
_struct_ref_seq.pdbx_strand_id 
_struct_ref_seq.seq_align_beg 
_struct_ref_seq.pdbx_seq_align_beg_ins_code 
_struct_ref_seq.seq_align_end 
_struct_ref_seq.pdbx_seq_align_end_ins_code 
_struct_ref_seq.pdbx_db_accession 
_struct_ref_seq.db_align_beg 
_struct_ref_seq.pdbx_db_align_beg_ins_code 
_struct_ref_seq.db_align_end 
_struct_ref_seq.pdbx_db_align_end_ins_code 
_struct_ref_seq.pdbx_auth_seq_align_beg 
_struct_ref_seq.pdbx_auth_seq_align_end 
1 1 6OWD A 1 ? 30 ? 6OWD 0 ? 29 ? 0 29 
2 1 6OWD B 1 ? 30 ? 6OWD 0 ? 29 ? 0 29 
# 
_pdbx_struct_assembly.id                   1 
_pdbx_struct_assembly.details              author_defined_assembly 
_pdbx_struct_assembly.method_details       ? 
_pdbx_struct_assembly.oligomeric_details   dimeric 
_pdbx_struct_assembly.oligomeric_count     2 
# 
_pdbx_struct_assembly_gen.assembly_id       1 
_pdbx_struct_assembly_gen.oper_expression   1 
_pdbx_struct_assembly_gen.asym_id_list      A,B,C,D,E,F,G,H,I 
# 
_pdbx_struct_assembly_auth_evidence.id                     1 
_pdbx_struct_assembly_auth_evidence.assembly_id            1 
_pdbx_struct_assembly_auth_evidence.experimental_support   'equilibrium centrifugation' 
_pdbx_struct_assembly_auth_evidence.details                'Centrifugation showed dimer.' 
# 
_pdbx_struct_oper_list.id                   1 
_pdbx_struct_oper_list.type                 'identity operation' 
_pdbx_struct_oper_list.name                 1_555 
_pdbx_struct_oper_list.symmetry_operation   x,y,z 
_pdbx_struct_oper_list.matrix[1][1]         1.0000000000 
_pdbx_struct_oper_list.matrix[1][2]         0.0000000000 
_pdbx_struct_oper_list.matrix[1][3]         0.0000000000 
_pdbx_struct_oper_list.vector[1]            0.0000000000 
_pdbx_struct_oper_list.matrix[2][1]         0.0000000000 
_pdbx_struct_oper_list.matrix[2][2]         1.0000000000 
_pdbx_struct_oper_list.matrix[2][3]         0.0000000000 
_pdbx_struct_oper_list.vector[2]            0.0000000000 
_pdbx_struct_oper_list.matrix[3][1]         0.0000000000 
_pdbx_struct_oper_list.matrix[3][2]         0.0000000000 
_pdbx_struct_oper_list.matrix[3][3]         1.0000000000 
_pdbx_struct_oper_list.vector[3]            0.0000000000 
# 
loop_
_struct_conf.conf_type_id 
_struct_conf.id 
_struct_conf.pdbx_PDB_helix_id 
_struct_conf.beg_label_comp_id 
_struct_conf.beg_label_asym_id 
_struct_conf.beg_label_seq_id 
_struct_conf.pdbx_beg_PDB_ins_code 
_struct_conf.end_label_comp_id 
_struct_conf.end_label_asym_id 
_struct_conf.end_label_seq_id 
_struct_conf.pdbx_end_PDB_ins_code 
_struct_conf.beg_auth_comp_id 
_struct_conf.beg_auth_asym_id 
_struct_conf.beg_auth_seq_id 
_struct_conf.end_auth_comp_id 
_struct_conf.end_auth_asym_id 
_struct_conf.end_auth_seq_id 
_struct_conf.pdbx_PDB_helix_class 
_struct_conf.details 
_struct_conf.pdbx_PDB_helix_length 
HELX_P HELX_P1 AA1 GLN A 2 ? GLN A 28 ? GLN A 1 GLN A 27 1 ? 27 
HELX_P HELX_P2 AA2 GLN B 2 ? GLN B 28 ? GLN B 1 GLN B 27 1 ? 27 
# 
_struct_conf_type.id          HELX_P 
_struct_conf_type.criteria    ? 
_struct_conf_type.reference   ? 
# 
loop_
_struct_conn.id 
_struct_conn.conn_type_id 
_struct_conn.pdbx_leaving_atom_flag 
_struct_conn.pdbx_PDB_id 
_struct_conn.ptnr1_label_asym_id 
_struct_conn.ptnr1_label_comp_id 
_struct_conn.ptnr1_label_seq_id 
_struct_conn.ptnr1_label_atom_id 
_struct_conn.pdbx_ptnr1_label_alt_id 
_struct_conn.pdbx_ptnr1_PDB_ins_code 
_struct_conn.pdbx_ptnr1_standard_comp_id 
_struct_conn.ptnr1_symmetry 
_struct_conn.ptnr2_label_asym_id 
_struct_conn.ptnr2_label_comp_id 
_struct_conn.ptnr2_label_seq_id 
_struct_conn.ptnr2_label_atom_id 
_struct_conn.pdbx_ptnr2_label_alt_id 
_struct_conn.pdbx_ptnr2_PDB_ins_code 
_struct_conn.ptnr1_auth_asym_id 
_struct_conn.ptnr1_auth_comp_id 
_struct_conn.ptnr1_auth_seq_id 
_struct_conn.ptnr2_auth_asym_id 
_struct_conn.ptnr2_auth_comp_id 
_struct_conn.ptnr2_auth_seq_id 
_struct_conn.ptnr2_symmetry 
_struct_conn.pdbx_ptnr3_label_atom_id 
_struct_conn.pdbx_ptnr3_label_seq_id 
_struct_conn.pdbx_ptnr3_label_comp_id 
_struct_conn.pdbx_ptnr3_label_asym_id 
_struct_conn.pdbx_ptnr3_label_alt_id 
_struct_conn.pdbx_ptnr3_PDB_ins_code 
_struct_conn.details 
_struct_conn.pdbx_dist_value 
_struct_conn.pdbx_value_order 
_struct_conn.pdbx_role 
covale1 covale both ? A ACE 1  C ? ? ? 1_555 A GLN 2  N ? ? A ACE 0  A GLN 1  1_555 ? ? ? ? ? ? ? 1.425 ? ? 
covale2 covale both ? A TRP 29 C ? ? ? 1_555 A NH2 30 N ? ? A TRP 28 A NH2 29 1_555 ? ? ? ? ? ? ? 1.333 ? ? 
covale3 covale both ? B ACE 1  C ? ? ? 1_555 B GLN 2  N A ? B ACE 0  B GLN 1  1_555 ? ? ? ? ? ? ? 1.426 ? ? 
covale4 covale both ? B ACE 1  C ? ? ? 1_555 B GLN 2  N B ? B ACE 0  B GLN 1  1_555 ? ? ? ? ? ? ? 1.425 ? ? 
covale5 covale both ? B TRP 29 C ? ? ? 1_555 B NH2 30 N ? ? B TRP 28 B NH2 29 1_555 ? ? ? ? ? ? ? 1.337 ? ? 
# 
_struct_conn_type.id          covale 
_struct_conn_type.criteria    ? 
_struct_conn_type.reference   ? 
# 
loop_
_pdbx_modification_feature.ordinal 
_pdbx_modification_feature.label_comp_id 
_pdbx_modification_feature.label_asym_id 
_pdbx_modification_feature.label_seq_id 
_pdbx_modification_feature.label_alt_id 
_pdbx_modification_feature.modified_residue_label_comp_id 
_pdbx_modification_feature.modified_residue_label_asym_id 
_pdbx_modification_feature.modified_residue_label_seq_id 
_pdbx_modification_feature.modified_residue_label_alt_id 
_pdbx_modification_feature.auth_comp_id 
_pdbx_modification_feature.auth_asym_id 
_pdbx_modification_feature.auth_seq_id 
_pdbx_modification_feature.PDB_ins_code 
_pdbx_modification_feature.symmetry 
_pdbx_modification_feature.modified_residue_auth_comp_id 
_pdbx_modification_feature.modified_residue_auth_asym_id 
_pdbx_modification_feature.modified_residue_auth_seq_id 
_pdbx_modification_feature.modified_residue_PDB_ins_code 
_pdbx_modification_feature.modified_residue_symmetry 
_pdbx_modification_feature.comp_id_linking_atom 
_pdbx_modification_feature.modified_residue_id_linking_atom 
_pdbx_modification_feature.modified_residue_id 
_pdbx_modification_feature.ref_pcm_id 
_pdbx_modification_feature.ref_comp_id 
_pdbx_modification_feature.type 
_pdbx_modification_feature.category 
1 ACE A 1  ? GLN A 2  ? ACE A 0  ? 1_555 GLN A 1  ? 1_555 . . GLN 18 ACE None 'Terminal acetylation' 
2 ACE B 1  ? GLN B 2  A ACE B 0  ? 1_555 GLN B 1  ? 1_555 . . GLN 18 ACE None 'Terminal acetylation' 
3 ACE B 1  ? GLN B 2  B ACE B 0  ? 1_555 GLN B 1  ? 1_555 . . GLN 18 ACE None 'Terminal acetylation' 
4 NH2 A 30 ? TRP A 29 ? NH2 A 29 ? 1_555 TRP A 28 ? 1_555 . . TRP 16 NH2 None 'Terminal amidation'   
5 NH2 B 30 ? TRP B 29 ? NH2 B 29 ? 1_555 TRP B 28 ? 1_555 . . TRP 16 NH2 None 'Terminal amidation'   
# 
loop_
_struct_site.id 
_struct_site.pdbx_evidence_code 
_struct_site.pdbx_auth_asym_id 
_struct_site.pdbx_auth_comp_id 
_struct_site.pdbx_auth_seq_id 
_struct_site.pdbx_auth_ins_code 
_struct_site.pdbx_num_residues 
_struct_site.details 
AC1 Software A CL  101 ? 5  'binding site for residue CL A 101'                 
AC2 Software A CL  102 ? 3  'binding site for residue CL A 102'                 
AC3 Software A CL  103 ? 4  'binding site for residue CL A 103'                 
AC4 Software A CL  104 ? 3  'binding site for residue CL A 104'                 
AC5 Software B CL  101 ? 7  'binding site for residue CL B 101'                 
AC6 Software B ACE 0   ? 12 'binding site for Di-peptide ACE B 0 and GLN B 1'   
AC7 Software B ACE 0   ? 12 'binding site for Di-peptide ACE B 0 and GLN B 1'   
AC8 Software B TRP 28  ? 8  'binding site for Di-peptide TRP B 28 and NH2 B 29' 
# 
loop_
_struct_site_gen.id 
_struct_site_gen.site_id 
_struct_site_gen.pdbx_num_res 
_struct_site_gen.label_comp_id 
_struct_site_gen.label_asym_id 
_struct_site_gen.label_seq_id 
_struct_site_gen.pdbx_auth_ins_code 
_struct_site_gen.auth_comp_id 
_struct_site_gen.auth_asym_id 
_struct_site_gen.auth_seq_id 
_struct_site_gen.label_atom_id 
_struct_site_gen.label_alt_id 
_struct_site_gen.symmetry 
_struct_site_gen.details 
1  AC1 5  GLN A 9  ? GLN A 8   . ? 4_546 ? 
2  AC1 5  ALA A 18 ? ALA A 17  . ? 1_555 ? 
3  AC1 5  HOH H .  ? HOH A 203 . ? 4_546 ? 
4  AC1 5  ARG B 11 ? ARG B 10  . ? 4_546 ? 
5  AC1 5  GLN B 14 ? GLN B 13  . ? 4_546 ? 
6  AC2 3  ARG A 11 ? ARG A 10  . ? 1_555 ? 
7  AC2 3  GLN A 14 ? GLN A 13  . ? 1_555 ? 
8  AC2 3  GLN B 9  ? GLN B 8   . ? 1_555 ? 
9  AC3 4  ARG A 19 ? ARG A 18  . ? 1_555 ? 
10 AC3 4  ARG A 22 ? ARG A 21  . ? 1_555 ? 
11 AC3 4  TRP A 29 ? TRP A 28  . ? 2_556 ? 
12 AC3 4  ARG B 11 ? ARG B 10  . ? 4_546 ? 
13 AC4 3  ARG A 25 ? ARG A 24  . ? 1_555 ? 
14 AC4 3  GLN B 7  ? GLN B 6   . ? 3_445 ? 
15 AC4 3  HOH I .  ? HOH B 216 . ? 3_445 ? 
16 AC5 7  ACE A 1  ? ACE A 0   . ? 2_656 ? 
17 AC5 7  GLN A 2  ? GLN A 1   . ? 2_656 ? 
18 AC5 7  ILE A 3  ? ILE A 2   . ? 2_656 ? 
19 AC5 7  HOH H .  ? HOH A 214 . ? 2_656 ? 
20 AC5 7  GLN B 2  ? GLN B 1   . ? 1_555 ? 
21 AC5 7  ILE B 3  ? ILE B 2   . ? 1_555 ? 
22 AC5 7  HOH I .  ? HOH B 218 . ? 1_555 ? 
23 AC6 12 ILE A 3  ? ILE A 2   . ? 2_656 ? 
24 AC6 12 ILE B 3  ? ILE B 2   . ? 1_555 ? 
25 AC6 12 ALA B 4  ? ALA B 3   . ? 1_555 ? 
26 AC6 12 ARG B 5  ? ARG B 4   . ? 1_555 ? 
27 AC6 12 LEU B 6  ? LEU B 5   . ? 1_555 ? 
28 AC6 12 ARG B 25 ? ARG B 24  . ? 3_545 ? 
29 AC6 12 GLN B 28 ? GLN B 27  . ? 3_545 ? 
30 AC6 12 TRP B 29 ? TRP B 28  . ? 3_545 ? 
31 AC6 12 NH2 B 30 ? NH2 B 29  . ? 3_545 ? 
32 AC6 12 CL  G .  ? CL  B 101 . ? 1_555 ? 
33 AC6 12 HOH I .  ? HOH B 202 . ? 1_555 ? 
34 AC6 12 HOH I .  ? HOH B 209 . ? 1_555 ? 
35 AC7 12 ILE A 3  ? ILE A 2   . ? 2_656 ? 
36 AC7 12 ILE B 3  ? ILE B 2   . ? 1_555 ? 
37 AC7 12 ALA B 4  ? ALA B 3   . ? 1_555 ? 
38 AC7 12 ARG B 5  ? ARG B 4   . ? 1_555 ? 
39 AC7 12 LEU B 6  ? LEU B 5   . ? 1_555 ? 
40 AC7 12 ARG B 25 ? ARG B 24  . ? 3_545 ? 
41 AC7 12 GLN B 28 ? GLN B 27  . ? 3_545 ? 
42 AC7 12 TRP B 29 ? TRP B 28  . ? 3_545 ? 
43 AC7 12 NH2 B 30 ? NH2 B 29  . ? 3_545 ? 
44 AC7 12 CL  G .  ? CL  B 101 . ? 1_555 ? 
45 AC7 12 HOH I .  ? HOH B 202 . ? 1_555 ? 
46 AC7 12 HOH I .  ? HOH B 209 . ? 1_555 ? 
47 AC8 8  GLN A 7  ? GLN A 6   . ? 3_455 ? 
48 AC8 8  ARG A 11 ? ARG A 10  . ? 3_455 ? 
49 AC8 8  GLN B 2  ? GLN B 1   . ? 3_455 ? 
50 AC8 8  LEU B 6  ? LEU B 5   . ? 3_455 ? 
51 AC8 8  GLN B 9  ? GLN B 8   . ? 3_455 ? 
52 AC8 8  GLN B 21 ? GLN B 20  . ? 2_556 ? 
53 AC8 8  GLN B 28 ? GLN B 27  . ? 1_555 ? 
54 AC8 8  HOH I .  ? HOH B 219 . ? 3_455 ? 
# 
_pdbx_entry_details.entry_id                   6OWD 
_pdbx_entry_details.compound_details           ? 
_pdbx_entry_details.source_details             ? 
_pdbx_entry_details.nonpolymer_details         ? 
_pdbx_entry_details.sequence_details           ? 
_pdbx_entry_details.has_ligand_of_interest     ? 
_pdbx_entry_details.has_protein_modification   Y 
# 
loop_
_pdbx_struct_special_symmetry.id 
_pdbx_struct_special_symmetry.PDB_model_num 
_pdbx_struct_special_symmetry.auth_asym_id 
_pdbx_struct_special_symmetry.auth_comp_id 
_pdbx_struct_special_symmetry.auth_seq_id 
_pdbx_struct_special_symmetry.PDB_ins_code 
_pdbx_struct_special_symmetry.label_asym_id 
_pdbx_struct_special_symmetry.label_comp_id 
_pdbx_struct_special_symmetry.label_seq_id 
1 1 A HOH 222 ? H HOH . 
2 1 A HOH 227 ? H HOH . 
# 
loop_
_space_group_symop.id 
_space_group_symop.operation_xyz 
1 x,y,z           
2 -x,y,-z         
3 x+1/2,y+1/2,z   
4 -x+1/2,y+1/2,-z 
# 
loop_
_chem_comp_atom.comp_id 
_chem_comp_atom.atom_id 
_chem_comp_atom.type_symbol 
_chem_comp_atom.pdbx_aromatic_flag 
_chem_comp_atom.pdbx_stereo_config 
_chem_comp_atom.pdbx_ordinal 
ACE C    C  N N 1   
ACE O    O  N N 2   
ACE CH3  C  N N 3   
ACE H    H  N N 4   
ACE H1   H  N N 5   
ACE H2   H  N N 6   
ACE H3   H  N N 7   
ALA N    N  N N 8   
ALA CA   C  N S 9   
ALA C    C  N N 10  
ALA O    O  N N 11  
ALA CB   C  N N 12  
ALA OXT  O  N N 13  
ALA H    H  N N 14  
ALA H2   H  N N 15  
ALA HA   H  N N 16  
ALA HB1  H  N N 17  
ALA HB2  H  N N 18  
ALA HB3  H  N N 19  
ALA HXT  H  N N 20  
ARG N    N  N N 21  
ARG CA   C  N S 22  
ARG C    C  N N 23  
ARG O    O  N N 24  
ARG CB   C  N N 25  
ARG CG   C  N N 26  
ARG CD   C  N N 27  
ARG NE   N  N N 28  
ARG CZ   C  N N 29  
ARG NH1  N  N N 30  
ARG NH2  N  N N 31  
ARG OXT  O  N N 32  
ARG H    H  N N 33  
ARG H2   H  N N 34  
ARG HA   H  N N 35  
ARG HB2  H  N N 36  
ARG HB3  H  N N 37  
ARG HG2  H  N N 38  
ARG HG3  H  N N 39  
ARG HD2  H  N N 40  
ARG HD3  H  N N 41  
ARG HE   H  N N 42  
ARG HH11 H  N N 43  
ARG HH12 H  N N 44  
ARG HH21 H  N N 45  
ARG HH22 H  N N 46  
ARG HXT  H  N N 47  
ASN N    N  N N 48  
ASN CA   C  N S 49  
ASN C    C  N N 50  
ASN O    O  N N 51  
ASN CB   C  N N 52  
ASN CG   C  N N 53  
ASN OD1  O  N N 54  
ASN ND2  N  N N 55  
ASN OXT  O  N N 56  
ASN H    H  N N 57  
ASN H2   H  N N 58  
ASN HA   H  N N 59  
ASN HB2  H  N N 60  
ASN HB3  H  N N 61  
ASN HD21 H  N N 62  
ASN HD22 H  N N 63  
ASN HXT  H  N N 64  
CL  CL   CL N N 65  
GLN N    N  N N 66  
GLN CA   C  N S 67  
GLN C    C  N N 68  
GLN O    O  N N 69  
GLN CB   C  N N 70  
GLN CG   C  N N 71  
GLN CD   C  N N 72  
GLN OE1  O  N N 73  
GLN NE2  N  N N 74  
GLN OXT  O  N N 75  
GLN H    H  N N 76  
GLN H2   H  N N 77  
GLN HA   H  N N 78  
GLN HB2  H  N N 79  
GLN HB3  H  N N 80  
GLN HG2  H  N N 81  
GLN HG3  H  N N 82  
GLN HE21 H  N N 83  
GLN HE22 H  N N 84  
GLN HXT  H  N N 85  
HOH O    O  N N 86  
HOH H1   H  N N 87  
HOH H2   H  N N 88  
ILE N    N  N N 89  
ILE CA   C  N S 90  
ILE C    C  N N 91  
ILE O    O  N N 92  
ILE CB   C  N S 93  
ILE CG1  C  N N 94  
ILE CG2  C  N N 95  
ILE CD1  C  N N 96  
ILE OXT  O  N N 97  
ILE H    H  N N 98  
ILE H2   H  N N 99  
ILE HA   H  N N 100 
ILE HB   H  N N 101 
ILE HG12 H  N N 102 
ILE HG13 H  N N 103 
ILE HG21 H  N N 104 
ILE HG22 H  N N 105 
ILE HG23 H  N N 106 
ILE HD11 H  N N 107 
ILE HD12 H  N N 108 
ILE HD13 H  N N 109 
ILE HXT  H  N N 110 
LEU N    N  N N 111 
LEU CA   C  N S 112 
LEU C    C  N N 113 
LEU O    O  N N 114 
LEU CB   C  N N 115 
LEU CG   C  N N 116 
LEU CD1  C  N N 117 
LEU CD2  C  N N 118 
LEU OXT  O  N N 119 
LEU H    H  N N 120 
LEU H2   H  N N 121 
LEU HA   H  N N 122 
LEU HB2  H  N N 123 
LEU HB3  H  N N 124 
LEU HG   H  N N 125 
LEU HD11 H  N N 126 
LEU HD12 H  N N 127 
LEU HD13 H  N N 128 
LEU HD21 H  N N 129 
LEU HD22 H  N N 130 
LEU HD23 H  N N 131 
LEU HXT  H  N N 132 
NH2 N    N  N N 133 
NH2 HN1  H  N N 134 
NH2 HN2  H  N N 135 
TRP N    N  N N 136 
TRP CA   C  N S 137 
TRP C    C  N N 138 
TRP O    O  N N 139 
TRP CB   C  N N 140 
TRP CG   C  Y N 141 
TRP CD1  C  Y N 142 
TRP CD2  C  Y N 143 
TRP NE1  N  Y N 144 
TRP CE2  C  Y N 145 
TRP CE3  C  Y N 146 
TRP CZ2  C  Y N 147 
TRP CZ3  C  Y N 148 
TRP CH2  C  Y N 149 
TRP OXT  O  N N 150 
TRP H    H  N N 151 
TRP H2   H  N N 152 
TRP HA   H  N N 153 
TRP HB2  H  N N 154 
TRP HB3  H  N N 155 
TRP HD1  H  N N 156 
TRP HE1  H  N N 157 
TRP HE3  H  N N 158 
TRP HZ2  H  N N 159 
TRP HZ3  H  N N 160 
TRP HH2  H  N N 161 
TRP HXT  H  N N 162 
# 
loop_
_chem_comp_bond.comp_id 
_chem_comp_bond.atom_id_1 
_chem_comp_bond.atom_id_2 
_chem_comp_bond.value_order 
_chem_comp_bond.pdbx_aromatic_flag 
_chem_comp_bond.pdbx_stereo_config 
_chem_comp_bond.pdbx_ordinal 
ACE C   O    doub N N 1   
ACE C   CH3  sing N N 2   
ACE C   H    sing N N 3   
ACE CH3 H1   sing N N 4   
ACE CH3 H2   sing N N 5   
ACE CH3 H3   sing N N 6   
ALA N   CA   sing N N 7   
ALA N   H    sing N N 8   
ALA N   H2   sing N N 9   
ALA CA  C    sing N N 10  
ALA CA  CB   sing N N 11  
ALA CA  HA   sing N N 12  
ALA C   O    doub N N 13  
ALA C   OXT  sing N N 14  
ALA CB  HB1  sing N N 15  
ALA CB  HB2  sing N N 16  
ALA CB  HB3  sing N N 17  
ALA OXT HXT  sing N N 18  
ARG N   CA   sing N N 19  
ARG N   H    sing N N 20  
ARG N   H2   sing N N 21  
ARG CA  C    sing N N 22  
ARG CA  CB   sing N N 23  
ARG CA  HA   sing N N 24  
ARG C   O    doub N N 25  
ARG C   OXT  sing N N 26  
ARG CB  CG   sing N N 27  
ARG CB  HB2  sing N N 28  
ARG CB  HB3  sing N N 29  
ARG CG  CD   sing N N 30  
ARG CG  HG2  sing N N 31  
ARG CG  HG3  sing N N 32  
ARG CD  NE   sing N N 33  
ARG CD  HD2  sing N N 34  
ARG CD  HD3  sing N N 35  
ARG NE  CZ   sing N N 36  
ARG NE  HE   sing N N 37  
ARG CZ  NH1  sing N N 38  
ARG CZ  NH2  doub N N 39  
ARG NH1 HH11 sing N N 40  
ARG NH1 HH12 sing N N 41  
ARG NH2 HH21 sing N N 42  
ARG NH2 HH22 sing N N 43  
ARG OXT HXT  sing N N 44  
ASN N   CA   sing N N 45  
ASN N   H    sing N N 46  
ASN N   H2   sing N N 47  
ASN CA  C    sing N N 48  
ASN CA  CB   sing N N 49  
ASN CA  HA   sing N N 50  
ASN C   O    doub N N 51  
ASN C   OXT  sing N N 52  
ASN CB  CG   sing N N 53  
ASN CB  HB2  sing N N 54  
ASN CB  HB3  sing N N 55  
ASN CG  OD1  doub N N 56  
ASN CG  ND2  sing N N 57  
ASN ND2 HD21 sing N N 58  
ASN ND2 HD22 sing N N 59  
ASN OXT HXT  sing N N 60  
GLN N   CA   sing N N 61  
GLN N   H    sing N N 62  
GLN N   H2   sing N N 63  
GLN CA  C    sing N N 64  
GLN CA  CB   sing N N 65  
GLN CA  HA   sing N N 66  
GLN C   O    doub N N 67  
GLN C   OXT  sing N N 68  
GLN CB  CG   sing N N 69  
GLN CB  HB2  sing N N 70  
GLN CB  HB3  sing N N 71  
GLN CG  CD   sing N N 72  
GLN CG  HG2  sing N N 73  
GLN CG  HG3  sing N N 74  
GLN CD  OE1  doub N N 75  
GLN CD  NE2  sing N N 76  
GLN NE2 HE21 sing N N 77  
GLN NE2 HE22 sing N N 78  
GLN OXT HXT  sing N N 79  
HOH O   H1   sing N N 80  
HOH O   H2   sing N N 81  
ILE N   CA   sing N N 82  
ILE N   H    sing N N 83  
ILE N   H2   sing N N 84  
ILE CA  C    sing N N 85  
ILE CA  CB   sing N N 86  
ILE CA  HA   sing N N 87  
ILE C   O    doub N N 88  
ILE C   OXT  sing N N 89  
ILE CB  CG1  sing N N 90  
ILE CB  CG2  sing N N 91  
ILE CB  HB   sing N N 92  
ILE CG1 CD1  sing N N 93  
ILE CG1 HG12 sing N N 94  
ILE CG1 HG13 sing N N 95  
ILE CG2 HG21 sing N N 96  
ILE CG2 HG22 sing N N 97  
ILE CG2 HG23 sing N N 98  
ILE CD1 HD11 sing N N 99  
ILE CD1 HD12 sing N N 100 
ILE CD1 HD13 sing N N 101 
ILE OXT HXT  sing N N 102 
LEU N   CA   sing N N 103 
LEU N   H    sing N N 104 
LEU N   H2   sing N N 105 
LEU CA  C    sing N N 106 
LEU CA  CB   sing N N 107 
LEU CA  HA   sing N N 108 
LEU C   O    doub N N 109 
LEU C   OXT  sing N N 110 
LEU CB  CG   sing N N 111 
LEU CB  HB2  sing N N 112 
LEU CB  HB3  sing N N 113 
LEU CG  CD1  sing N N 114 
LEU CG  CD2  sing N N 115 
LEU CG  HG   sing N N 116 
LEU CD1 HD11 sing N N 117 
LEU CD1 HD12 sing N N 118 
LEU CD1 HD13 sing N N 119 
LEU CD2 HD21 sing N N 120 
LEU CD2 HD22 sing N N 121 
LEU CD2 HD23 sing N N 122 
LEU OXT HXT  sing N N 123 
NH2 N   HN1  sing N N 124 
NH2 N   HN2  sing N N 125 
TRP N   CA   sing N N 126 
TRP N   H    sing N N 127 
TRP N   H2   sing N N 128 
TRP CA  C    sing N N 129 
TRP CA  CB   sing N N 130 
TRP CA  HA   sing N N 131 
TRP C   O    doub N N 132 
TRP C   OXT  sing N N 133 
TRP CB  CG   sing N N 134 
TRP CB  HB2  sing N N 135 
TRP CB  HB3  sing N N 136 
TRP CG  CD1  doub Y N 137 
TRP CG  CD2  sing Y N 138 
TRP CD1 NE1  sing Y N 139 
TRP CD1 HD1  sing N N 140 
TRP CD2 CE2  doub Y N 141 
TRP CD2 CE3  sing Y N 142 
TRP NE1 CE2  sing Y N 143 
TRP NE1 HE1  sing N N 144 
TRP CE2 CZ2  sing Y N 145 
TRP CE3 CZ3  doub Y N 146 
TRP CE3 HE3  sing N N 147 
TRP CZ2 CH2  doub Y N 148 
TRP CZ2 HZ2  sing N N 149 
TRP CZ3 CH2  sing Y N 150 
TRP CZ3 HZ3  sing N N 151 
TRP CH2 HH2  sing N N 152 
TRP OXT HXT  sing N N 153 
# 
_pdbx_audit_support.funding_organization   'Department of Defense (DOD, United States)' 
_pdbx_audit_support.country                'United States' 
_pdbx_audit_support.grant_number           144-481500-4-AAB1263 
_pdbx_audit_support.ordinal                1 
# 
_pdbx_initial_refinement_model.id               1 
_pdbx_initial_refinement_model.entity_id_list   ? 
_pdbx_initial_refinement_model.type             'experimental model' 
_pdbx_initial_refinement_model.source_name      PDB 
_pdbx_initial_refinement_model.accession_code   4DZM 
_pdbx_initial_refinement_model.details          ? 
# 
_space_group.crystal_system   monoclinic 
_space_group.name_H-M_alt     'C 1 2 1' 
_space_group.IT_number        5 
_space_group.name_Hall        'C 2y' 
_space_group.id               1 
# 
_atom_sites.entry_id                    6OWD 
_atom_sites.fract_transf_matrix[1][1]   -0.00246236 
_atom_sites.fract_transf_matrix[1][2]   0.00566984 
_atom_sites.fract_transf_matrix[1][3]   0.01218908 
_atom_sites.fract_transf_matrix[2][1]   -0.01123792 
_atom_sites.fract_transf_matrix[2][2]   0.02619442 
_atom_sites.fract_transf_matrix[2][3]   -0.01445474 
_atom_sites.fract_transf_matrix[3][1]   -0.03995009 
_atom_sites.fract_transf_matrix[3][2]   -0.01291436 
_atom_sites.fract_transf_matrix[3][3]   0.00765643 
_atom_sites.fract_transf_vector[1]      0.189102 
_atom_sites.fract_transf_vector[2]      -0.350825 
_atom_sites.fract_transf_vector[3]      0.332025 
# 
loop_
_atom_type.symbol 
C  
CL 
H  
N  
O  
# 
loop_
_atom_site.group_PDB 
_atom_site.id 
_atom_site.type_symbol 
_atom_site.label_atom_id 
_atom_site.label_alt_id 
_atom_site.label_comp_id 
_atom_site.label_asym_id 
_atom_site.label_entity_id 
_atom_site.label_seq_id 
_atom_site.pdbx_PDB_ins_code 
_atom_site.Cartn_x 
_atom_site.Cartn_y 
_atom_site.Cartn_z 
_atom_site.occupancy 
_atom_site.B_iso_or_equiv 
_atom_site.pdbx_formal_charge 
_atom_site.auth_seq_id 
_atom_site.auth_comp_id 
_atom_site.auth_asym_id 
_atom_site.auth_atom_id 
_atom_site.pdbx_PDB_model_num 
HETATM 1    C  C    . ACE A 1 1  ? -9.32800  7.50236   17.31155  1.000 33.54000  ? 0   ACE A C    1 
HETATM 2    O  O    . ACE A 1 1  ? -9.52542  6.77611   16.14895  1.000 31.45000  ? 0   ACE A O    1 
HETATM 3    C  CH3  . ACE A 1 1  ? -10.50923 7.65864   18.24557  1.000 34.53000  ? 0   ACE A CH3  1 
HETATM 4    H  H1   . ACE A 1 1  ? -11.22891 8.11774   17.78427  1.000 41.46000  ? 0   ACE A H1   1 
HETATM 5    H  H2   . ACE A 1 1  ? -10.24113 8.17509   19.02167  1.000 41.46000  ? 0   ACE A H2   1 
HETATM 6    H  H3   . ACE A 1 1  ? -10.81473 6.78272   18.52968  1.000 41.46000  ? 0   ACE A H3   1 
ATOM   7    N  N    . GLN A 1 2  ? -8.55309  8.68855   17.16283  1.000 36.84000  ? 1   GLN A N    1 
ATOM   8    C  CA   . GLN A 1 2  ? -7.57070  8.77418   16.10101  1.000 32.52000  ? 1   GLN A CA   1 
ATOM   9    C  C    . GLN A 1 2  ? -6.63210  7.60869   16.06715  1.000 30.27000  ? 1   GLN A C    1 
ATOM   10   O  O    . GLN A 1 2  ? -6.33820  7.14773   14.95026  1.000 34.58000  ? 1   GLN A O    1 
ATOM   11   C  CB   . GLN A 1 2  ? -6.77231  10.07629  16.24803  1.000 34.51000  ? 1   GLN A CB   1 
ATOM   12   C  CG   . GLN A 1 2  ? -6.00597  10.44432  15.02575  1.000 39.36000  ? 1   GLN A CG   1 
ATOM   13   C  CD   . GLN A 1 2  ? -5.29122  11.78360  15.17251  1.000 46.50000  ? 1   GLN A CD   1 
ATOM   14   O  OE1  . GLN A 1 2  ? -5.39088  12.44365  16.21175  1.000 53.54000  ? 1   GLN A OE1  1 
ATOM   15   N  NE2  . GLN A 1 2  ? -4.52120  12.15379  14.14586  1.000 50.44000  ? 1   GLN A NE2  1 
ATOM   16   H  H    . GLN A 1 2  ? -8.48544  9.31146   17.75265  1.000 44.23000  ? 1   GLN A H    1 
ATOM   17   H  HA   . GLN A 1 2  ? -8.04270  8.76977   15.25278  1.000 39.05000  ? 1   GLN A HA   1 
ATOM   18   H  HB2  . GLN A 1 2  ? -7.38789  10.79997  16.44173  1.000 41.43000  ? 1   GLN A HB2  1 
ATOM   19   H  HB3  . GLN A 1 2  ? -6.14047  9.97442   16.97616  1.000 41.43000  ? 1   GLN A HB3  1 
ATOM   20   H  HG2  . GLN A 1 2  ? -5.33722  9.76320   14.85238  1.000 47.25000  ? 1   GLN A HG2  1 
ATOM   21   H  HG3  . GLN A 1 2  ? -6.61618  10.50869  14.27475  1.000 47.25000  ? 1   GLN A HG3  1 
ATOM   22   H  HE21 . GLN A 1 2  ? -4.45113  11.64677  13.45557  1.000 60.55000  ? 1   GLN A HE21 1 
ATOM   23   H  HE22 . GLN A 1 2  ? -4.09471  12.90109  14.17577  1.000 60.55000  ? 1   GLN A HE22 1 
ATOM   24   N  N    . ILE A 1 3  ? -6.19033  7.12714   17.23669  1.000 28.94000  ? 2   ILE A N    1 
ATOM   25   C  CA   . ILE A 1 3  ? -5.25827  6.00187   17.23659  1.000 26.18000  ? 2   ILE A CA   1 
ATOM   26   C  C    . ILE A 1 3  ? -5.88733  4.80571   16.53526  1.000 28.32000  ? 2   ILE A C    1 
ATOM   27   O  O    . ILE A 1 3  ? -5.24030  4.15617   15.68868  1.000 28.85000  ? 2   ILE A O    1 
ATOM   28   C  CB   . ILE A 1 3  ? -4.81113  5.66978   18.66395  1.000 30.53000  ? 2   ILE A CB   1 
ATOM   29   C  CG1  . ILE A 1 3  ? -3.89854  6.77266   19.21017  1.000 31.21000  ? 2   ILE A CG1  1 
ATOM   30   C  CG2  . ILE A 1 3  ? -4.10071  4.26899   18.72599  1.000 33.01000  ? 2   ILE A CG2  1 
ATOM   31   C  CD1  . ILE A 1 3  ? -3.54070  6.63381   20.65916  1.000 47.96000  ? 2   ILE A CD1  1 
ATOM   32   H  H    . ILE A 1 3  ? -6.40696  7.42535   18.01405  1.000 34.75000  ? 2   ILE A H    1 
ATOM   33   H  HA   . ILE A 1 3  ? -4.46486  6.25285   16.73849  1.000 31.44000  ? 2   ILE A HA   1 
ATOM   34   H  HB   . ILE A 1 3  ? -5.60355  5.62275   19.22132  1.000 36.67000  ? 2   ILE A HB   1 
ATOM   35   H  HG12 . ILE A 1 3  ? -3.07194  6.76713   18.70342  1.000 37.47000  ? 2   ILE A HG12 1 
ATOM   36   H  HG13 . ILE A 1 3  ? -4.34871  7.62491   19.10142  1.000 37.47000  ? 2   ILE A HG13 1 
ATOM   37   H  HG21 . ILE A 1 3  ? -3.62105  4.19534   19.56609  1.000 39.64000  ? 2   ILE A HG21 1 
ATOM   38   H  HG22 . ILE A 1 3  ? -4.77118  3.57156   18.66658  1.000 39.64000  ? 2   ILE A HG22 1 
ATOM   39   H  HG23 . ILE A 1 3  ? -3.48022  4.19659   17.98416  1.000 39.64000  ? 2   ILE A HG23 1 
ATOM   40   H  HD11 . ILE A 1 3  ? -3.74607  7.46403   21.11613  1.000 57.57000  ? 2   ILE A HD11 1 
ATOM   41   H  HD12 . ILE A 1 3  ? -4.05718  5.90790   21.04306  1.000 57.57000  ? 2   ILE A HD12 1 
ATOM   42   H  HD13 . ILE A 1 3  ? -2.59245  6.44070   20.73275  1.000 57.57000  ? 2   ILE A HD13 1 
ATOM   43   N  N    . ALA A 1 4  ? -7.10732  4.40946   16.93151  1.000 30.22000  ? 3   ALA A N    1 
ATOM   44   C  CA   . ALA A 1 4  ? -7.76798  3.27894   16.27641  1.000 29.32000  ? 3   ALA A CA   1 
ATOM   45   C  C    . ALA A 1 4  ? -7.94134  3.49558   14.77852  1.000 30.67000  ? 3   ALA A C    1 
ATOM   46   O  O    . ALA A 1 4  ? -7.72283  2.57098   13.97448  1.000 27.87000  ? 3   ALA A O    1 
ATOM   47   C  CB   . ALA A 1 4  ? -9.10661  3.00471   16.95063  1.000 30.03000  ? 3   ALA A CB   1 
ATOM   48   H  H    . ALA A 1 4  ? -7.56389  4.77222   17.56355  1.000 36.29000  ? 3   ALA A H    1 
ATOM   49   H  HA   . ALA A 1 4  ? -7.20811  2.49439   16.38053  1.000 35.20000  ? 3   ALA A HA   1 
ATOM   50   H  HB1  . ALA A 1 4  ? -9.54092  2.26333   16.49973  1.000 36.06000  ? 3   ALA A HB1  1 
ATOM   51   H  HB2  . ALA A 1 4  ? -8.95100  2.78109   17.88145  1.000 36.06000  ? 3   ALA A HB2  1 
ATOM   52   H  HB3  . ALA A 1 4  ? -9.65961  3.79965   16.88873  1.000 36.06000  ? 3   ALA A HB3  1 
ATOM   53   N  N    . ARG A 1 5  ? -8.32912  4.70175   14.38269  1.000 31.50000  ? 4   ARG A N    1 
ATOM   54   C  CA   . ARG A 1 5  ? -8.55171  4.95426   12.96155  1.000 30.74000  ? 4   ARG A CA   1 
ATOM   55   C  C    . ARG A 1 5  ? -7.24563  4.76956   12.19070  1.000 27.87000  ? 4   ARG A C    1 
ATOM   56   O  O    . ARG A 1 5  ? -7.20318  4.15597   11.13198  1.000 29.57000  ? 4   ARG A O    1 
ATOM   57   C  CB   . ARG A 1 5  ? -9.07952  6.38161   12.79903  1.000 34.57000  ? 4   ARG A CB   1 
ATOM   58   C  CG   . ARG A 1 5  ? -9.31477  6.74006   11.31217  1.000 38.47000  ? 4   ARG A CG   1 
ATOM   59   C  CD   . ARG A 1 5  ? -9.91200  8.14519   11.14567  1.000 41.58000  ? 4   ARG A CD   1 
ATOM   60   N  NE   . ARG A 1 5  ? -8.95189  9.20820   11.44340  1.000 54.15000  ? 4   ARG A NE   1 
ATOM   61   C  CZ   . ARG A 1 5  ? -7.90958  9.52168   10.66607  1.000 61.64000  ? 4   ARG A CZ   1 
ATOM   62   N  NH1  . ARG A 1 5  ? -7.66251  8.85965   9.51748   1.000 51.28000  ? 4   ARG A NH1  1 
ATOM   63   N  NH2  . ARG A 1 5  ? -7.10034  10.50725  11.02700  1.000 52.44000  ? 4   ARG A NH2  1 
ATOM   64   H  H    . ARG A 1 5  ? -8.46840  5.37561   14.89848  1.000 37.82000  ? 4   ARG A H    1 
ATOM   65   H  HA   . ARG A 1 5  ? -9.20818  4.33702   12.60322  1.000 36.91000  ? 4   ARG A HA   1 
ATOM   66   H  HB2  . ARG A 1 5  ? -9.92355  6.46561   13.26916  1.000 41.51000  ? 4   ARG A HB2  1 
ATOM   67   H  HB3  . ARG A 1 5  ? -8.43256  7.00573   13.16394  1.000 41.51000  ? 4   ARG A HB3  1 
ATOM   68   H  HG2  . ARG A 1 5  ? -8.46794  6.71198   10.83949  1.000 46.18000  ? 4   ARG A HG2  1 
ATOM   69   H  HG3  . ARG A 1 5  ? -9.93252  6.10066   10.92338  1.000 46.18000  ? 4   ARG A HG3  1 
ATOM   70   H  HD2  . ARG A 1 5  ? -10.20715 8.25671   10.22853  1.000 49.92000  ? 4   ARG A HD2  1 
ATOM   71   H  HD3  . ARG A 1 5  ? -10.66413 8.24325   11.75113  1.000 49.92000  ? 4   ARG A HD3  1 
ATOM   72   H  HE   . ARG A 1 5  ? -9.06615  9.66223   12.16486  1.000 65.00000  ? 4   ARG A HE   1 
ATOM   73   H  HH11 . ARG A 1 5  ? -8.18147  8.21970   9.26977   1.000 61.56000  ? 4   ARG A HH11 1 
ATOM   74   H  HH12 . ARG A 1 5  ? -6.98676  9.07622   9.03303   1.000 61.56000  ? 4   ARG A HH12 1 
ATOM   75   H  HH21 . ARG A 1 5  ? -7.24834  10.94049  11.75470  1.000 62.95000  ? 4   ARG A HH21 1 
ATOM   76   H  HH22 . ARG A 1 5  ? -6.42871  10.71386  10.53212  1.000 62.95000  ? 4   ARG A HH22 1 
ATOM   77   N  N    . LEU A 1 6  ? -6.15729  5.30299   12.72688  1.000 29.96000  ? 5   LEU A N    1 
ATOM   78   C  CA   . LEU A 1 6  ? -4.85692  5.18186   12.05577  1.000 25.81000  ? 5   LEU A CA   1 
ATOM   79   C  C    . LEU A 1 6  ? -4.37014  3.73488   12.01565  1.000 25.57000  ? 5   LEU A C    1 
ATOM   80   O  O    . LEU A 1 6  ? -3.79493  3.28566   11.02632  1.000 28.91000  ? 5   LEU A O    1 
ATOM   81   C  CB   . LEU A 1 6  ? -3.84495  6.11007   12.72556  1.000 31.38000  ? 5   LEU A CB   1 
ATOM   82   C  CG   . LEU A 1 6  ? -4.17507  7.59476   12.68792  1.000 31.53000  ? 5   LEU A CG   1 
ATOM   83   C  CD1  . LEU A 1 6  ? -3.15750  8.33134   13.57653  1.000 33.35000  ? 5   LEU A CD1  1 
ATOM   84   C  CD2  . LEU A 1 6  ? -4.19013  8.12603   11.38728  1.000 35.53000  ? 5   LEU A CD2  1 
ATOM   85   H  H    . LEU A 1 6  ? -6.13403  5.73723   13.46920  1.000 35.98000  ? 5   LEU A H    1 
ATOM   86   H  HA   . LEU A 1 6  ? -4.94628  5.46624   11.13270  1.000 30.99000  ? 5   LEU A HA   1 
ATOM   87   H  HB2  . LEU A 1 6  ? -3.77292  5.85547   13.65858  1.000 37.68000  ? 5   LEU A HB2  1 
ATOM   88   H  HB3  . LEU A 1 6  ? -2.98852  5.99430   12.28328  1.000 37.68000  ? 5   LEU A HB3  1 
ATOM   89   H  HG   . LEU A 1 6  ? -5.07608  7.72782   13.02151  1.000 37.86000  ? 5   LEU A HG   1 
ATOM   90   H  HD11 . LEU A 1 6  ? -3.36525  9.27833   13.57703  1.000 40.04000  ? 5   LEU A HD11 1 
ATOM   91   H  HD12 . LEU A 1 6  ? -3.21493  7.97999   14.47908  1.000 40.04000  ? 5   LEU A HD12 1 
ATOM   92   H  HD13 . LEU A 1 6  ? -2.26656  8.18765   13.22264  1.000 40.04000  ? 5   LEU A HD13 1 
ATOM   93   H  HD21 . LEU A 1 6  ? -4.40541  9.07124   11.43465  1.000 42.65000  ? 5   LEU A HD21 1 
ATOM   94   H  HD22 . LEU A 1 6  ? -3.31566  8.00594   10.98726  1.000 42.65000  ? 5   LEU A HD22 1 
ATOM   95   H  HD23 . LEU A 1 6  ? -4.86137  7.66103   10.86308  1.000 42.65000  ? 5   LEU A HD23 1 
ATOM   96   N  N    . GLN A 1 7  ? -4.47409  3.01982   13.11554  1.000 26.52000  ? 6   GLN A N    1 
ATOM   97   C  CA   . GLN A 1 7  ? -4.07810  1.62284   13.08183  1.000 25.33000  ? 6   GLN A CA   1 
ATOM   98   C  C    . GLN A 1 7  ? -4.89433  0.81697   12.10126  1.000 27.28000  ? 6   GLN A C    1 
ATOM   99   O  O    . GLN A 1 7  ? -4.31933  0.00846   11.35205  1.000 30.33000  ? 6   GLN A O    1 
ATOM   100  C  CB   . GLN A 1 7  ? -4.16539  1.08244   14.49634  1.000 28.67000  ? 6   GLN A CB   1 
ATOM   101  C  CG   . GLN A 1 7  ? -3.01834  1.52926   15.42689  1.000 28.50000  ? 6   GLN A CG   1 
ATOM   102  C  CD   . GLN A 1 7  ? -3.14381  1.11453   16.89320  1.000 33.19000  ? 6   GLN A CD   1 
ATOM   103  O  OE1  . GLN A 1 7  ? -4.05405  0.43094   17.30618  1.000 29.73000  ? 6   GLN A OE1  1 
ATOM   104  N  NE2  . GLN A 1 7  ? -2.20081  1.55689   17.69353  1.000 31.28000  ? 6   GLN A NE2  1 
ATOM   105  H  H    . GLN A 1 7  ? -4.76177  3.30493   13.87355  1.000 31.85000  ? 6   GLN A H    1 
ATOM   106  H  HA   . GLN A 1 7  ? -3.16129  1.53955   12.77528  1.000 30.42000  ? 6   GLN A HA   1 
ATOM   107  H  HB2  . GLN A 1 7  ? -4.99730  1.38571   14.89231  1.000 34.43000  ? 6   GLN A HB2  1 
ATOM   108  H  HB3  . GLN A 1 7  ? -4.15017  0.11352   14.45764  1.000 34.43000  ? 6   GLN A HB3  1 
ATOM   109  H  HG2  . GLN A 1 7  ? -2.19055  1.14932   15.09196  1.000 34.22000  ? 6   GLN A HG2  1 
ATOM   110  H  HG3  . GLN A 1 7  ? -2.96997  2.49782   15.40667  1.000 34.22000  ? 6   GLN A HG3  1 
ATOM   111  H  HE21 . GLN A 1 7  ? -1.56664  2.04654   17.38030  1.000 37.56000  ? 6   GLN A HE21 1 
ATOM   112  H  HE22 . GLN A 1 7  ? -2.21651  1.35742   18.52934  1.000 37.56000  ? 6   GLN A HE22 1 
ATOM   113  N  N    . ARG A 1 8  ? -6.22148  1.01312   12.06244  1.000 26.39000  ? 7   ARG A N    1 
ATOM   114  C  CA   . ARG A 1 8  ? -7.01735  0.32003   11.03830  1.000 25.66000  ? 7   ARG A CA   1 
ATOM   115  C  C    . ARG A 1 8  ? -6.58858  0.70557   9.62820   1.000 31.04000  ? 7   ARG A C    1 
ATOM   116  O  O    . ARG A 1 8  ? -6.56052  -0.13942  8.73398   1.000 28.18000  ? 7   ARG A O    1 
ATOM   117  C  CB   . ARG A 1 8  ? -8.48611  0.60532   11.21362  1.000 30.38000  ? 7   ARG A CB   1 
ATOM   118  C  CG   . ARG A 1 8  ? -9.04309  -0.18869  12.31925  1.000 32.15000  ? 7   ARG A CG   1 
ATOM   119  C  CD   . ARG A 1 8  ? -10.61941 -0.00731  12.35451  1.000 33.14000  ? 7   ARG A CD   1 
ATOM   120  N  NE   . ARG A 1 8  ? -11.07469 1.40127   12.47745  1.000 33.47000  ? 7   ARG A NE   1 
ATOM   121  C  CZ   . ARG A 1 8  ? -11.39130 2.01237   13.62317  1.000 30.56000  ? 7   ARG A CZ   1 
ATOM   122  N  NH1  . ARG A 1 8  ? -11.39380 1.33111   14.74083  1.000 36.48000  ? 7   ARG A NH1  1 
ATOM   123  N  NH2  . ARG A 1 8  ? -11.77239 3.28130   13.60782  1.000 42.31000  ? 7   ARG A NH2  1 
ATOM   124  H  H    . ARG A 1 8  ? -6.66895  1.51992   12.59471  1.000 31.69000  ? 7   ARG A H    1 
ATOM   125  H  HA   . ARG A 1 8  ? -6.87434  -0.63178  11.15455  1.000 30.82000  ? 7   ARG A HA   1 
ATOM   126  H  HB2  . ARG A 1 8  ? -8.61034  1.54578   11.41594  1.000 36.48000  ? 7   ARG A HB2  1 
ATOM   127  H  HB3  . ARG A 1 8  ? -8.96009  0.37588   10.39914  1.000 36.48000  ? 7   ARG A HB3  1 
ATOM   128  H  HG2  . ARG A 1 8  ? -8.83792  -1.12668  12.18671  1.000 38.61000  ? 7   ARG A HG2  1 
ATOM   129  H  HG3  . ARG A 1 8  ? -8.67326  0.11588   13.16293  1.000 38.61000  ? 7   ARG A HG3  1 
ATOM   130  H  HD2  . ARG A 1 8  ? -10.99103 -0.36344  11.53155  1.000 39.79000  ? 7   ARG A HD2  1 
ATOM   131  H  HD3  . ARG A 1 8  ? -10.97055 -0.49602  13.11491  1.000 39.79000  ? 7   ARG A HD3  1 
ATOM   132  H  HE   . ARG A 1 8  ? -11.13980 1.86063   11.75313  1.000 40.18000  ? 7   ARG A HE   1 
ATOM   133  H  HH11 . ARG A 1 8  ? -11.19310 0.49560   14.73557  1.000 43.80000  ? 7   ARG A HH11 1 
ATOM   134  H  HH12 . ARG A 1 8  ? -11.59655 1.71987   15.48135  1.000 43.80000  ? 7   ARG A HH12 1 
ATOM   135  H  HH21 . ARG A 1 8  ? -11.81595 3.70786   12.86259  1.000 50.80000  ? 7   ARG A HH21 1 
ATOM   136  H  HH22 . ARG A 1 8  ? -11.97644 3.67755   14.34304  1.000 50.80000  ? 7   ARG A HH22 1 
ATOM   137  N  N    . GLN A 1 9  ? -6.26880  1.98032   9.40571   1.000 27.63000  ? 8   GLN A N    1 
ATOM   138  C  CA   . GLN A 1 9  ? -5.86799  2.41390   8.07565   1.000 28.38000  ? 8   GLN A CA   1 
ATOM   139  C  C    . GLN A 1 9  ? -4.54353  1.76660   7.65718   1.000 27.15000  ? 8   GLN A C    1 
ATOM   140  O  O    . GLN A 1 9  ? -4.36485  1.35589   6.49764   1.000 29.08000  ? 8   GLN A O    1 
ATOM   141  C  CB   . GLN A 1 9  ? -5.81447  3.93583   8.07919   1.000 31.47000  ? 8   GLN A CB   1 
ATOM   142  C  CG   . GLN A 1 9  ? -5.38352  4.46492   6.72192   1.000 30.29000  ? 8   GLN A CG   1 
ATOM   143  C  CD   . GLN A 1 9  ? -5.42740  5.99353   6.61871   1.000 43.40000  ? 8   GLN A CD   1 
ATOM   144  O  OE1  . GLN A 1 9  ? -5.63006  6.69527   7.62563   1.000 44.98000  ? 8   GLN A OE1  1 
ATOM   145  N  NE2  . GLN A 1 9  ? -5.26608  6.51676   5.37200   1.000 42.33000  ? 8   GLN A NE2  1 
ATOM   146  H  H    . GLN A 1 9  ? -6.27416  2.60300   9.99880   1.000 33.18000  ? 8   GLN A H    1 
ATOM   147  H  HA   . GLN A 1 9  ? -6.51371  2.14093   7.40646   1.000 34.09000  ? 8   GLN A HA   1 
ATOM   148  H  HB2  . GLN A 1 9  ? -6.69415  4.28941   8.28288   1.000 37.79000  ? 8   GLN A HB2  1 
ATOM   149  H  HB3  . GLN A 1 9  ? -5.17371  4.23439   8.74335   1.000 37.79000  ? 8   GLN A HB3  1 
ATOM   150  H  HG2  . GLN A 1 9  ? -4.47140  4.18165   6.54967   1.000 36.38000  ? 8   GLN A HG2  1 
ATOM   151  H  HG3  . GLN A 1 9  ? -5.97647  4.10553   6.04300   1.000 36.38000  ? 8   GLN A HG3  1 
ATOM   152  H  HE21 . GLN A 1 9  ? -5.14828  5.99450   4.69880   1.000 50.82000  ? 8   GLN A HE21 1 
ATOM   153  H  HE22 . GLN A 1 9  ? -5.28217  7.36840   5.25854   1.000 50.82000  ? 8   GLN A HE22 1 
ATOM   154  N  N    . ILE A 1 10 ? -3.63997  1.57460   8.61433   1.000 28.14000  ? 9   ILE A N    1 
ATOM   155  C  CA   . ILE A 1 10 ? -2.37734  0.93328   8.27910   1.000 27.28000  ? 9   ILE A CA   1 
ATOM   156  C  C    . ILE A 1 10 ? -2.61666  -0.48916  7.86406   1.000 27.98000  ? 9   ILE A C    1 
ATOM   157  O  O    . ILE A 1 10 ? -2.04851  -0.95494  6.86571   1.000 28.52000  ? 9   ILE A O    1 
ATOM   158  C  CB   . ILE A 1 10 ? -1.41348  0.99704   9.45827   1.000 28.90000  ? 9   ILE A CB   1 
ATOM   159  C  CG1  . ILE A 1 10 ? -0.92139  2.39654   9.64849   1.000 27.41000  ? 9   ILE A CG1  1 
ATOM   160  C  CG2  . ILE A 1 10 ? -0.23266  0.08680   9.31838   1.000 27.04000  ? 9   ILE A CG2  1 
ATOM   161  C  CD1  . ILE A 1 10 ? -0.29435  2.64909   11.11106  1.000 35.49000  ? 9   ILE A CD1  1 
ATOM   162  H  H    . ILE A 1 10 ? -3.73136  1.79814   9.43982   1.000 33.79000  ? 9   ILE A H    1 
ATOM   163  H  HA   . ILE A 1 10 ? -1.97927  1.41212   7.53510   1.000 32.76000  ? 9   ILE A HA   1 
ATOM   164  H  HB   . ILE A 1 10 ? -1.92123  0.69828   10.22918  1.000 34.70000  ? 9   ILE A HB   1 
ATOM   165  H  HG12 . ILE A 1 10 ? -0.23203  2.58117   8.99166   1.000 32.92000  ? 9   ILE A HG12 1 
ATOM   166  H  HG13 . ILE A 1 10 ? -1.66356  3.01045   9.53164   1.000 32.92000  ? 9   ILE A HG13 1 
ATOM   167  H  HG21 . ILE A 1 10 ? 0.45481   0.36285   9.94302   1.000 32.47000  ? 9   ILE A HG21 1 
ATOM   168  H  HG22 . ILE A 1 10 ? -0.51059  -0.82237  9.51194   1.000 32.47000  ? 9   ILE A HG22 1 
ATOM   169  H  HG23 . ILE A 1 10 ? 0.10373   0.14327   8.40966   1.000 32.47000  ? 9   ILE A HG23 1 
ATOM   170  H  HD11 . ILE A 1 10 ? -0.18689  3.60393   11.24775  1.000 42.61000  ? 9   ILE A HD11 1 
ATOM   171  H  HD12 . ILE A 1 10 ? -0.89451  2.28485   11.77987  1.000 42.61000  ? 9   ILE A HD12 1 
ATOM   172  H  HD13 . ILE A 1 10 ? 0.56788   2.20844   11.16553  1.000 42.61000  ? 9   ILE A HD13 1 
ATOM   173  N  N    . ARG A 1 11 ? -3.45405  -1.20549  8.62981   1.000 30.81000  ? 10  ARG A N    1 
ATOM   174  C  CA   . ARG A 1 11 ? -3.69462  -2.60455  8.29791   1.000 30.86000  ? 10  ARG A CA   1 
ATOM   175  C  C    . ARG A 1 11 ? -4.39447  -2.73208  6.93941   1.000 32.55000  ? 10  ARG A C    1 
ATOM   176  O  O    . ARG A 1 11 ? -4.00812  -3.58029  6.13667   1.000 30.76000  ? 10  ARG A O    1 
ATOM   177  C  CB   . ARG A 1 11 ? -4.46195  -3.27387  9.43042   1.000 26.90000  ? 10  ARG A CB   1 
ATOM   178  C  CG   . ARG A 1 11 ? -3.73965  -3.41281  10.72413  1.000 29.92000  ? 10  ARG A CG   1 
ATOM   179  C  CD   . ARG A 1 11 ? -2.49111  -4.27451  10.65714  1.000 33.31000  ? 10  ARG A CD   1 
ATOM   180  N  NE   . ARG A 1 11 ? -1.84887  -4.38773  11.98897  1.000 36.15000  ? 10  ARG A NE   1 
ATOM   181  C  CZ   . ARG A 1 11 ? -0.55447  -4.18558  12.23334  1.000 31.77000  ? 10  ARG A CZ   1 
ATOM   182  N  NH1  . ARG A 1 11 ? 0.25721   -3.90626  11.23735  1.000 39.81000  ? 10  ARG A NH1  1 
ATOM   183  N  NH2  . ARG A 1 11 ? -0.06579  -4.27019  13.47548  1.000 35.16000  ? 10  ARG A NH2  1 
ATOM   184  H  H    . ARG A 1 11 ? -3.87670  -0.91363  9.31925   1.000 37.00000  ? 10  ARG A H    1 
ATOM   185  H  HA   . ARG A 1 11 ? -2.85346  -3.08039  8.21655   1.000 37.05000  ? 10  ARG A HA   1 
ATOM   186  H  HB2  . ARG A 1 11 ? -5.26075  -2.75230  9.60372   1.000 32.30000  ? 10  ARG A HB2  1 
ATOM   187  H  HB3  . ARG A 1 11 ? -4.70560  -4.16805  9.14251   1.000 32.30000  ? 10  ARG A HB3  1 
ATOM   188  H  HG2  . ARG A 1 11 ? -3.47159  -2.53024  11.02509  1.000 35.93000  ? 10  ARG A HG2  1 
ATOM   189  H  HG3  . ARG A 1 11 ? -4.33865  -3.81602  11.37227  1.000 35.93000  ? 10  ARG A HG3  1 
ATOM   190  H  HD2  . ARG A 1 11 ? -2.72926  -5.16476  10.35439  1.000 40.00000  ? 10  ARG A HD2  1 
ATOM   191  H  HD3  . ARG A 1 11 ? -1.85599  -3.87361  10.04306  1.000 40.00000  ? 10  ARG A HD3  1 
ATOM   192  H  HE   . ARG A 1 11 ? -2.35017  -4.59981  12.65546  1.000 43.40000  ? 10  ARG A HE   1 
ATOM   193  H  HH11 . ARG A 1 11 ? -0.04803  -3.85423  10.43472  1.000 47.79000  ? 10  ARG A HH11 1 
ATOM   194  H  HH12 . ARG A 1 11 ? 1.09409   -3.77467  11.38897  1.000 47.79000  ? 10  ARG A HH12 1 
ATOM   195  H  HH21 . ARG A 1 11 ? -0.58895  -4.45710  14.13164  1.000 42.21000  ? 10  ARG A HH21 1 
ATOM   196  H  HH22 . ARG A 1 11 ? 0.77207   -4.13700  13.61820  1.000 42.21000  ? 10  ARG A HH22 1 
ATOM   197  N  N    . ALA A 1 12 ? -5.29153  -1.80540  6.60327   1.000 28.89000  ? 11  ALA A N    1 
ATOM   198  C  CA   . ALA A 1 12 ? -5.94636  -1.78438  5.29546   1.000 28.25000  ? 11  ALA A CA   1 
ATOM   199  C  C    . ALA A 1 12 ? -4.94715  -1.53882  4.17872   1.000 32.30000  ? 11  ALA A C    1 
ATOM   200  O  O    . ALA A 1 12 ? -4.95819  -2.22889  3.16893   1.000 33.77000  ? 11  ALA A O    1 
ATOM   201  C  CB   . ALA A 1 12 ? -7.01847  -0.71230  5.32795   1.000 32.03000  ? 11  ALA A CB   1 
ATOM   202  H  H    . ALA A 1 12 ? -5.54472  -1.16538  7.11977   1.000 34.70000  ? 11  ALA A H    1 
ATOM   203  H  HA   . ALA A 1 12 ? -6.36073  -2.64147  5.11021   1.000 33.93000  ? 11  ALA A HA   1 
ATOM   204  H  HB1  . ALA A 1 12 ? -7.46997  -0.69042  4.46942   1.000 38.46000  ? 11  ALA A HB1  1 
ATOM   205  H  HB2  . ALA A 1 12 ? -7.65428  -0.92351  6.02985   1.000 38.46000  ? 11  ALA A HB2  1 
ATOM   206  H  HB3  . ALA A 1 12 ? -6.60278  0.14557   5.50473   1.000 38.46000  ? 11  ALA A HB3  1 
ATOM   207  N  N    . LEU A 1 13 ? -4.01641  -0.62439  4.39585   1.000 27.45000  ? 12  LEU A N    1 
ATOM   208  C  CA   . LEU A 1 13 ? -3.00130  -0.29500  3.41425   1.000 23.93000  ? 12  LEU A CA   1 
ATOM   209  C  C    . LEU A 1 13 ? -2.04577  -1.44562  3.21509   1.000 31.12000  ? 12  LEU A C    1 
ATOM   210  O  O    . LEU A 1 13 ? -1.49908  -1.65142  2.13633   1.000 30.95000  ? 12  LEU A O    1 
ATOM   211  C  CB   . LEU A 1 13 ? -2.27687  0.95445   3.89478   1.000 27.65000  ? 12  LEU A CB   1 
ATOM   212  C  CG   . LEU A 1 13 ? -2.94190  2.32191   3.62871   1.000 30.90000  ? 12  LEU A CG   1 
ATOM   213  C  CD1  . LEU A 1 13 ? -2.08501  3.46794   4.34728   1.000 31.43000  ? 12  LEU A CD1  1 
ATOM   214  C  CD2  . LEU A 1 13 ? -3.07005  2.59152   2.17176   1.000 39.79000  ? 12  LEU A CD2  1 
ATOM   215  H  H    . LEU A 1 13 ? -3.94710  -0.16786  5.12064   1.000 32.96000  ? 12  LEU A H    1 
ATOM   216  H  HA   . LEU A 1 13 ? -3.40554  -0.11147  2.55101   1.000 28.74000  ? 12  LEU A HA   1 
ATOM   217  H  HB2  . LEU A 1 13 ? -2.16481  0.87983   4.85531   1.000 33.21000  ? 12  LEU A HB2  1 
ATOM   218  H  HB3  . LEU A 1 13 ? -1.40922  0.97699   3.46006   1.000 33.21000  ? 12  LEU A HB3  1 
ATOM   219  H  HG   . LEU A 1 13 ? -3.84183  2.32074   3.99239   1.000 37.10000  ? 12  LEU A HG   1 
ATOM   220  H  HD11 . LEU A 1 13 ? -2.49009  4.32952   4.16070   1.000 37.73000  ? 12  LEU A HD11 1 
ATOM   221  H  HD12 . LEU A 1 13 ? -2.07884  3.30510   5.30323   1.000 37.73000  ? 12  LEU A HD12 1 
ATOM   222  H  HD13 . LEU A 1 13 ? -1.17893  3.44738   4.00135   1.000 37.73000  ? 12  LEU A HD13 1 
ATOM   223  H  HD21 . LEU A 1 13 ? -3.38777  3.49891   2.04450   1.000 47.77000  ? 12  LEU A HD21 1 
ATOM   224  H  HD22 . LEU A 1 13 ? -2.20120  2.48437   1.75315   1.000 47.77000  ? 12  LEU A HD22 1 
ATOM   225  H  HD23 . LEU A 1 13 ? -3.70222  1.96348   1.78825   1.000 47.77000  ? 12  LEU A HD23 1 
ATOM   226  N  N    . GLN A 1 14 ? -1.72479  -2.12505  4.29019   1.000 26.51000  ? 13  GLN A N    1 
ATOM   227  C  CA   . GLN A 1 14 ? -0.88509  -3.30704  4.17510   1.000 29.55000  ? 13  GLN A CA   1 
ATOM   228  C  C    . GLN A 1 14 ? -1.57088  -4.42365  3.39007   1.000 32.46000  ? 13  GLN A C    1 
ATOM   229  O  O    . GLN A 1 14 ? -0.90315  -5.12820  2.63112   1.000 31.21000  ? 13  GLN A O    1 
ATOM   230  C  CB   . GLN A 1 14 ? -0.45608  -3.77127  5.59154   1.000 31.17000  ? 13  GLN A CB   1 
ATOM   231  C  CG   . GLN A 1 14 ? 0.50010   -2.83656  6.27668   1.000 32.11000  ? 13  GLN A CG   1 
ATOM   232  C  CD   . GLN A 1 14 ? 0.81078   -3.19012  7.70270   1.000 34.44000  ? 13  GLN A CD   1 
ATOM   233  O  OE1  . GLN A 1 14 ? -0.00727  -3.74186  8.41779   1.000 33.65000  ? 13  GLN A OE1  1 
ATOM   234  N  NE2  . GLN A 1 14 ? 1.98302   -2.77500  8.15383   1.000 35.53000  ? 13  GLN A NE2  1 
ATOM   235  H  H    . GLN A 1 14 ? -1.97070  -1.93341  5.09175   1.000 31.83000  ? 13  GLN A H    1 
ATOM   236  H  HA   . GLN A 1 14 ? -0.08172  -3.08242  3.67896   1.000 35.48000  ? 13  GLN A HA   1 
ATOM   237  H  HB2  . GLN A 1 14 ? -1.24817  -3.84363  6.14699   1.000 37.43000  ? 13  GLN A HB2  1 
ATOM   238  H  HB3  . GLN A 1 14 ? -0.02321  -4.63558  5.51720   1.000 37.43000  ? 13  GLN A HB3  1 
ATOM   239  H  HG2  . GLN A 1 14 ? 1.33717   -2.83845  5.78609   1.000 38.56000  ? 13  GLN A HG2  1 
ATOM   240  H  HG3  . GLN A 1 14 ? 0.11627   -1.94516  6.27356   1.000 38.56000  ? 13  GLN A HG3  1 
ATOM   241  H  HE21 . GLN A 1 14 ? 2.51048   -2.33345  7.63742   1.000 42.65000  ? 13  GLN A HE21 1 
ATOM   242  H  HE22 . GLN A 1 14 ? 2.21803   -2.94627  8.96301   1.000 42.65000  ? 13  GLN A HE22 1 
ATOM   243  N  N    . ARG A 1 15 ? -2.86732  -4.64446  3.62199   1.000 29.97000  ? 14  ARG A N    1 
ATOM   244  C  CA   . ARG A 1 15 ? -3.63929  -5.59548  2.82818   1.000 29.21000  ? 14  ARG A CA   1 
ATOM   245  C  C    . ARG A 1 15 ? -3.65995  -5.17051  1.36359   1.000 31.90000  ? 14  ARG A C    1 
ATOM   246  O  O    . ARG A 1 15 ? -3.44570  -5.98060  0.47410   1.000 34.96000  ? 14  ARG A O    1 
ATOM   247  C  CB   . ARG A 1 15 ? -5.04690  -5.69592  3.41330   1.000 39.32000  ? 14  ARG A CB   1 
ATOM   248  C  CG   . ARG A 1 15 ? -5.81209  -6.90871  2.93801   1.000 46.40000  ? 14  ARG A CG   1 
ATOM   249  C  CD   . ARG A 1 15 ? -7.18479  -7.00203  3.65039   1.000 48.85000  ? 14  ARG A CD   1 
ATOM   250  N  NE   . ARG A 1 15 ? -7.04087  -7.54850  4.99576   1.000 53.80000  ? 14  ARG A NE   1 
ATOM   251  C  CZ   . ARG A 1 15 ? -8.01633  -8.17865  5.66020   1.000 67.87000  ? 14  ARG A CZ   1 
ATOM   252  N  NH1  . ARG A 1 15 ? -9.21850  -8.30844  5.08831   1.000 56.01000  ? 14  ARG A NH1  1 
ATOM   253  N  NH2  . ARG A 1 15 ? -7.80012  -8.68250  6.89171   1.000 51.77000  ? 14  ARG A NH2  1 
ATOM   254  H  H    . ARG A 1 15 ? -3.32604  -4.25585  4.23623   1.000 35.99000  ? 14  ARG A H    1 
ATOM   255  H  HA   . ARG A 1 15 ? -3.24048  -6.47962  2.86600   1.000 35.08000  ? 14  ARG A HA   1 
ATOM   256  H  HB2  . ARG A 1 15 ? -4.98032  -5.74529  4.37976   1.000 47.21000  ? 14  ARG A HB2  1 
ATOM   257  H  HB3  . ARG A 1 15 ? -5.54905  -4.90702  3.15500   1.000 47.21000  ? 14  ARG A HB3  1 
ATOM   258  H  HG2  . ARG A 1 15 ? -5.96463  -6.84158  1.98212   1.000 55.70000  ? 14  ARG A HG2  1 
ATOM   259  H  HG3  . ARG A 1 15 ? -5.30515  -7.71102  3.13733   1.000 55.70000  ? 14  ARG A HG3  1 
ATOM   260  H  HD2  . ARG A 1 15 ? -7.57349  -6.11588  3.71893   1.000 58.65000  ? 14  ARG A HD2  1 
ATOM   261  H  HD3  . ARG A 1 15 ? -7.77188  -7.58470  3.14380   1.000 58.65000  ? 14  ARG A HD3  1 
ATOM   262  H  HE   . ARG A 1 15 ? -6.27982  -7.45978  5.38734   1.000 64.58000  ? 14  ARG A HE   1 
ATOM   263  H  HH11 . ARG A 1 15 ? -9.35736  -7.98836  4.30160   1.000 67.24000  ? 14  ARG A HH11 1 
ATOM   264  H  HH12 . ARG A 1 15 ? -9.85320  -8.71160  5.50562   1.000 67.24000  ? 14  ARG A HH12 1 
ATOM   265  H  HH21 . ARG A 1 15 ? -7.02750  -8.60070  7.25953   1.000 62.15000  ? 14  ARG A HH21 1 
ATOM   266  H  HH22 . ARG A 1 15 ? -8.43482  -9.08566  7.30902   1.000 62.15000  ? 14  ARG A HH22 1 
ATOM   267  N  N    . GLN A 1 16 ? -3.86903  -3.88449  1.09292   1.000 33.80000  ? 15  GLN A N    1 
ATOM   268  C  CA   . GLN A 1 16 ? -3.81950  -3.42369  -0.29056  1.000 30.00000  ? 15  GLN A CA   1 
ATOM   269  C  C    . GLN A 1 16 ? -2.45066  -3.67186  -0.91348  1.000 31.97000  ? 15  GLN A C    1 
ATOM   270  O  O    . GLN A 1 16 ? -2.35455  -4.11714  -2.04938  1.000 30.35000  ? 15  GLN A O    1 
ATOM   271  C  CB   . GLN A 1 16 ? -4.18605  -1.94740  -0.31510  1.000 37.67000  ? 15  GLN A CB   1 
ATOM   272  C  CG   . GLN A 1 16 ? -4.11510  -1.27518  -1.64829  1.000 37.19000  ? 15  GLN A CG   1 
ATOM   273  C  CD   . GLN A 1 16 ? -5.09200  -1.86228  -2.68012  1.000 47.49000  ? 15  GLN A CD   1 
ATOM   274  O  OE1  . GLN A 1 16 ? -5.78569  -2.83295  -2.40741  1.000 52.83000  ? 15  GLN A OE1  1 
ATOM   275  N  NE2  . GLN A 1 16 ? -5.12768  -1.25460  -3.89258  1.000 50.64000  ? 15  GLN A NE2  1 
ATOM   276  H  H    . GLN A 1 16 ? -4.03643  -3.27343  1.67375   1.000 40.58000  ? 15  GLN A H    1 
ATOM   277  H  HA   . GLN A 1 16 ? -4.46171  -3.91143  -0.82991  1.000 36.02000  ? 15  GLN A HA   1 
ATOM   278  H  HB2  . GLN A 1 16 ? -5.09769  -1.85660  0.00324   1.000 45.22000  ? 15  GLN A HB2  1 
ATOM   279  H  HB3  . GLN A 1 16 ? -3.57902  -1.47555  0.27586   1.000 45.22000  ? 15  GLN A HB3  1 
ATOM   280  H  HG2  . GLN A 1 16 ? -4.32948  -0.33487  -1.53754  1.000 44.65000  ? 15  GLN A HG2  1 
ATOM   281  H  HG3  . GLN A 1 16 ? -3.21597  -1.37055  -2.00056  1.000 44.65000  ? 15  GLN A HG3  1 
ATOM   282  H  HE21 . GLN A 1 16 ? -5.65709  -1.54621  -4.50468  1.000 60.80000  ? 15  GLN A HE21 1 
ATOM   283  H  HE22 . GLN A 1 16 ? -4.62011  -0.57815  -4.04966  1.000 60.80000  ? 15  GLN A HE22 1 
ATOM   284  N  N    . ASN A 1 17 ? -1.37631  -3.35881  -0.17545  1.000 32.82000  ? 16  ASN A N    1 
ATOM   285  C  CA   . ASN A 1 17 ? -0.02143  -3.62176  -0.62858  1.000 32.76000  ? 16  ASN A CA   1 
ATOM   286  C  C    . ASN A 1 17 ? 0.12088   -5.05835  -1.09399  1.000 33.96000  ? 16  ASN A C    1 
ATOM   287  O  O    . ASN A 1 17 ? 0.74933   -5.33016  -2.10832  1.000 33.24000  ? 16  ASN A O    1 
ATOM   288  C  CB   . ASN A 1 17 ? 0.94450   -3.28918  0.51878   1.000 31.51000  ? 16  ASN A CB   1 
ATOM   289  C  CG   . ASN A 1 17 ? 2.42409   -3.40464  0.10111   1.000 35.30000  ? 16  ASN A CG   1 
ATOM   290  O  OD1  . ASN A 1 17 ? 3.04285   -4.45912  0.18544   1.000 41.69000  ? 16  ASN A OD1  1 
ATOM   291  N  ND2  . ASN A 1 17 ? 2.94673   -2.33793  -0.43942  1.000 37.53000  ? 16  ASN A ND2  1 
ATOM   292  H  H    . ASN A 1 17 ? -1.41272  -2.98775  0.60046   1.000 39.41000  ? 16  ASN A H    1 
ATOM   293  H  HA   . ASN A 1 17 ? 0.20239   -3.05738  -1.38499  1.000 39.34000  ? 16  ASN A HA   1 
ATOM   294  H  HB2  . ASN A 1 17 ? 0.78563   -2.37890  0.81273   1.000 37.83000  ? 16  ASN A HB2  1 
ATOM   295  H  HB3  . ASN A 1 17 ? 0.78987   -3.90662  1.25128   1.000 37.83000  ? 16  ASN A HB3  1 
ATOM   296  H  HD21 . ASN A 1 17 ? 3.76817   -2.34240  -0.69260  1.000 45.06000  ? 16  ASN A HD21 1 
ATOM   297  H  HD22 . ASN A 1 17 ? 2.46882   -1.63059  -0.54156  1.000 45.06000  ? 16  ASN A HD22 1 
ATOM   298  N  N    . ALA A 1 18 ? -0.33773  -5.99207  -0.28486  1.000 31.22000  ? 17  ALA A N    1 
ATOM   299  C  CA   . ALA A 1 18 ? -0.20471  -7.38447  -0.67404  1.000 28.77000  ? 17  ALA A CA   1 
ATOM   300  C  C    . ALA A 1 18 ? -1.01086  -7.67341  -1.91738  1.000 35.33000  ? 17  ALA A C    1 
ATOM   301  O  O    . ALA A 1 18 ? -0.55870  -8.42012  -2.77969  1.000 37.97000  ? 17  ALA A O    1 
ATOM   302  C  CB   . ALA A 1 18 ? -0.65870  -8.26771  0.46177   1.000 35.55000  ? 17  ALA A CB   1 
ATOM   303  H  H    . ALA A 1 18 ? -0.71935  -5.85566  0.47349   1.000 37.49000  ? 17  ALA A H    1 
ATOM   304  H  HA   . ALA A 1 18 ? 0.72661   -7.57845  -0.86303  1.000 34.54000  ? 17  ALA A HA   1 
ATOM   305  H  HB1  . ALA A 1 18 ? -0.56661  -9.19654  0.19496   1.000 42.68000  ? 17  ALA A HB1  1 
ATOM   306  H  HB2  . ALA A 1 18 ? -0.10733  -8.09119  1.23957   1.000 42.68000  ? 17  ALA A HB2  1 
ATOM   307  H  HB3  . ALA A 1 18 ? -1.58756  -8.07135  0.66200   1.000 42.68000  ? 17  ALA A HB3  1 
ATOM   308  N  N    . ARG A 1 19 ? -2.23257  -7.12712  -2.01389  1.000 28.24000  ? 18  ARG A N    1 
ATOM   309  C  CA   . ARG A 1 19 ? -3.03105  -7.36351  -3.21218  1.000 29.99000  ? 18  ARG A CA   1 
ATOM   310  C  C    . ARG A 1 19 ? -2.35991  -6.81961  -4.47290  1.000 30.05000  ? 18  ARG A C    1 
ATOM   311  O  O    . ARG A 1 19 ? -2.47250  -7.40020  -5.54361  1.000 33.65000  ? 18  ARG A O    1 
ATOM   312  C  CB   . ARG A 1 19 ? -4.40887  -6.73343  -3.03990  1.000 34.51000  ? 18  ARG A CB   1 
ATOM   313  C  CG   . ARG A 1 19 ? -5.37956  -7.64086  -2.20510  1.000 38.86000  ? 18  ARG A CG   1 
ATOM   314  C  CD   . ARG A 1 19 ? -6.59802  -6.84255  -1.73689  1.000 46.21000  ? 18  ARG A CD   1 
ATOM   315  N  NE   . ARG A 1 19 ? -7.51842  -7.72730  -1.01947  1.000 49.76000  ? 18  ARG A NE   1 
ATOM   316  C  CZ   . ARG A 1 19 ? -8.54452  -7.32005  -0.27966  1.000 56.84000  ? 18  ARG A CZ   1 
ATOM   317  N  NH1  . ARG A 1 19 ? -8.75205  -6.02226  -0.13225  1.000 51.31000  ? 18  ARG A NH1  1 
ATOM   318  N  NH2  . ARG A 1 19 ? -9.35652  -8.20749  0.31323   1.000 57.36000  ? 18  ARG A NH2  1 
ATOM   319  H  H    . ARG A 1 19 ? -2.60706  -6.63322  -1.41805  1.000 33.91000  ? 18  ARG A H    1 
ATOM   320  H  HA   . ARG A 1 19 ? -3.13599  -8.32051  -3.32823  1.000 36.01000  ? 18  ARG A HA   1 
ATOM   321  H  HB2  . ARG A 1 19 ? -4.31459  -5.88541  -2.57803  1.000 41.44000  ? 18  ARG A HB2  1 
ATOM   322  H  HB3  . ARG A 1 19 ? -4.80462  -6.59245  -3.91389  1.000 41.44000  ? 18  ARG A HB3  1 
ATOM   323  H  HG2  . ARG A 1 19 ? -5.68753  -8.37871  -2.75445  1.000 46.66000  ? 18  ARG A HG2  1 
ATOM   324  H  HG3  . ARG A 1 19 ? -4.91497  -7.98043  -1.42394  1.000 46.66000  ? 18  ARG A HG3  1 
ATOM   325  H  HD2  . ARG A 1 19 ? -6.31513  -6.13333  -1.13812  1.000 55.48000  ? 18  ARG A HD2  1 
ATOM   326  H  HD3  . ARG A 1 19 ? -7.05880  -6.46624  -2.50308  1.000 55.48000  ? 18  ARG A HD3  1 
ATOM   327  H  HE   . ARG A 1 19 ? -7.38477  -8.57470  -1.08258  1.000 59.73000  ? 18  ARG A HE   1 
ATOM   328  H  HH11 . ARG A 1 19 ? -8.22783  -5.45749  -0.51350  1.000 61.59000  ? 18  ARG A HH11 1 
ATOM   329  H  HH12 . ARG A 1 19 ? -9.41210  -5.74412  0.34325   1.000 61.59000  ? 18  ARG A HH12 1 
ATOM   330  H  HH21 . ARG A 1 19 ? -9.21697  -9.05064  0.21564   1.000 68.86000  ? 18  ARG A HH21 1 
ATOM   331  H  HH22 . ARG A 1 19 ? -10.01798 -7.93403  0.79020   1.000 68.86000  ? 18  ARG A HH22 1 
ATOM   332  N  N    . LEU A 1 20 ? -1.72756  -5.67019  -4.37399  1.000 29.10000  ? 19  LEU A N    1 
ATOM   333  C  CA   . LEU A 1 20 ? -0.99229  -5.11662  -5.50120  1.000 29.05000  ? 19  LEU A CA   1 
ATOM   334  C  C    . LEU A 1 20 ? 0.20288   -5.98320  -5.87161  1.000 30.09000  ? 19  LEU A C    1 
ATOM   335  O  O    . LEU A 1 20 ? 0.48779   -6.14228  -7.05574  1.000 29.13000  ? 19  LEU A O    1 
ATOM   336  C  CB   . LEU A 1 20 ? -0.60757  -3.64630  -5.18319  1.000 29.29000  ? 19  LEU A CB   1 
ATOM   337  C  CG   . LEU A 1 20 ? -1.85538  -2.77345  -4.91524  1.000 29.99000  ? 19  LEU A CG   1 
ATOM   338  C  CD1  . LEU A 1 20 ? -1.42641  -1.39277  -4.53982  1.000 36.30000  ? 19  LEU A CD1  1 
ATOM   339  C  CD2  . LEU A 1 20 ? -2.79773  -2.72947  -6.12375  1.000 38.28000  ? 19  LEU A CD2  1 
ATOM   340  H  H    . LEU A 1 20 ? -1.70356  -5.18258  -3.66598  1.000 34.94000  ? 19  LEU A H    1 
ATOM   341  H  HA   . LEU A 1 20 ? -1.55273  -5.09447  -6.29222  1.000 34.89000  ? 19  LEU A HA   1 
ATOM   342  H  HB2  . LEU A 1 20 ? -0.04579  -3.62711  -4.39345  1.000 35.18000  ? 19  LEU A HB2  1 
ATOM   343  H  HB3  . LEU A 1 20 ? -0.12908  -3.27173  -5.93989  1.000 35.18000  ? 19  LEU A HB3  1 
ATOM   344  H  HG   . LEU A 1 20 ? -2.35618  -3.16599  -4.18261  1.000 36.02000  ? 19  LEU A HG   1 
ATOM   345  H  HD11 . LEU A 1 20 ? -2.21395  -0.85117  -4.37437  1.000 43.58000  ? 19  LEU A HD11 1 
ATOM   346  H  HD12 . LEU A 1 20 ? -0.88120  -1.43809  -3.73915  1.000 43.58000  ? 19  LEU A HD12 1 
ATOM   347  H  HD13 . LEU A 1 20 ? -0.91124  -1.01289  -5.26900  1.000 43.58000  ? 19  LEU A HD13 1 
ATOM   348  H  HD21 . LEU A 1 20 ? -3.56098  -2.17076  -5.90858  1.000 45.96000  ? 19  LEU A HD21 1 
ATOM   349  H  HD22 . LEU A 1 20 ? -2.32140  -2.35988  -6.88337  1.000 45.96000  ? 19  LEU A HD22 1 
ATOM   350  H  HD23 . LEU A 1 20 ? -3.09423  -3.63070  -6.32585  1.000 45.96000  ? 19  LEU A HD23 1 
ATOM   351  N  N    . GLN A 1 21 ? 0.98384   -6.45207  -4.90080  1.000 29.96000  ? 20  GLN A N    1 
ATOM   352  C  CA   . GLN A 1 21 ? 2.11290   -7.29292  -5.25500  1.000 31.30000  ? 20  GLN A CA   1 
ATOM   353  C  C    . GLN A 1 21 ? 1.63005   -8.50533  -5.98447  1.000 33.00000  ? 20  GLN A C    1 
ATOM   354  O  O    . GLN A 1 21 ? 2.30375   -8.97959  -6.89233  1.000 35.25000  ? 20  GLN A O    1 
ATOM   355  C  CB   . GLN A 1 21 ? 2.86580   -7.72157  -3.99492  1.000 38.55000  ? 20  GLN A CB   1 
ATOM   356  C  CG   . GLN A 1 21 ? 3.56940   -6.61949  -3.31419  1.000 39.53000  ? 20  GLN A CG   1 
ATOM   357  C  CD   . GLN A 1 21 ? 4.50095   -7.12874  -2.18872  1.000 46.77000  ? 20  GLN A CD   1 
ATOM   358  O  OE1  . GLN A 1 21 ? 4.87285   -8.31341  -2.15723  1.000 52.56000  ? 20  GLN A OE1  1 
ATOM   359  N  NE2  . GLN A 1 21 ? 4.91098   -6.23285  -1.30849  1.000 53.61000  ? 20  GLN A NE2  1 
ATOM   360  H  H    . GLN A 1 21 ? 0.88324   -6.30328  -4.05990  1.000 35.98000  ? 20  GLN A H    1 
ATOM   361  H  HA   . GLN A 1 21 ? 2.72448   -6.79168  -5.81708  1.000 37.59000  ? 20  GLN A HA   1 
ATOM   362  H  HB2  . GLN A 1 21 ? 2.23137   -8.09994  -3.36707  1.000 46.29000  ? 20  GLN A HB2  1 
ATOM   363  H  HB3  . GLN A 1 21 ? 3.52682   -8.38790  -4.23939  1.000 46.29000  ? 20  GLN A HB3  1 
ATOM   364  H  HG2  . GLN A 1 21 ? 4.11093   -6.13996  -3.96066  1.000 47.46000  ? 20  GLN A HG2  1 
ATOM   365  H  HG3  . GLN A 1 21 ? 2.91660   -6.02120  -2.91860  1.000 47.46000  ? 20  GLN A HG3  1 
ATOM   366  H  HE21 . GLN A 1 21 ? 5.43001   -6.46918  -0.66557  1.000 64.36000  ? 20  GLN A HE21 1 
ATOM   367  H  HE22 . GLN A 1 21 ? 4.65835   -5.41396  -1.37922  1.000 64.36000  ? 20  GLN A HE22 1 
ATOM   368  N  N    . ARG A 1 22 ? 0.48105   -9.04815  -5.54864  1.000 33.40000  ? 21  ARG A N    1 
ATOM   369  C  CA   . ARG A 1 22 ? -0.09579  -10.21617 -6.19757  1.000 29.86000  ? 21  ARG A CA   1 
ATOM   370  C  C    . ARG A 1 22 ? -0.38693  -9.90218  -7.64414  1.000 33.25000  ? 21  ARG A C    1 
ATOM   371  O  O    . ARG A 1 22 ? -0.16418  -10.74509 -8.52233  1.000 32.54000  ? 21  ARG A O    1 
ATOM   372  C  CB   . ARG A 1 22 ? -1.37251  -10.62687 -5.45838  1.000 45.46000  ? 21  ARG A CB   1 
ATOM   373  C  CG   . ARG A 1 22 ? -1.75424  -12.07018 -5.60375  1.000 52.86000  ? 21  ARG A CG   1 
ATOM   374  C  CD   . ARG A 1 22 ? -2.26664  -12.66064 -4.27889  1.000 58.67000  ? 21  ARG A CD   1 
ATOM   375  N  NE   . ARG A 1 22 ? -3.27344  -11.82415 -3.63409  1.000 55.45000  ? 21  ARG A NE   1 
ATOM   376  C  CZ   . ARG A 1 22 ? -3.23406  -11.47731 -2.34194  1.000 63.28000  ? 21  ARG A CZ   1 
ATOM   377  N  NH1  . ARG A 1 22 ? -2.24025  -11.89145 -1.50596  1.000 54.25000  ? 21  ARG A NH1  1 
ATOM   378  N  NH2  . ARG A 1 22 ? -4.20382  -10.71923 -1.87024  1.000 54.06000  ? 21  ARG A NH2  1 
ATOM   379  H  H    . ARG A 1 22 ? 0.02202   -8.75674  -4.88257  1.000 40.10000  ? 21  ARG A H    1 
ATOM   380  H  HA   . ARG A 1 22 ? 0.52133   -10.96328 -6.16076  1.000 35.85000  ? 21  ARG A HA   1 
ATOM   381  H  HB2  . ARG A 1 22 ? -1.24882  -10.45186 -4.51222  1.000 54.57000  ? 21  ARG A HB2  1 
ATOM   382  H  HB3  . ARG A 1 22 ? -2.10869  -10.09567 -5.80053  1.000 54.57000  ? 21  ARG A HB3  1 
ATOM   383  H  HG2  . ARG A 1 22 ? -2.45954  -12.15028 -6.26404  1.000 63.46000  ? 21  ARG A HG2  1 
ATOM   384  H  HG3  . ARG A 1 22 ? -0.97732  -12.58020 -5.88281  1.000 63.46000  ? 21  ARG A HG3  1 
ATOM   385  H  HD2  . ARG A 1 22 ? -2.66491  -13.52784 -4.45297  1.000 70.43000  ? 21  ARG A HD2  1 
ATOM   386  H  HD3  . ARG A 1 22 ? -1.52008  -12.75643 -3.66651  1.000 70.43000  ? 21  ARG A HD3  1 
ATOM   387  H  HE   . ARG A 1 22 ? -3.92861  -11.53758 -4.11110  1.000 66.57000  ? 21  ARG A HE   1 
ATOM   388  H  HH11 . ARG A 1 22 ? -2.24542  -11.65061 -0.68079  1.000 65.12000  ? 21  ARG A HH11 1 
ATOM   389  H  HH12 . ARG A 1 22 ? -1.60965  -12.39300 -1.80405  1.000 65.12000  ? 21  ARG A HH12 1 
ATOM   390  H  HH21 . ARG A 1 22 ? -4.83973  -10.46135 -2.38988  1.000 64.90000  ? 21  ARG A HH21 1 
ATOM   391  H  HH22 . ARG A 1 22 ? -4.20186  -10.48311 -1.04368  1.000 64.90000  ? 21  ARG A HH22 1 
ATOM   392  N  N    . GLN A 1 23 ? -0.94613  -8.71715  -7.88311  1.000 32.84000  ? 22  GLN A N    1 
ATOM   393  C  CA   . GLN A 1 23 ? -1.31599  -8.32441  -9.23411  1.000 30.09000  ? 22  GLN A CA   1 
ATOM   394  C  C    . GLN A 1 23 ? -0.07206  -8.19301  -10.06922 1.000 28.61000  ? 22  GLN A C    1 
ATOM   395  O  O    . GLN A 1 23 ? -0.05851  -8.55651  -11.23595 1.000 32.50000  ? 22  GLN A O    1 
ATOM   396  C  CB   . GLN A 1 23 ? -2.07441  -6.99114  -9.17559  1.000 32.49000  ? 22  GLN A CB   1 
ATOM   397  C  CG   . GLN A 1 23 ? -3.56237  -7.04324  -9.02852  1.000 44.61000  ? 22  GLN A CG   1 
ATOM   398  C  CD   . GLN A 1 23 ? -4.19241  -5.63037  -9.12455  1.000 37.69000  ? 22  GLN A CD   1 
ATOM   399  O  OE1  . GLN A 1 23 ? -4.59377  -5.07034  -8.13370  1.000 51.99000  ? 22  GLN A OE1  1 
ATOM   400  N  NE2  . GLN A 1 23 ? -4.27484  -5.09153  -10.33476 1.000 41.70000  ? 22  GLN A NE2  1 
ATOM   401  H  H    . GLN A 1 23 ? -1.12071  -8.12556  -7.28334  1.000 39.43000  ? 22  GLN A H    1 
ATOM   402  H  HA   . GLN A 1 23 ? -1.89805  -8.98720  -9.63777  1.000 36.13000  ? 22  GLN A HA   1 
ATOM   403  H  HB2  . GLN A 1 23 ? -1.73609  -6.49062  -8.41662  1.000 39.02000  ? 22  GLN A HB2  1 
ATOM   404  H  HB3  . GLN A 1 23 ? -1.89277  -6.51062  -9.99813  1.000 39.02000  ? 22  GLN A HB3  1 
ATOM   405  H  HG2  . GLN A 1 23 ? -3.93555  -7.59293  -9.73452  1.000 53.55000  ? 22  GLN A HG2  1 
ATOM   406  H  HG3  . GLN A 1 23 ? -3.78563  -7.41861  -8.16217  1.000 53.55000  ? 22  GLN A HG3  1 
ATOM   407  H  HE21 . GLN A 1 23 ? -3.98480  -5.52485  -11.01828 1.000 50.07000  ? 22  GLN A HE21 1 
ATOM   408  H  HE22 . GLN A 1 23 ? -4.61744  -4.30899  -10.43456 1.000 50.07000  ? 22  GLN A HE22 1 
ATOM   409  N  N    . ILE A 1 24 ? 0.96587   -7.56656  -9.51099  1.000 29.83000  ? 23  ILE A N    1 
ATOM   410  C  CA   . ILE A 1 24 ? 2.15762   -7.38607  -10.32933 1.000 28.88000  ? 23  ILE A CA   1 
ATOM   411  C  C    . ILE A 1 24 ? 2.73746   -8.72631  -10.71269 1.000 34.76000  ? 23  ILE A C    1 
ATOM   412  O  O    . ILE A 1 24 ? 3.13299   -8.95046  -11.86417 1.000 31.99000  ? 23  ILE A O    1 
ATOM   413  C  CB   . ILE A 1 24 ? 3.16504   -6.51975  -9.57580  1.000 26.37000  ? 23  ILE A CB   1 
ATOM   414  C  CG1  . ILE A 1 24 ? 2.57746   -5.12948  -9.46058  1.000 35.94000  ? 23  ILE A CG1  1 
ATOM   415  C  CG2  . ILE A 1 24 ? 4.52475   -6.42222  -10.35447 1.000 32.17000  ? 23  ILE A CG2  1 
ATOM   416  C  CD1  . ILE A 1 24 ? 3.45819   -4.11787  -8.78304  1.000 41.39000  ? 23  ILE A CD1  1 
ATOM   417  H  H    . ILE A 1 24 ? 1.00210   -7.25660  -8.70992  1.000 35.82000  ? 23  ILE A H    1 
ATOM   418  H  HA   . ILE A 1 24 ? 1.91840   -6.92749  -11.14963 1.000 34.68000  ? 23  ILE A HA   1 
ATOM   419  H  HB   . ILE A 1 24 ? 3.33675   -6.91590  -8.70706  1.000 31.67000  ? 23  ILE A HB   1 
ATOM   420  H  HG12 . ILE A 1 24 ? 2.39177   -4.80033  -10.35365 1.000 43.16000  ? 23  ILE A HG12 1 
ATOM   421  H  HG13 . ILE A 1 24 ? 1.75460   -5.18618  -8.95012  1.000 43.16000  ? 23  ILE A HG13 1 
ATOM   422  H  HG21 . ILE A 1 24 ? 5.09668   -5.77672  -9.91016  1.000 38.63000  ? 23  ILE A HG21 1 
ATOM   423  H  HG22 . ILE A 1 24 ? 4.94992   -7.29366  -10.35837 1.000 38.63000  ? 23  ILE A HG22 1 
ATOM   424  H  HG23 . ILE A 1 24 ? 4.34679   -6.13691  -11.26444 1.000 38.63000  ? 23  ILE A HG23 1 
ATOM   425  H  HD11 . ILE A 1 24 ? 2.90203   -3.49557  -8.28863  1.000 49.70000  ? 23  ILE A HD11 1 
ATOM   426  H  HD12 . ILE A 1 24 ? 4.05876   -4.57841  -8.17647  1.000 49.70000  ? 23  ILE A HD12 1 
ATOM   427  H  HD13 . ILE A 1 24 ? 3.96903   -3.64217  -9.45678  1.000 49.70000  ? 23  ILE A HD13 1 
ATOM   428  N  N    A ARG A 1 25 ? 2.81151   -9.66216  -9.76436  0.520 34.23000  ? 24  ARG A N    1 
ATOM   429  N  N    B ARG A 1 25 ? 2.81153   -9.66118  -9.76261  0.480 34.26000  ? 24  ARG A N    1 
ATOM   430  C  CA   A ARG A 1 25 ? 3.35202   -10.98023 -10.07033 0.520 36.14000  ? 24  ARG A CA   1 
ATOM   431  C  CA   B ARG A 1 25 ? 3.34766   -10.98289 -10.05850 0.480 36.18000  ? 24  ARG A CA   1 
ATOM   432  C  C    A ARG A 1 25 ? 2.54249   -11.66504 -11.15730 0.520 35.80000  ? 24  ARG A C    1 
ATOM   433  C  C    B ARG A 1 25 ? 2.54244   -11.67428 -11.14529 0.480 35.80000  ? 24  ARG A C    1 
ATOM   434  O  O    A ARG A 1 25 ? 3.10592   -12.25695 -12.08651 0.520 34.89000  ? 24  ARG A O    1 
ATOM   435  O  O    B ARG A 1 25 ? 3.10910   -12.28607 -12.05774 0.480 34.84000  ? 24  ARG A O    1 
ATOM   436  C  CB   A ARG A 1 25 ? 3.36700   -11.83391 -8.81222  0.520 40.32000  ? 24  ARG A CB   1 
ATOM   437  C  CB   B ARG A 1 25 ? 3.34865   -11.82310 -8.78941  0.480 40.32000  ? 24  ARG A CB   1 
ATOM   438  C  CG   A ARG A 1 25 ? 3.84882   -13.26599 -9.04258  0.520 45.94000  ? 24  ARG A CG   1 
ATOM   439  C  CG   B ARG A 1 25 ? 3.95750   -13.21175 -8.94699  0.480 45.94000  ? 24  ARG A CG   1 
ATOM   440  C  CD   A ARG A 1 25 ? 3.94218   -14.05385 -7.73276  0.520 45.68000  ? 24  ARG A CD   1 
ATOM   441  C  CD   B ARG A 1 25 ? 4.01975   -13.93772 -7.60031  0.480 45.85000  ? 24  ARG A CD   1 
ATOM   442  N  NE   A ARG A 1 25 ? 4.80594   -13.39091 -6.74527  0.520 48.59000  ? 24  ARG A NE   1 
ATOM   443  N  NE   B ARG A 1 25 ? 5.09256   -13.42960 -6.74194  0.480 49.11000  ? 24  ARG A NE   1 
ATOM   444  C  CZ   A ARG A 1 25 ? 6.14295   -13.42275 -6.75685  0.520 44.74000  ? 24  ARG A CZ   1 
ATOM   445  C  CZ   B ARG A 1 25 ? 4.91331   -12.77516 -5.59792  0.480 45.82000  ? 24  ARG A CZ   1 
ATOM   446  N  NH1  A ARG A 1 25 ? 6.81572   -14.07434 -7.70675  0.520 39.63000  ? 24  ARG A NH1  1 
ATOM   447  N  NH1  B ARG A 1 25 ? 3.68867   -12.50942 -5.12383  0.480 49.90000  ? 24  ARG A NH1  1 
ATOM   448  N  NH2  A ARG A 1 25 ? 6.80809   -12.78046 -5.80934  0.520 38.54000  ? 24  ARG A NH2  1 
ATOM   449  N  NH2  B ARG A 1 25 ? 5.98145   -12.38975 -4.92071  0.480 48.13000  ? 24  ARG A NH2  1 
ATOM   450  H  H    A ARG A 1 25 ? 2.56030   -9.56094  -8.94787  0.520 41.10000  ? 24  ARG A H    1 
ATOM   451  H  H    B ARG A 1 25 ? 2.55892   -9.55669  -8.94793  0.480 41.14000  ? 24  ARG A H    1 
ATOM   452  H  HA   A ARG A 1 25 ? 4.26405   -10.87988 -10.38750 0.520 43.39000  ? 24  ARG A HA   1 
ATOM   453  H  HA   B ARG A 1 25 ? 4.26001   -10.89277 -10.37456 0.480 43.44000  ? 24  ARG A HA   1 
ATOM   454  H  HB2  A ARG A 1 25 ? 3.95990   -11.42275 -8.16327  0.520 48.41000  ? 24  ARG A HB2  1 
ATOM   455  H  HB2  B ARG A 1 25 ? 3.86038   -11.35470 -8.11072  0.480 48.41000  ? 24  ARG A HB2  1 
ATOM   456  H  HB3  A ARG A 1 25 ? 2.46589   -11.87838 -8.45532  0.520 48.41000  ? 24  ARG A HB3  1 
ATOM   457  H  HB3  B ARG A 1 25 ? 2.43261   -11.93730 -8.49424  0.480 48.41000  ? 24  ARG A HB3  1 
ATOM   458  H  HG2  A ARG A 1 25 ? 3.22447   -13.72315 -9.62663  0.520 55.16000  ? 24  ARG A HG2  1 
ATOM   459  H  HG2  B ARG A 1 25 ? 3.41259   -13.73650 -9.55386  0.480 55.15000  ? 24  ARG A HG2  1 
ATOM   460  H  HG3  A ARG A 1 25 ? 4.72937   -13.24586 -9.44750  0.520 55.16000  ? 24  ARG A HG3  1 
ATOM   461  H  HG3  B ARG A 1 25 ? 4.85980   -13.13243 -9.29470  0.480 55.15000  ? 24  ARG A HG3  1 
ATOM   462  H  HD2  A ARG A 1 25 ? 3.05564   -14.14020 -7.34813  0.520 54.84000  ? 24  ARG A HD2  1 
ATOM   463  H  HD2  B ARG A 1 25 ? 3.17773   -13.81596 -7.13405  0.480 55.04000  ? 24  ARG A HD2  1 
ATOM   464  H  HD3  A ARG A 1 25 ? 4.31172   -14.93192 -7.91546  0.520 54.84000  ? 24  ARG A HD3  1 
ATOM   465  H  HD3  B ARG A 1 25 ? 4.17986   -14.88179 -7.75526  0.480 55.04000  ? 24  ARG A HD3  1 
ATOM   466  H  HE   A ARG A 1 25 ? 4.42310   -12.94956 -6.11435  0.520 58.33000  ? 24  ARG A HE   1 
ATOM   467  H  HE   B ARG A 1 25 ? 5.90204   -13.56409 -6.99813  0.480 58.95000  ? 24  ARG A HE   1 
ATOM   468  H  HH11 A ARG A 1 25 ? 6.39031   -14.48603 -8.32989  0.520 47.58000  ? 24  ARG A HH11 1 
ATOM   469  H  HH11 B ARG A 1 25 ? 2.99422   -12.76294 -5.56291  0.480 59.90000  ? 24  ARG A HH11 1 
ATOM   470  H  HH12 A ARG A 1 25 ? 7.67643   -14.08285 -7.69487  0.520 47.58000  ? 24  ARG A HH12 1 
ATOM   471  H  HH12 B ARG A 1 25 ? 3.59764   -12.08515 -4.38149  0.480 59.90000  ? 24  ARG A HH12 1 
ATOM   472  H  HH21 A ARG A 1 25 ? 6.38042   -12.35121 -5.19864  0.520 46.27000  ? 24  ARG A HH21 1 
ATOM   473  H  HH21 B ARG A 1 25 ? 6.76761   -12.56263 -5.22393  0.480 57.78000  ? 24  ARG A HH21 1 
ATOM   474  H  HH22 A ARG A 1 25 ? 7.66781   -12.79267 -5.80340  0.520 46.27000  ? 24  ARG A HH22 1 
ATOM   475  H  HH22 B ARG A 1 25 ? 5.89042   -11.96548 -4.17838  0.480 57.78000  ? 24  ARG A HH22 1 
ATOM   476  N  N    . ALA A 1 26 ? 1.21544   -11.56885 -11.08552 1.000 30.16000  ? 25  ALA A N    1 
ATOM   477  C  CA   . ALA A 1 26 ? 0.38173   -12.14308 -12.14565 1.000 29.66000  ? 25  ALA A CA   1 
ATOM   478  C  C    . ALA A 1 26 ? 0.61261   -11.50431 -13.50901 1.000 35.98000  ? 25  ALA A C    1 
ATOM   479  O  O    . ALA A 1 26 ? 0.52382   -12.19175 -14.53538 1.000 35.18000  ? 25  ALA A O    1 
ATOM   480  C  CB   . ALA A 1 26 ? -1.10754  -12.04557 -11.74191 1.000 35.20000  ? 25  ALA A CB   1 
ATOM   481  H  H    . ALA A 1 26 ? 0.77901   -11.18726 -10.45046 1.000 36.21000  ? 25  ALA A H    1 
ATOM   482  H  HA   . ALA A 1 26 ? 0.62427   -13.07724 -12.23840 1.000 35.62000  ? 25  ALA A HA   1 
ATOM   483  H  HB1  . ALA A 1 26 ? -1.65354  -12.40151 -12.45993 1.000 42.27000  ? 25  ALA A HB1  1 
ATOM   484  H  HB2  . ALA A 1 26 ? -1.24999  -12.55864 -10.93146 1.000 42.27000  ? 25  ALA A HB2  1 
ATOM   485  H  HB3  . ALA A 1 26 ? -1.33184  -11.11395 -11.58614 1.000 42.27000  ? 25  ALA A HB3  1 
ATOM   486  N  N    . LEU A 1 27 ? 0.81007   -10.19101 -13.54664 1.000 33.36000  ? 26  LEU A N    1 
ATOM   487  C  CA   . LEU A 1 27 ? 0.96873   -9.48111  -14.80455 1.000 32.45000  ? 26  LEU A CA   1 
ATOM   488  C  C    . LEU A 1 27 ? 2.33648   -9.67328  -15.43345 1.000 40.42000  ? 26  LEU A C    1 
ATOM   489  O  O    . LEU A 1 27 ? 2.45867   -9.58968  -16.66154 1.000 39.95000  ? 26  LEU A O    1 
ATOM   490  C  CB   . LEU A 1 27 ? 0.73117   -8.00138  -14.57381 1.000 29.17000  ? 26  LEU A CB   1 
ATOM   491  C  CG   . LEU A 1 27 ? -0.75013  -7.59117  -14.48736 1.000 30.73000  ? 26  LEU A CG   1 
ATOM   492  C  CD1  . LEU A 1 27 ? -0.93474  -6.33002  -13.68569 1.000 37.38000  ? 26  LEU A CD1  1 
ATOM   493  C  CD2  . LEU A 1 27 ? -1.37686  -7.33811  -15.93158 1.000 33.49000  ? 26  LEU A CD2  1 
ATOM   494  H  H    . LEU A 1 27 ? 0.85625   -9.68509  -12.85366 1.000 40.05000  ? 26  LEU A H    1 
ATOM   495  H  HA   . LEU A 1 27 ? 0.31184   -9.82344  -15.43156 1.000 38.97000  ? 26  LEU A HA   1 
ATOM   496  H  HB2  . LEU A 1 27 ? 1.15291   -7.74914  -13.73708 1.000 35.02000  ? 26  LEU A HB2  1 
ATOM   497  H  HB3  . LEU A 1 27 ? 1.12940   -7.50729  -15.30799 1.000 35.02000  ? 26  LEU A HB3  1 
ATOM   498  H  HG   . LEU A 1 27 ? -1.21025  -8.32669  -14.05413 1.000 36.90000  ? 26  LEU A HG   1 
ATOM   499  H  HD11 . LEU A 1 27 ? -1.87504  -6.09459  -13.67992 1.000 44.89000  ? 26  LEU A HD11 1 
ATOM   500  H  HD12 . LEU A 1 27 ? -0.62630  -6.48533  -12.77866 1.000 44.89000  ? 26  LEU A HD12 1 
ATOM   501  H  HD13 . LEU A 1 27 ? -0.41724  -5.61775  -14.09290 1.000 44.89000  ? 26  LEU A HD13 1 
ATOM   502  H  HD21 . LEU A 1 27 ? -2.31506  -7.11004  -15.83245 1.000 40.21000  ? 26  LEU A HD21 1 
ATOM   503  H  HD22 . LEU A 1 27 ? -0.90253  -6.60633  -16.35831 1.000 40.21000  ? 26  LEU A HD22 1 
ATOM   504  H  HD23 . LEU A 1 27 ? -1.28617  -8.14420  -16.46130 1.000 40.21000  ? 26  LEU A HD23 1 
ATOM   505  N  N    . GLN A 1 28 ? 3.36783   -9.84326  -14.63084 1.000 34.55000  ? 27  GLN A N    1 
ATOM   506  C  CA   . GLN A 1 28 ? 4.71615   -9.97137  -15.17500 1.000 42.47000  ? 27  GLN A CA   1 
ATOM   507  C  C    . GLN A 1 28 ? 4.81737   -11.27828 -15.95938 1.000 47.19000  ? 27  GLN A C    1 
ATOM   508  O  O    . GLN A 1 28 ? 4.24684   -12.30490 -15.56766 1.000 37.23000  ? 27  GLN A O    1 
ATOM   509  C  CB   . GLN A 1 28 ? 5.73846   -9.88059  -14.02988 1.000 38.89000  ? 27  GLN A CB   1 
ATOM   510  C  CG   . GLN A 1 28 ? 5.95668   -8.47113  -13.48488 1.000 43.08000  ? 27  GLN A CG   1 
ATOM   511  C  CD   . GLN A 1 28 ? 7.10321   -8.40321  -12.42691 1.000 49.59000  ? 27  GLN A CD   1 
ATOM   512  O  OE1  . GLN A 1 28 ? 7.57317   -9.42520  -11.91597 1.000 53.43000  ? 27  GLN A OE1  1 
ATOM   513  N  NE2  . GLN A 1 28 ? 7.54184   -7.18371  -12.09463 1.000 46.93000  ? 27  GLN A NE2  1 
ATOM   514  H  H    . GLN A 1 28 ? 3.32247   -9.88838  -13.77304 1.000 41.48000  ? 27  GLN A H    1 
ATOM   515  H  HA   . GLN A 1 28 ? 4.92873   -9.25242  -15.79071 1.000 50.99000  ? 27  GLN A HA   1 
ATOM   516  H  HB2  . GLN A 1 28 ? 5.42892   -10.43420 -13.29564 1.000 46.69000  ? 27  GLN A HB2  1 
ATOM   517  H  HB3  . GLN A 1 28 ? 6.59352   -10.20583 -14.35322 1.000 46.69000  ? 27  GLN A HB3  1 
ATOM   518  H  HG2  . GLN A 1 28 ? 6.19183   -7.88153  -14.21769 1.000 51.72000  ? 27  GLN A HG2  1 
ATOM   519  H  HG3  . GLN A 1 28 ? 5.14001   -8.16579  -13.06163 1.000 51.72000  ? 27  GLN A HG3  1 
ATOM   520  H  HE21 . GLN A 1 28 ? 7.19443   -6.48752  -12.45992 1.000 56.34000  ? 27  GLN A HE21 1 
ATOM   521  H  HE22 . GLN A 1 28 ? 8.17257   -7.09618  -11.51544 1.000 56.34000  ? 27  GLN A HE22 1 
ATOM   522  N  N    . TRP A 1 29 ? 5.42683   -11.19800 -17.14781 1.000 38.15000  ? 28  TRP A N    1 
ATOM   523  C  CA   . TRP A 1 29 ? 5.62338   -12.37084 -17.96675 1.000 47.14000  ? 28  TRP A CA   1 
ATOM   524  C  C    . TRP A 1 29 ? 6.85801   -13.16151 -17.52941 1.000 53.80000  ? 28  TRP A C    1 
ATOM   525  C  CB   . TRP A 1 29 ? 5.75173   -11.95861 -19.41109 1.000 50.90000  ? 28  TRP A CB   1 
ATOM   526  C  CG   . TRP A 1 29 ? 4.51831   -11.37792 -19.98447 1.000 52.83000  ? 28  TRP A CG   1 
ATOM   527  C  CD1  . TRP A 1 29 ? 3.29194   -11.25706 -19.37360 1.000 50.22000  ? 28  TRP A CD1  1 
ATOM   528  C  CD2  . TRP A 1 29 ? 4.37364   -10.81376 -21.29276 1.000 51.92000  ? 28  TRP A CD2  1 
ATOM   529  N  NE1  . TRP A 1 29 ? 2.39695   -10.69401 -20.23985 1.000 51.79000  ? 28  TRP A NE1  1 
ATOM   530  C  CE2  . TRP A 1 29 ? 3.03844   -10.38764 -21.41489 1.000 53.78000  ? 28  TRP A CE2  1 
ATOM   531  C  CE3  . TRP A 1 29 ? 5.25144   -10.61046 -22.36738 1.000 53.62000  ? 28  TRP A CE3  1 
ATOM   532  C  CZ2  . TRP A 1 29 ? 2.54823   -9.77741  -22.58112 1.000 60.56000  ? 28  TRP A CZ2  1 
ATOM   533  C  CZ3  . TRP A 1 29 ? 4.75625   -10.01505 -23.53445 1.000 51.99000  ? 28  TRP A CZ3  1 
ATOM   534  C  CH2  . TRP A 1 29 ? 3.41916   -9.60414  -23.62520 1.000 68.84000  ? 28  TRP A CH2  1 
ATOM   535  H  H    . TRP A 1 29 ? 5.73172   -10.47086 -17.49100 1.000 45.81000  ? 28  TRP A H    1 
ATOM   536  H  HA   . TRP A 1 29 ? 4.85810   -12.95961 -17.87494 1.000 56.59000  ? 28  TRP A HA   1 
ATOM   537  H  HB2  . TRP A 1 29 ? 6.45305   -11.29207 -19.48250 1.000 61.11000  ? 28  TRP A HB2  1 
ATOM   538  H  HB3  . TRP A 1 29 ? 5.98267   -12.74009 -19.93669 1.000 61.11000  ? 28  TRP A HB3  1 
ATOM   539  H  HD1  . TRP A 1 29 ? 3.10083   -11.52074 -18.50228 1.000 60.29000  ? 28  TRP A HD1  1 
ATOM   540  H  HE1  . TRP A 1 29 ? 1.56453   -10.55329 -20.07614 1.000 62.17000  ? 28  TRP A HE1  1 
ATOM   541  H  HE3  . TRP A 1 29 ? 6.14440   -10.86507 -22.30697 1.000 64.36000  ? 28  TRP A HE3  1 
ATOM   542  H  HZ2  . TRP A 1 29 ? 1.66287   -9.50010  -22.64166 1.000 72.70000  ? 28  TRP A HZ2  1 
ATOM   543  H  HZ3  . TRP A 1 29 ? 5.32321   -9.88969  -24.26101 1.000 62.41000  ? 28  TRP A HZ3  1 
ATOM   544  H  HH2  . TRP A 1 29 ? 3.11680   -9.20607  -24.40879 1.000 82.64000  ? 28  TRP A HH2  1 
HETATM 545  N  N    . NH2 A 1 30 ? 7.83246   -12.48263 -16.92410 1.000 55.43000  ? 29  NH2 A N    1 
HETATM 546  H  HN1  . NH2 A 1 30 ? 8.67109   -12.96398 -16.61548 1.000 66.54000  ? 29  NH2 A HN1  1 
HETATM 547  H  HN2  . NH2 A 1 30 ? 7.73661   -11.48376 -16.77065 1.000 66.54000  ? 29  NH2 A HN2  1 
HETATM 548  C  C    . ACE B 1 1  ? 4.16685   9.58810   18.68513  1.000 30.69000  ? 0   ACE B C    1 
HETATM 549  O  O    . ACE B 1 1  ? 4.29875   9.60479   17.36141  1.000 29.55000  ? 0   ACE B O    1 
HETATM 550  C  CH3  . ACE B 1 1  ? 4.75419   10.71561  19.51559  1.000 32.12000  ? 0   ACE B CH3  1 
HETATM 551  H  H1   . ACE B 1 1  ? 5.71454   10.74925  19.38266  1.000 38.56000  ? 0   ACE B H1   1 
HETATM 552  H  H2   . ACE B 1 1  ? 4.35993   11.55829  19.24212  1.000 38.56000  ? 0   ACE B H2   1 
HETATM 553  H  H3   . ACE B 1 1  ? 4.56287   10.55822  20.45364  1.000 38.56000  ? 0   ACE B H3   1 
ATOM   554  N  N    A GLN B 1 2  ? 3.26359   8.79576   19.45276  0.450 29.42000  ? 1   GLN B N    1 
ATOM   555  N  N    B GLN B 1 2  ? 3.27657   8.76203   19.43019  0.550 29.39000  ? 1   GLN B N    1 
ATOM   556  C  CA   A GLN B 1 2  ? 2.64393   7.63166   18.80444  0.450 29.95000  ? 1   GLN B CA   1 
ATOM   557  C  CA   B GLN B 1 2  ? 2.62217   7.59923   18.80902  0.550 29.93000  ? 1   GLN B CA   1 
ATOM   558  C  C    A GLN B 1 2  ? 1.82463   7.99485   17.57243  0.450 27.82000  ? 1   GLN B C    1 
ATOM   559  C  C    B GLN B 1 2  ? 1.77379   7.95888   17.59763  0.550 27.81000  ? 1   GLN B C    1 
ATOM   560  O  O    A GLN B 1 2  ? 1.87097   7.28818   16.56091  0.450 29.55000  ? 1   GLN B O    1 
ATOM   561  O  O    B GLN B 1 2  ? 1.74920   7.20795   16.62074  0.550 29.58000  ? 1   GLN B O    1 
ATOM   562  C  CB   A GLN B 1 2  ? 1.74132   6.90451   19.80247  0.450 34.76000  ? 1   GLN B CB   1 
ATOM   563  C  CB   B GLN B 1 2  ? 1.76262   6.88972   19.86082  0.550 34.77000  ? 1   GLN B CB   1 
ATOM   564  C  CG   A GLN B 1 2  ? 2.43008   6.39412   21.05273  0.450 37.46000  ? 1   GLN B CG   1 
ATOM   565  C  CG   B GLN B 1 2  ? 0.95270   5.69259   19.36245  0.550 35.54000  ? 1   GLN B CG   1 
ATOM   566  C  CD   A GLN B 1 2  ? 1.48068   6.35329   22.25634  0.450 36.67000  ? 1   GLN B CD   1 
ATOM   567  C  CD   B GLN B 1 2  ? 0.21231   4.97038   20.52410  0.550 40.11000  ? 1   GLN B CD   1 
ATOM   568  O  OE1  A GLN B 1 2  ? 1.83694   6.76704   23.34157  0.450 30.31000  ? 1   GLN B OE1  1 
ATOM   569  O  OE1  B GLN B 1 2  ? 0.39391   5.31470   21.69008  0.550 37.37000  ? 1   GLN B OE1  1 
ATOM   570  N  NE2  A GLN B 1 2  ? 0.26944   5.81898   22.05288  0.450 41.35000  ? 1   GLN B NE2  1 
ATOM   571  N  NE2  B GLN B 1 2  ? -0.57092  3.92367   20.19577  0.550 33.65000  ? 1   GLN B NE2  1 
ATOM   572  H  H    A GLN B 1 2  ? 2.82964   9.08853   20.13496  0.450 35.32000  ? 1   GLN B H    1 
ATOM   573  H  H    B GLN B 1 2  ? 2.86830   9.06474   20.12372  0.550 35.29000  ? 1   GLN B H    1 
ATOM   574  H  HA   A GLN B 1 2  ? 3.35799   7.04588   18.50992  0.450 35.97000  ? 1   GLN B HA   1 
ATOM   575  H  HA   B GLN B 1 2  ? 3.31013   6.99930   18.48262  0.550 35.94000  ? 1   GLN B HA   1 
ATOM   576  H  HB2  A GLN B 1 2  ? 1.04518   7.51762   20.08615  0.450 41.73000  ? 1   GLN B HB2  1 
ATOM   577  H  HB2  B GLN B 1 2  ? 2.34866   6.56792   20.56429  0.550 41.75000  ? 1   GLN B HB2  1 
ATOM   578  H  HB3  A GLN B 1 2  ? 1.34768   6.13929   19.35636  0.450 41.73000  ? 1   GLN B HB3  1 
ATOM   579  H  HB3  B GLN B 1 2  ? 1.13265   7.53259   20.22216  0.550 41.75000  ? 1   GLN B HB3  1 
ATOM   580  H  HG2  A GLN B 1 2  ? 2.75560   5.49355   20.89223  0.450 44.98000  ? 1   GLN B HG2  1 
ATOM   581  H  HG2  B GLN B 1 2  ? 0.29005   5.99882   18.72349  0.550 42.67000  ? 1   GLN B HG2  1 
ATOM   582  H  HG3  A GLN B 1 2  ? 3.17127   6.98002   21.27071  0.450 44.98000  ? 1   GLN B HG3  1 
ATOM   583  H  HG3  B GLN B 1 2  ? 1.55019   5.05520   18.94121  0.550 42.67000  ? 1   GLN B HG3  1 
ATOM   584  H  HE21 A GLN B 1 2  ? -0.29566  5.77634   22.70016  0.450 49.65000  ? 1   GLN B HE21 1 
ATOM   585  H  HE21 B GLN B 1 2  ? -0.99711  3.49726   20.80903  0.550 40.40000  ? 1   GLN B HE21 1 
ATOM   586  H  HE22 A GLN B 1 2  ? 0.05732   5.51882   21.27588  0.450 49.65000  ? 1   GLN B HE22 1 
ATOM   587  H  HE22 B GLN B 1 2  ? -0.64414  3.68272   19.37387  0.550 40.40000  ? 1   GLN B HE22 1 
ATOM   588  N  N    . ILE B 1 3  ? 1.04811   9.08141   17.66667  1.000 32.25000  ? 2   ILE B N    1 
ATOM   589  C  CA   . ILE B 1 3  ? 0.12971   9.41673   16.57838  1.000 27.97000  ? 2   ILE B CA   1 
ATOM   590  C  C    . ILE B 1 3  ? 0.93670   9.82340   15.35472  1.000 27.68000  ? 2   ILE B C    1 
ATOM   591  O  O    . ILE B 1 3  ? 0.67013   9.35952   14.24599  1.000 28.62000  ? 2   ILE B O    1 
ATOM   592  C  CB   . ILE B 1 3  ? -0.92308  10.46446  16.99392  1.000 27.59000  ? 2   ILE B CB   1 
ATOM   593  C  CG1  . ILE B 1 3  ? -2.04100  9.74611   17.76406  1.000 35.28000  ? 2   ILE B CG1  1 
ATOM   594  C  CG2  . ILE B 1 3  ? -1.43227  11.27618  15.77867  1.000 31.69000  ? 2   ILE B CG2  1 
ATOM   595  C  CD1  . ILE B 1 3  ? -3.06403  10.65667  18.23732  1.000 47.14000  ? 2   ILE B CD1  1 
ATOM   596  H  H    . ILE B 1 3  ? 1.06757   9.64898   18.31304  1.000 38.72000  ? 2   ILE B H    1 
ATOM   597  H  HA   . ILE B 1 3  ? -0.38781  8.62616   16.35729  1.000 33.59000  ? 2   ILE B HA   1 
ATOM   598  H  HB   . ILE B 1 3  ? -0.52229  11.12353  17.58261  1.000 33.13000  ? 2   ILE B HB   1 
ATOM   599  H  HG12 . ILE B 1 3  ? -2.46198  9.09790   17.17757  1.000 42.36000  ? 2   ILE B HG12 1 
ATOM   600  H  HG13 . ILE B 1 3  ? -1.65788  9.29795   18.53338  1.000 42.36000  ? 2   ILE B HG13 1 
ATOM   601  H  HG21 . ILE B 1 3  ? -2.20408  11.79808  16.04877  1.000 38.05000  ? 2   ILE B HG21 1 
ATOM   602  H  HG22 . ILE B 1 3  ? -0.72536  11.86586  15.47299  1.000 38.05000  ? 2   ILE B HG22 1 
ATOM   603  H  HG23 . ILE B 1 3  ? -1.68028  10.66189  15.07055  1.000 38.05000  ? 2   ILE B HG23 1 
ATOM   604  H  HD11 . ILE B 1 3  ? -3.66756  10.17536  18.82484  1.000 56.59000  ? 2   ILE B HD11 1 
ATOM   605  H  HD12 . ILE B 1 3  ? -2.64107  11.38306  18.72073  1.000 56.59000  ? 2   ILE B HD12 1 
ATOM   606  H  HD13 . ILE B 1 3  ? -3.55274  11.00654  17.47588  1.000 56.59000  ? 2   ILE B HD13 1 
ATOM   607  N  N    . ALA B 1 4  ? 1.97327   10.62273  15.53969  1.000 31.27000  ? 3   ALA B N    1 
ATOM   608  C  CA   . ALA B 1 4  ? 2.78406   11.02995  14.39809  1.000 31.25000  ? 3   ALA B CA   1 
ATOM   609  C  C    . ALA B 1 4  ? 3.55021   9.85883   13.80049  1.000 28.34000  ? 3   ALA B C    1 
ATOM   610  O  O    . ALA B 1 4  ? 3.77744   9.84357   12.57471  1.000 28.87000  ? 3   ALA B O    1 
ATOM   611  C  CB   . ALA B 1 4  ? 3.75085   12.10155  14.84549  1.000 32.25000  ? 3   ALA B CB   1 
ATOM   612  H  H    . ALA B 1 4  ? 2.22801   10.94121  16.29685  1.000 37.55000  ? 3   ALA B H    1 
ATOM   613  H  HA   . ALA B 1 4  ? 2.20683   11.38724  13.70566  1.000 37.52000  ? 3   ALA B HA   1 
ATOM   614  H  HB1  . ALA B 1 4  ? 4.30051   12.36671  14.09165  1.000 38.72000  ? 3   ALA B HB1  1 
ATOM   615  H  HB2  . ALA B 1 4  ? 3.24727   12.86462  15.17162  1.000 38.72000  ? 3   ALA B HB2  1 
ATOM   616  H  HB3  . ALA B 1 4  ? 4.31011   11.74712  15.55485  1.000 38.72000  ? 3   ALA B HB3  1 
ATOM   617  N  N    . ARG B 1 5  ? 3.86352   8.82132   14.62179  1.000 29.54000  ? 4   ARG B N    1 
ATOM   618  C  CA   . ARG B 1 5  ? 4.52255   7.62398   14.07323  1.000 26.29000  ? 4   ARG B CA   1 
ATOM   619  C  C    . ARG B 1 5  ? 3.57257   6.86911   13.16083  1.000 24.93000  ? 4   ARG B C    1 
ATOM   620  O  O    . ARG B 1 5  ? 3.95735   6.34955   12.09040  1.000 29.97000  ? 4   ARG B O    1 
ATOM   621  C  CB   . ARG B 1 5  ? 5.01739   6.69383   15.19777  1.000 32.99000  ? 4   ARG B CB   1 
ATOM   622  C  CG   . ARG B 1 5  ? 6.22588   7.20007   15.95830  1.000 33.16000  ? 4   ARG B CG   1 
ATOM   623  C  CD   . ARG B 1 5  ? 6.96737   6.01024   16.59960  1.000 32.48000  ? 4   ARG B CD   1 
ATOM   624  N  NE   . ARG B 1 5  ? 6.18275   5.40948   17.69071  1.000 33.18000  ? 4   ARG B NE   1 
ATOM   625  C  CZ   . ARG B 1 5  ? 6.09343   5.94221   18.89801  1.000 32.96000  ? 4   ARG B CZ   1 
ATOM   626  N  NH1  . ARG B 1 5  ? 6.66124   7.11519   19.18487  1.000 36.04000  ? 4   ARG B NH1  1 
ATOM   627  N  NH2  . ARG B 1 5  ? 5.37759   5.30967   19.82058  1.000 33.05000  ? 4   ARG B NH2  1 
ATOM   628  H  H    . ARG B 1 5  ? 3.70820   8.79145   15.46666  1.000 35.48000  ? 4   ARG B H    1 
ATOM   629  H  HA   . ARG B 1 5  ? 5.30059   7.90842   13.56812  1.000 31.57000  ? 4   ARG B HA   1 
ATOM   630  H  HB2  . ARG B 1 5  ? 4.29880   6.57658   15.83803  1.000 39.62000  ? 4   ARG B HB2  1 
ATOM   631  H  HB3  . ARG B 1 5  ? 5.25719   5.83911   14.80671  1.000 39.62000  ? 4   ARG B HB3  1 
ATOM   632  H  HG2  . ARG B 1 5  ? 6.82958   7.65574   15.35072  1.000 39.81000  ? 4   ARG B HG2  1 
ATOM   633  H  HG3  . ARG B 1 5  ? 5.94193   7.80688   16.65962  1.000 39.81000  ? 4   ARG B HG3  1 
ATOM   634  H  HD2  . ARG B 1 5  ? 7.12472   5.32917   15.92623  1.000 39.00000  ? 4   ARG B HD2  1 
ATOM   635  H  HD3  . ARG B 1 5  ? 7.81270   6.31751   16.96350  1.000 39.00000  ? 4   ARG B HD3  1 
ATOM   636  H  HE   . ARG B 1 5  ? 5.76195   4.67586   17.53522  1.000 39.84000  ? 4   ARG B HE   1 
ATOM   637  H  HH11 . ARG B 1 5  ? 7.09616   7.54221   18.57918  1.000 43.27000  ? 4   ARG B HH11 1 
ATOM   638  H  HH12 . ARG B 1 5  ? 6.59131   7.44404   19.97666  1.000 43.27000  ? 4   ARG B HH12 1 
ATOM   639  H  HH21 . ARG B 1 5  ? 4.98438   4.57038   19.62672  1.000 39.69000  ? 4   ARG B HH21 1 
ATOM   640  H  HH22 . ARG B 1 5  ? 5.30789   5.64046   20.61129  1.000 39.69000  ? 4   ARG B HH22 1 
ATOM   641  N  N    . LEU B 1 6  ? 2.32741   6.77315   13.61450  1.000 29.21000  ? 5   LEU B N    1 
ATOM   642  C  CA   . LEU B 1 6  ? 1.32102   6.13836   12.81102  1.000 25.94000  ? 5   LEU B CA   1 
ATOM   643  C  C    . LEU B 1 6  ? 1.17805   6.88000   11.53781  1.000 26.81000  ? 5   LEU B C    1 
ATOM   644  O  O    . LEU B 1 6  ? 0.97895   6.26412   10.49692  1.000 28.96000  ? 5   LEU B O    1 
ATOM   645  C  CB   . LEU B 1 6  ? 0.00923   6.11014   13.56085  1.000 25.62000  ? 5   LEU B CB   1 
ATOM   646  C  CG   . LEU B 1 6  ? 0.06911   5.08828   14.70261  1.000 29.28000  ? 5   LEU B CG   1 
ATOM   647  C  CD1  . LEU B 1 6  ? -1.22121  5.24988   15.63379  1.000 30.01000  ? 5   LEU B CD1  1 
ATOM   648  C  CD2  . LEU B 1 6  ? 0.14322   3.70375   14.33148  1.000 32.99000  ? 5   LEU B CD2  1 
ATOM   649  H  H    . LEU B 1 6  ? 2.05091   7.06757   14.37407  1.000 35.07000  ? 5   LEU B H    1 
ATOM   650  H  HA   . LEU B 1 6  ? 1.56908   5.21966   12.62261  1.000 31.15000  ? 5   LEU B HA   1 
ATOM   651  H  HB2  . LEU B 1 6  ? -0.16800  6.98692   13.93661  1.000 30.76000  ? 5   LEU B HB2  1 
ATOM   652  H  HB3  . LEU B 1 6  ? -0.70499  5.85857   12.95494  1.000 30.76000  ? 5   LEU B HB3  1 
ATOM   653  H  HG   . LEU B 1 6  ? 0.90399   5.28755   15.15310  1.000 35.16000  ? 5   LEU B HG   1 
ATOM   654  H  HD11 . LEU B 1 6  ? -1.25412  4.50967   16.25924  1.000 36.03000  ? 5   LEU B HD11 1 
ATOM   655  H  HD12 . LEU B 1 6  ? -1.15709  6.08837   16.11734  1.000 36.03000  ? 5   LEU B HD12 1 
ATOM   656  H  HD13 . LEU B 1 6  ? -2.01487  5.24973   15.07653  1.000 36.03000  ? 5   LEU B HD13 1 
ATOM   657  H  HD21 . LEU B 1 6  ? 0.09793   3.15919   15.13315  1.000 39.61000  ? 5   LEU B HD21 1 
ATOM   658  H  HD22 . LEU B 1 6  ? -0.60071  3.49361   13.74635  1.000 39.61000  ? 5   LEU B HD22 1 
ATOM   659  H  HD23 . LEU B 1 6  ? 0.98232   3.54490   13.87103  1.000 39.61000  ? 5   LEU B HD23 1 
ATOM   660  N  N    . GLN B 1 7  ? 1.11914   8.19849   11.62046  1.000 26.65000  ? 6   GLN B N    1 
ATOM   661  C  CA   . GLN B 1 7  ? 0.89619   9.01161   10.42399  1.000 29.67000  ? 6   GLN B CA   1 
ATOM   662  C  C    . GLN B 1 7  ? 2.04219   8.86282   9.43585   1.000 30.58000  ? 6   GLN B C    1 
ATOM   663  O  O    . GLN B 1 7  ? 1.80341   8.72949   8.21028   1.000 28.21000  ? 6   GLN B O    1 
ATOM   664  C  CB   . GLN B 1 7  ? 0.68609   10.47397  10.78542  1.000 28.07000  ? 6   GLN B CB   1 
ATOM   665  C  CG   . GLN B 1 7  ? -0.61595  10.80965  11.46413  1.000 26.79000  ? 6   GLN B CG   1 
ATOM   666  C  CD   . GLN B 1 7  ? -0.63093  12.25249  11.96349  1.000 41.61000  ? 6   GLN B CD   1 
ATOM   667  O  OE1  . GLN B 1 7  ? 0.39805   12.93763  11.93858  1.000 47.16000  ? 6   GLN B OE1  1 
ATOM   668  N  NE2  . GLN B 1 7  ? -1.76212  12.69501  12.47084  1.000 36.10000  ? 6   GLN B NE2  1 
ATOM   669  H  H    . GLN B 1 7  ? 1.20249   8.65210   12.34672  1.000 32.00000  ? 6   GLN B H    1 
ATOM   670  H  HA   . GLN B 1 7  ? 0.08187   8.70038   9.99784   1.000 35.63000  ? 6   GLN B HA   1 
ATOM   671  H  HB2  . GLN B 1 7  ? 1.39906   10.74293  11.38624  1.000 33.71000  ? 6   GLN B HB2  1 
ATOM   672  H  HB3  . GLN B 1 7  ? 0.72623   10.99594  9.96892   1.000 33.71000  ? 6   GLN B HB3  1 
ATOM   673  H  HG2  . GLN B 1 7  ? -1.34453  10.69699  10.83369  1.000 32.17000  ? 6   GLN B HG2  1 
ATOM   674  H  HG3  . GLN B 1 7  ? -0.74151  10.22186  12.22556  1.000 32.17000  ? 6   GLN B HG3  1 
ATOM   675  H  HE21 . GLN B 1 7  ? -2.44856  12.17774  12.50933  1.000 43.34000  ? 6   GLN B HE21 1 
ATOM   676  H  HE22 . GLN B 1 7  ? -1.81529  13.50237  12.76363  1.000 43.34000  ? 6   GLN B HE22 1 
ATOM   677  N  N    . ARG B 1 8  ? 3.27802   8.71387   9.94737   1.000 28.49000  ? 7   ARG B N    1 
ATOM   678  C  CA   . ARG B 1 8  ? 4.42240   8.52438   9.04372   1.000 31.40000  ? 7   ARG B CA   1 
ATOM   679  C  C    . ARG B 1 8  ? 4.36016   7.16060   8.36959   1.000 28.21000  ? 7   ARG B C    1 
ATOM   680  O  O    . ARG B 1 8  ? 4.71980   7.04439   7.19620   1.000 30.92000  ? 7   ARG B O    1 
ATOM   681  C  CB   . ARG B 1 8  ? 5.74503   8.70066   9.78748   1.000 36.12000  ? 7   ARG B CB   1 
ATOM   682  C  CG   . ARG B 1 8  ? 6.01444   10.14204  10.11837  1.000 35.08000  ? 7   ARG B CG   1 
ATOM   683  C  CD   . ARG B 1 8  ? 7.41808   10.36561  10.58418  1.000 45.17000  ? 7   ARG B CD   1 
ATOM   684  N  NE   . ARG B 1 8  ? 7.69272   9.79970   11.89880  1.000 41.37000  ? 7   ARG B NE   1 
ATOM   685  C  CZ   . ARG B 1 8  ? 7.43829   10.43173  13.02527  1.000 33.91000  ? 7   ARG B CZ   1 
ATOM   686  N  NH1  . ARG B 1 8  ? 6.85580   11.62636  12.99869  1.000 45.65000  ? 7   ARG B NH1  1 
ATOM   687  N  NH2  . ARG B 1 8  ? 7.71722   9.86313   14.15704  1.000 37.12000  ? 7   ARG B NH2  1 
ATOM   688  H  H    . ARG B 1 8  ? 3.47381   8.71697   10.78466  1.000 34.21000  ? 7   ARG B H    1 
ATOM   689  H  HA   . ARG B 1 8  ? 4.38873   9.21000   8.35786   1.000 37.70000  ? 7   ARG B HA   1 
ATOM   690  H  HB2  . ARG B 1 8  ? 5.71387   8.19827   10.61701  1.000 43.37000  ? 7   ARG B HB2  1 
ATOM   691  H  HB3  . ARG B 1 8  ? 6.47060   8.37637   9.23047   1.000 43.37000  ? 7   ARG B HB3  1 
ATOM   692  H  HG2  . ARG B 1 8  ? 5.86925   10.68296  9.32553   1.000 42.12000  ? 7   ARG B HG2  1 
ATOM   693  H  HG3  . ARG B 1 8  ? 5.41284   10.42332  10.82609  1.000 42.12000  ? 7   ARG B HG3  1 
ATOM   694  H  HD2  . ARG B 1 8  ? 8.02821   9.95366   9.95142   1.000 54.23000  ? 7   ARG B HD2  1 
ATOM   695  H  HD3  . ARG B 1 8  ? 7.58453   11.32005  10.63227  1.000 54.23000  ? 7   ARG B HD3  1 
ATOM   696  H  HE   . ARG B 1 8  ? 8.03734   9.01274   11.94037  1.000 49.66000  ? 7   ARG B HE   1 
ATOM   697  H  HH11 . ARG B 1 8  ? 6.64590   11.98494  12.24632  1.000 54.80000  ? 7   ARG B HH11 1 
ATOM   698  H  HH12 . ARG B 1 8  ? 6.68986   12.04022  13.73396  1.000 54.80000  ? 7   ARG B HH12 1 
ATOM   699  H  HH21 . ARG B 1 8  ? 8.06671   9.07638   14.16868  1.000 44.57000  ? 7   ARG B HH21 1 
ATOM   700  H  HH22 . ARG B 1 8  ? 7.55374   10.27125  14.89547  1.000 44.57000  ? 7   ARG B HH22 1 
ATOM   701  N  N    . GLN B 1 9  ? 3.88294   6.13289   9.08477   1.000 29.18000  ? 8   GLN B N    1 
ATOM   702  C  CA   . GLN B 1 9  ? 3.76038   4.78658   8.53783   1.000 29.99000  ? 8   GLN B CA   1 
ATOM   703  C  C    . GLN B 1 9  ? 2.69057   4.74153   7.46166   1.000 32.93000  ? 8   GLN B C    1 
ATOM   704  O  O    . GLN B 1 9  ? 2.86542   4.08020   6.42797   1.000 30.76000  ? 8   GLN B O    1 
ATOM   705  C  CB   . GLN B 1 9  ? 3.42849   3.80118   9.64783   1.000 32.33000  ? 8   GLN B CB   1 
ATOM   706  C  CG   . GLN B 1 9  ? 3.41559   2.35217   9.18771   1.000 35.93000  ? 8   GLN B CG   1 
ATOM   707  C  CD   . GLN B 1 9  ? 3.28360   1.37018   10.32095  1.000 35.66000  ? 8   GLN B CD   1 
ATOM   708  O  OE1  . GLN B 1 9  ? 3.06308   1.74763   11.49035  1.000 35.34000  ? 8   GLN B OE1  1 
ATOM   709  N  NE2  . GLN B 1 9  ? 3.45778   0.08845   9.98757   1.000 35.67000  ? 8   GLN B NE2  1 
ATOM   710  H  H    . GLN B 1 9  ? 3.61961   6.19204   9.90078   1.000 35.04000  ? 8   GLN B H    1 
ATOM   711  H  HA   . GLN B 1 9  ? 4.60866   4.52447   8.14623   1.000 36.02000  ? 8   GLN B HA   1 
ATOM   712  H  HB2  . GLN B 1 9  ? 4.09240   3.88532   10.34985  1.000 38.82000  ? 8   GLN B HB2  1 
ATOM   713  H  HB3  . GLN B 1 9  ? 2.54764   4.01067   9.99815   1.000 38.82000  ? 8   GLN B HB3  1 
ATOM   714  H  HG2  . GLN B 1 9  ? 2.66345   2.21913   8.58950   1.000 43.14000  ? 8   GLN B HG2  1 
ATOM   715  H  HG3  . GLN B 1 9  ? 4.24597   2.16220   8.72409   1.000 43.14000  ? 8   GLN B HG3  1 
ATOM   716  H  HE21 . GLN B 1 9  ? 3.63207   -0.12389  9.17319   1.000 42.82000  ? 8   GLN B HE21 1 
ATOM   717  H  HE22 . GLN B 1 9  ? 3.39594   -0.52418  10.58810  1.000 42.82000  ? 8   GLN B HE22 1 
ATOM   718  N  N    . ILE B 1 10 ? 1.59490   5.46997   7.68347   1.000 26.65000  ? 9   ILE B N    1 
ATOM   719  C  CA   . ILE B 1 10 ? 0.59738   5.58613   6.62657   1.000 27.54000  ? 9   ILE B CA   1 
ATOM   720  C  C    . ILE B 1 10 ? 1.19748   6.23846   5.38986   1.000 26.72000  ? 9   ILE B C    1 
ATOM   721  O  O    . ILE B 1 10 ? 0.95854   5.78010   4.26744   1.000 29.37000  ? 9   ILE B O    1 
ATOM   722  C  CB   . ILE B 1 10 ? -0.61451  6.34274   7.15341   1.000 30.75000  ? 9   ILE B CB   1 
ATOM   723  C  CG1  . ILE B 1 10 ? -1.32873  5.45865   8.14506   1.000 28.96000  ? 9   ILE B CG1  1 
ATOM   724  C  CG2  . ILE B 1 10 ? -1.49598  6.74600   6.02686   1.000 32.24000  ? 9   ILE B CG2  1 
ATOM   725  C  CD1  . ILE B 1 10 ? -2.15077  6.31884   9.09158   1.000 38.53000  ? 9   ILE B CD1  1 
ATOM   726  H  H    . ILE B 1 10 ? 1.41149   5.89024   8.41080   1.000 32.01000  ? 9   ILE B H    1 
ATOM   727  H  HA   . ILE B 1 10 ? 0.30706   4.69872   6.36290   1.000 33.08000  ? 9   ILE B HA   1 
ATOM   728  H  HB   . ILE B 1 10 ? -0.34025  7.15798   7.60168   1.000 36.92000  ? 9   ILE B HB   1 
ATOM   729  H  HG12 . ILE B 1 10 ? -1.92332  4.85197   7.67597   1.000 34.78000  ? 9   ILE B HG12 1 
ATOM   730  H  HG13 . ILE B 1 10 ? -0.68096  4.95433   8.66214   1.000 34.78000  ? 9   ILE B HG13 1 
ATOM   731  H  HG21 . ILE B 1 10 ? -2.38187  6.93825   6.37196   1.000 38.72000  ? 9   ILE B HG21 1 
ATOM   732  H  HG22 . ILE B 1 10 ? -1.12669  7.53768   5.60463   1.000 38.72000  ? 9   ILE B HG22 1 
ATOM   733  H  HG23 . ILE B 1 10 ? -1.54127  6.02002   5.38544   1.000 38.72000  ? 9   ILE B HG23 1 
ATOM   734  H  HD11 . ILE B 1 10 ? -2.59773  5.74494   9.73227   1.000 46.25000  ? 9   ILE B HD11 1 
ATOM   735  H  HD12 . ILE B 1 10 ? -1.55915  6.93338   9.55290   1.000 46.25000  ? 9   ILE B HD12 1 
ATOM   736  H  HD13 . ILE B 1 10 ? -2.80710  6.81476   8.57699   1.000 46.25000  ? 9   ILE B HD13 1 
ATOM   737  N  N    . ARG B 1 11 ? 1.93804   7.36489   5.55754   1.000 32.72000  ? 10  ARG B N    1 
ATOM   738  C  CA   . ARG B 1 11 ? 2.48301   8.03765   4.37420   1.000 32.09000  ? 10  ARG B CA   1 
ATOM   739  C  C    . ARG B 1 11 ? 3.46144   7.13401   3.62976   1.000 28.32000  ? 10  ARG B C    1 
ATOM   740  O  O    . ARG B 1 11 ? 3.41976   7.05739   2.40236   1.000 33.91000  ? 10  ARG B O    1 
ATOM   741  C  CB   . ARG B 1 11 ? 3.14907   9.35208   4.77688   1.000 32.68000  ? 10  ARG B CB   1 
ATOM   742  C  CG   . ARG B 1 11 ? 2.19250   10.36754  5.18294   1.000 31.89000  ? 10  ARG B CG   1 
ATOM   743  C  CD   . ARG B 1 11 ? 1.48630   11.03491  4.02289   1.000 51.10000  ? 10  ARG B CD   1 
ATOM   744  N  NE   . ARG B 1 11 ? 0.55222   12.07839  4.49321   1.000 52.95000  ? 10  ARG B NE   1 
ATOM   745  C  CZ   . ARG B 1 11 ? -0.74462  11.87495  4.76354   1.000 56.22000  ? 10  ARG B CZ   1 
ATOM   746  N  NH1  . ARG B 1 11 ? -1.28115  10.67250  4.59574   1.000 36.42000  ? 10  ARG B NH1  1 
ATOM   747  N  NH2  . ARG B 1 11 ? -1.53047  12.88364  5.17939   1.000 53.26000  ? 10  ARG B NH2  1 
ATOM   748  H  H    . ARG B 1 11 ? 2.12545   7.73427   6.31117   1.000 39.28000  ? 10  ARG B H    1 
ATOM   749  H  HA   . ARG B 1 11 ? 1.75518   8.25161   3.76905   1.000 38.53000  ? 10  ARG B HA   1 
ATOM   750  H  HB2  . ARG B 1 11 ? 3.74522   9.18662   5.52366   1.000 39.24000  ? 10  ARG B HB2  1 
ATOM   751  H  HB3  . ARG B 1 11 ? 3.65061   9.69560   4.02117   1.000 39.24000  ? 10  ARG B HB3  1 
ATOM   752  H  HG2  . ARG B 1 11 ? 1.51633   9.95527   5.74202   1.000 38.29000  ? 10  ARG B HG2  1 
ATOM   753  H  HG3  . ARG B 1 11 ? 2.65989   11.05686  5.67961   1.000 38.29000  ? 10  ARG B HG3  1 
ATOM   754  H  HD2  . ARG B 1 11 ? 2.14345   11.45054  3.44270   1.000 61.34000  ? 10  ARG B HD2  1 
ATOM   755  H  HD3  . ARG B 1 11 ? 0.98032   10.37115  3.52960   1.000 61.34000  ? 10  ARG B HD3  1 
ATOM   756  H  HE   . ARG B 1 11 ? 0.86306   12.87285  4.60122   1.000 63.57000  ? 10  ARG B HE   1 
ATOM   757  H  HH11 . ARG B 1 11 ? -0.79599  10.02166  4.31264   1.000 43.73000  ? 10  ARG B HH11 1 
ATOM   758  H  HH12 . ARG B 1 11 ? -2.11373  10.54564  4.76994   1.000 43.73000  ? 10  ARG B HH12 1 
ATOM   759  H  HH21 . ARG B 1 11 ? -1.20209  13.67282  5.27525   1.000 63.94000  ? 10  ARG B HH21 1 
ATOM   760  H  HH22 . ARG B 1 11 ? -2.36048  12.73968  5.34934   1.000 63.94000  ? 10  ARG B HH22 1 
ATOM   761  N  N    . ALA B 1 12 ? 4.26191   6.35672   4.33826   1.000 28.20000  ? 11  ALA B N    1 
ATOM   762  C  CA   . ALA B 1 12 ? 5.18333   5.44208   3.66243   1.000 29.56000  ? 11  ALA B CA   1 
ATOM   763  C  C    . ALA B 1 12 ? 4.44172   4.35242   2.87678   1.000 31.85000  ? 11  ALA B C    1 
ATOM   764  O  O    . ALA B 1 12 ? 4.74404   4.11325   1.71529   1.000 32.57000  ? 11  ALA B O    1 
ATOM   765  C  CB   . ALA B 1 12 ? 6.14308   4.82995   4.68345   1.000 39.11000  ? 11  ALA B CB   1 
ATOM   766  H  H    . ALA B 1 12 ? 4.29731   6.33373   5.19768   1.000 33.87000  ? 11  ALA B H    1 
ATOM   767  H  HA   . ALA B 1 12 ? 5.70524   5.94819   3.01970   1.000 35.49000  ? 11  ALA B HA   1 
ATOM   768  H  HB1  . ALA B 1 12 ? 6.75058   4.22867   4.22482   1.000 46.95000  ? 11  ALA B HB1  1 
ATOM   769  H  HB2  . ALA B 1 12 ? 6.64377   5.54138   5.11248   1.000 46.95000  ? 11  ALA B HB2  1 
ATOM   770  H  HB3  . ALA B 1 12 ? 5.63009   4.34067   5.34533   1.000 46.95000  ? 11  ALA B HB3  1 
ATOM   771  N  N    . LEU B 1 13 ? 3.39945   3.76067   3.47482   1.000 28.93000  ? 12  LEU B N    1 
ATOM   772  C  CA   . LEU B 1 13 ? 2.59127   2.76878   2.78546   1.000 26.22000  ? 12  LEU B CA   1 
ATOM   773  C  C    . LEU B 1 13 ? 1.89150   3.36818   1.59451   1.000 28.73000  ? 12  LEU B C    1 
ATOM   774  O  O    . LEU B 1 13 ? 1.74177   2.69629   0.57736   1.000 31.06000  ? 12  LEU B O    1 
ATOM   775  C  CB   . LEU B 1 13 ? 1.59459   2.17884   3.74710   1.000 28.52000  ? 12  LEU B CB   1 
ATOM   776  C  CG   . LEU B 1 13 ? 2.24228   1.09276   4.66480   1.000 29.88000  ? 12  LEU B CG   1 
ATOM   777  C  CD1  . LEU B 1 13 ? 1.35077   0.92320   5.87532   1.000 32.23000  ? 12  LEU B CD1  1 
ATOM   778  C  CD2  . LEU B 1 13 ? 2.41042   -0.18619  3.91444   1.000 38.19000  ? 12  LEU B CD2  1 
ATOM   779  H  H    . LEU B 1 13 ? 3.14384   3.91910   4.28125   1.000 34.74000  ? 12  LEU B H    1 
ATOM   780  H  HA   . LEU B 1 13 ? 3.16381   2.05553   2.46283   1.000 31.48000  ? 12  LEU B HA   1 
ATOM   781  H  HB2  . LEU B 1 13 ? 1.24123   2.88286   4.31153   1.000 34.25000  ? 12  LEU B HB2  1 
ATOM   782  H  HB3  . LEU B 1 13 ? 0.87544   1.76300   3.24530   1.000 34.25000  ? 12  LEU B HB3  1 
ATOM   783  H  HG   . LEU B 1 13 ? 3.12776   1.35706   4.95945   1.000 35.88000  ? 12  LEU B HG   1 
ATOM   784  H  HD11 . LEU B 1 13 ? 1.73231   0.24597   6.45630   1.000 38.70000  ? 12  LEU B HD11 1 
ATOM   785  H  HD12 . LEU B 1 13 ? 1.29472   1.76938   6.34684   1.000 38.70000  ? 12  LEU B HD12 1 
ATOM   786  H  HD13 . LEU B 1 13 ? 0.46912   0.64793   5.58216   1.000 38.70000  ? 12  LEU B HD13 1 
ATOM   787  H  HD21 . LEU B 1 13 ? 2.72524   -0.87110  4.52451   1.000 45.85000  ? 12  LEU B HD21 1 
ATOM   788  H  HD22 . LEU B 1 13 ? 1.55581   -0.44585  3.53787   1.000 45.85000  ? 12  LEU B HD22 1 
ATOM   789  H  HD23 . LEU B 1 13 ? 3.05799   -0.05217  3.20501   1.000 45.85000  ? 12  LEU B HD23 1 
ATOM   790  N  N    . GLN B 1 14 ? 1.43081   4.60083   1.71017   1.000 28.36000  ? 13  GLN B N    1 
ATOM   791  C  CA   . GLN B 1 14 ? 0.77684   5.24815   0.58815   1.000 29.68000  ? 13  GLN B CA   1 
ATOM   792  C  C    . GLN B 1 14 ? 1.74905   5.46515   -0.56158  1.000 32.80000  ? 13  GLN B C    1 
ATOM   793  O  O    . GLN B 1 14 ? 1.39168   5.26060   -1.72895  1.000 31.80000  ? 13  GLN B O    1 
ATOM   794  C  CB   . GLN B 1 14 ? 0.17876   6.55263   1.05574   1.000 32.47000  ? 13  GLN B CB   1 
ATOM   795  C  CG   . GLN B 1 14 ? -1.14234  6.37940   1.77997   1.000 27.81000  ? 13  GLN B CG   1 
ATOM   796  C  CD   . GLN B 1 14 ? -1.62690  7.64403   2.49392   1.000 33.21000  ? 13  GLN B CD   1 
ATOM   797  O  OE1  . GLN B 1 14 ? -0.87188  8.55120   2.85220   1.000 33.04000  ? 13  GLN B OE1  1 
ATOM   798  N  NE2  . GLN B 1 14 ? -2.88791  7.62650   2.84115   1.000 37.10000  ? 13  GLN B NE2  1 
ATOM   799  H  H    . GLN B 1 14 ? 1.48126   5.08393   2.42039   1.000 34.06000  ? 13  GLN B H    1 
ATOM   800  H  HA   . GLN B 1 14 ? 0.05939   4.68573   0.25495   1.000 35.65000  ? 13  GLN B HA   1 
ATOM   801  H  HB2  . GLN B 1 14 ? 0.79924   6.98116   1.66608   1.000 38.99000  ? 13  GLN B HB2  1 
ATOM   802  H  HB3  . GLN B 1 14 ? 0.02546   7.12181   0.28503   1.000 38.99000  ? 13  GLN B HB3  1 
ATOM   803  H  HG2  . GLN B 1 14 ? -1.82088  6.12618   1.13449   1.000 33.40000  ? 13  GLN B HG2  1 
ATOM   804  H  HG3  . GLN B 1 14 ? -1.04335  5.68235   2.44739   1.000 33.40000  ? 13  GLN B HG3  1 
ATOM   805  H  HE21 . GLN B 1 14 ? -3.37262  6.93852   2.66329   1.000 44.55000  ? 13  GLN B HE21 1 
ATOM   806  H  HE22 . GLN B 1 14 ? -3.23243  8.30194   3.24742   1.000 44.55000  ? 13  GLN B HE22 1 
ATOM   807  N  N    . ARG B 1 15 ? 2.97011   5.87817   -0.24949  1.000 28.86000  ? 14  ARG B N    1 
ATOM   808  C  CA   . ARG B 1 15 ? 4.03882   5.98903   -1.25312  1.000 30.71000  ? 14  ARG B CA   1 
ATOM   809  C  C    . ARG B 1 15 ? 4.34913   4.64037   -1.89765  1.000 32.13000  ? 14  ARG B C    1 
ATOM   810  O  O    . ARG B 1 15 ? 4.48292   4.54536   -3.11570  1.000 35.24000  ? 14  ARG B O    1 
ATOM   811  C  CB   . ARG B 1 15 ? 5.32261   6.51365   -0.62617  1.000 34.99000  ? 14  ARG B CB   1 
ATOM   812  C  CG   . ARG B 1 15 ? 5.35668   7.93718   -0.32152  1.000 52.34000  ? 14  ARG B CG   1 
ATOM   813  C  CD   . ARG B 1 15 ? 6.62396   8.31612   0.49204   1.000 67.22000  ? 14  ARG B CD   1 
ATOM   814  N  NE   . ARG B 1 15 ? 6.34087   9.28342   1.57180   1.000 84.79000  ? 14  ARG B NE   1 
ATOM   815  C  CZ   . ARG B 1 15 ? 5.71685   10.45730  1.40503   1.000 88.19000  ? 14  ARG B CZ   1 
ATOM   816  N  NH1  . ARG B 1 15 ? 5.29071   10.84275  0.19954   1.000 69.23000  ? 14  ARG B NH1  1 
ATOM   817  N  NH2  . ARG B 1 15 ? 5.51247   11.25400  2.44609   1.000 85.58000  ? 14  ARG B NH2  1 
ATOM   818  H  H    . ARG B 1 15 ? 3.21820   6.10511   0.54153   1.000 34.65000  ? 14  ARG B H    1 
ATOM   819  H  HA   . ARG B 1 15 ? 3.72713   6.61335   -1.92678  1.000 36.88000  ? 14  ARG B HA   1 
ATOM   820  H  HB2  . ARG B 1 15 ? 5.46672   6.03977   0.20719   1.000 42.01000  ? 14  ARG B HB2  1 
ATOM   821  H  HB3  . ARG B 1 15 ? 6.05170   6.33597   -1.24083  1.000 42.01000  ? 14  ARG B HB3  1 
ATOM   822  H  HG2  . ARG B 1 15 ? 5.36341   8.44387   -1.14858  1.000 62.84000  ? 14  ARG B HG2  1 
ATOM   823  H  HG3  . ARG B 1 15 ? 4.57611   8.17206   0.20465   1.000 62.84000  ? 14  ARG B HG3  1 
ATOM   824  H  HD2  . ARG B 1 15 ? 6.99244   7.51493   0.89610   1.000 80.69000  ? 14  ARG B HD2  1 
ATOM   825  H  HD3  . ARG B 1 15 ? 7.27538   8.71599   -0.10563  1.000 80.69000  ? 14  ARG B HD3  1 
ATOM   826  H  HE   . ARG B 1 15 ? 6.59481   9.07860   2.36738   1.000 101.78000 ? 14  ARG B HE   1 
ATOM   827  H  HH11 . ARG B 1 15 ? 5.41516   10.33428  -0.48257  1.000 83.09000  ? 14  ARG B HH11 1 
ATOM   828  H  HH12 . ARG B 1 15 ? 4.89175   11.59854  0.10613   1.000 83.09000  ? 14  ARG B HH12 1 
ATOM   829  H  HH21 . ARG B 1 15 ? 5.78089   11.01655  3.22877   1.000 102.71000 ? 14  ARG B HH21 1 
ATOM   830  H  HH22 . ARG B 1 15 ? 5.11162   12.00757  2.33907   1.000 102.71000 ? 14  ARG B HH22 1 
ATOM   831  N  N    . GLN B 1 16 ? 4.47236   3.59905   -1.08803  1.000 30.00000  ? 15  GLN B N    1 
ATOM   832  C  CA   . GLN B 1 16 ? 4.76582   2.27577   -1.61600  1.000 34.71000  ? 15  GLN B CA   1 
ATOM   833  C  C    . GLN B 1 16 ? 3.66410   1.81377   -2.53634  1.000 32.50000  ? 15  GLN B C    1 
ATOM   834  O  O    . GLN B 1 16 ? 3.92141   1.28406   -3.61451  1.000 31.55000  ? 15  GLN B O    1 
ATOM   835  C  CB   . GLN B 1 16 ? 4.92123   1.29645   -0.46700  1.000 34.52000  ? 15  GLN B CB   1 
ATOM   836  C  CG   . GLN B 1 16 ? 6.18835   1.55175   0.38794   1.000 46.29000  ? 15  GLN B CG   1 
ATOM   837  C  CD   . GLN B 1 16 ? 6.24783   0.62871   1.60517   1.000 56.75000  ? 15  GLN B CD   1 
ATOM   838  O  OE1  . GLN B 1 16 ? 5.86770   -0.55194  1.53216   1.000 65.14000  ? 15  GLN B OE1  1 
ATOM   839  N  NE2  . GLN B 1 16 ? 6.68150   1.16996   2.73525   1.000 47.71000  ? 15  GLN B NE2  1 
ATOM   840  H  H    . GLN B 1 16 ? 4.39103   3.62780   -0.23203  1.000 36.03000  ? 15  GLN B H    1 
ATOM   841  H  HA   . GLN B 1 16 ? 5.59698   2.30663   -2.11561  1.000 41.68000  ? 15  GLN B HA   1 
ATOM   842  H  HB2  . GLN B 1 16 ? 4.14890   1.37113   0.11623   1.000 41.45000  ? 15  GLN B HB2  1 
ATOM   843  H  HB3  . GLN B 1 16 ? 4.97960   0.39763   -0.82567  1.000 41.45000  ? 15  GLN B HB3  1 
ATOM   844  H  HG2  . GLN B 1 16 ? 6.97717   1.39084   -0.15433  1.000 55.57000  ? 15  GLN B HG2  1 
ATOM   845  H  HG3  . GLN B 1 16 ? 6.18268   2.46946   0.70229   1.000 55.57000  ? 15  GLN B HG3  1 
ATOM   846  H  HE21 . GLN B 1 16 ? 6.91117   1.99829   2.75552   1.000 57.28000  ? 15  GLN B HE21 1 
ATOM   847  H  HE22 . GLN B 1 16 ? 6.73321   0.69290   3.44898   1.000 57.28000  ? 15  GLN B HE22 1 
ATOM   848  N  N    . ASN B 1 17 ? 2.43090   1.95022   -2.09088  1.000 29.73000  ? 16  ASN B N    1 
ATOM   849  C  CA   . ASN B 1 17 ? 1.32681   1.48097   -2.90756  1.000 28.10000  ? 16  ASN B CA   1 
ATOM   850  C  C    . ASN B 1 17 ? 1.17451   2.27411   -4.21506  1.000 28.93000  ? 16  ASN B C    1 
ATOM   851  O  O    . ASN B 1 17 ? 0.78320   1.67668   -5.24110  1.000 30.87000  ? 16  ASN B O    1 
ATOM   852  C  CB   . ASN B 1 17 ? 0.02426   1.53382   -2.09539  1.000 31.37000  ? 16  ASN B CB   1 
ATOM   853  C  CG   . ASN B 1 17 ? -0.06472  0.49680   -1.02014  1.000 30.01000  ? 16  ASN B CG   1 
ATOM   854  O  OD1  . ASN B 1 17 ? 0.78249   -0.38878  -0.88030  1.000 33.08000  ? 16  ASN B OD1  1 
ATOM   855  N  ND2  . ASN B 1 17 ? -1.15302  0.59087   -0.23571  1.000 34.16000  ? 16  ASN B ND2  1 
ATOM   856  H  H    . ASN B 1 17 ? 2.20644   2.30103   -1.33813  1.000 35.70000  ? 16  ASN B H    1 
ATOM   857  H  HA   . ASN B 1 17 ? 1.50784   0.56027   -3.15361  1.000 33.75000  ? 16  ASN B HA   1 
ATOM   858  H  HB2  . ASN B 1 17 ? -0.04323  2.40380   -1.67133  1.000 37.67000  ? 16  ASN B HB2  1 
ATOM   859  H  HB3  . ASN B 1 17 ? -0.72417  1.40004   -2.69781  1.000 37.67000  ? 16  ASN B HB3  1 
ATOM   860  H  HD21 . ASN B 1 17 ? -1.72924  1.21484   -0.37269  1.000 41.02000  ? 16  ASN B HD21 1 
ATOM   861  H  HD22 . ASN B 1 17 ? -1.27151  0.02808   0.40412   1.000 41.02000  ? 16  ASN B HD22 1 
ATOM   862  N  N    . ALA B 1 18 ? 1.41443   3.57942   -4.20067  1.000 29.51000  ? 17  ALA B N    1 
ATOM   863  C  CA   . ALA B 1 18 ? 1.33258   4.37058   -5.44493  1.000 28.74000  ? 17  ALA B CA   1 
ATOM   864  C  C    . ALA B 1 18 ? 2.37311   3.91336   -6.45011  1.000 29.87000  ? 17  ALA B C    1 
ATOM   865  O  O    . ALA B 1 18 ? 2.06478   3.74759   -7.63620  1.000 31.70000  ? 17  ALA B O    1 
ATOM   866  C  CB   . ALA B 1 18 ? 1.50083   5.84501   -5.13470  1.000 34.16000  ? 17  ALA B CB   1 
ATOM   867  H  H    . ALA B 1 18 ? 1.62384   4.03608   -3.50276  1.000 35.43000  ? 17  ALA B H    1 
ATOM   868  H  HA   . ALA B 1 18 ? 0.45593   4.24693   -5.84089  1.000 34.51000  ? 17  ALA B HA   1 
ATOM   869  H  HB1  . ALA B 1 18 ? 1.43267   6.35037   -5.95900  1.000 41.02000  ? 17  ALA B HB1  1 
ATOM   870  H  HB2  . ALA B 1 18 ? 0.80225   6.12014   -4.51972  1.000 41.02000  ? 17  ALA B HB2  1 
ATOM   871  H  HB3  . ALA B 1 18 ? 2.37154   5.98519   -4.73070  1.000 41.02000  ? 17  ALA B HB3  1 
ATOM   872  N  N    . ARG B 1 19 ? 3.55851   3.53745   -5.95471  1.000 33.08000  ? 18  ARG B N    1 
ATOM   873  C  CA   . ARG B 1 19 ? 4.61710   2.96588   -6.78540  1.000 28.23000  ? 18  ARG B CA   1 
ATOM   874  C  C    . ARG B 1 19 ? 4.20940   1.65401   -7.40199  1.000 29.43000  ? 18  ARG B C    1 
ATOM   875  O  O    . ARG B 1 19 ? 4.32608   1.46415   -8.61281  1.000 30.99000  ? 18  ARG B O    1 
ATOM   876  C  CB   . ARG B 1 19 ? 5.82733   2.74398   -5.92850  1.000 33.07000  ? 18  ARG B CB   1 
ATOM   877  C  CG   . ARG B 1 19 ? 7.12071   2.61718   -6.60667  1.000 41.96000  ? 18  ARG B CG   1 
ATOM   878  C  CD   . ARG B 1 19 ? 8.26835   2.57328   -5.56428  1.000 47.43000  ? 18  ARG B CD   1 
ATOM   879  N  NE   . ARG B 1 19 ? 9.52875   2.16911   -6.16889  1.000 45.60000  ? 18  ARG B NE   1 
ATOM   880  C  CZ   . ARG B 1 19 ? 10.25828  2.96066   -6.91346  1.000 46.28000  ? 18  ARG B CZ   1 
ATOM   881  N  NH1  . ARG B 1 19 ? 9.86629   4.20375   -7.13520  1.000 52.75000  ? 18  ARG B NH1  1 
ATOM   882  N  NH2  . ARG B 1 19 ? 11.39801  2.52751   -7.38835  1.000 43.84000  ? 18  ARG B NH2  1 
ATOM   883  H  H    . ARG B 1 19 ? 3.77883   3.60440   -5.12693  1.000 39.72000  ? 18  ARG B H    1 
ATOM   884  H  HA   . ARG B 1 19 ? 4.81474   3.58816   -7.50278  1.000 33.90000  ? 18  ARG B HA   1 
ATOM   885  H  HB2  . ARG B 1 19 ? 5.90204   3.49508   -5.31971  1.000 39.71000  ? 18  ARG B HB2  1 
ATOM   886  H  HB3  . ARG B 1 19 ? 5.69131   1.92411   -5.42918  1.000 39.71000  ? 18  ARG B HB3  1 
ATOM   887  H  HG2  . ARG B 1 19 ? 7.13935   1.79671   -7.12411  1.000 50.38000  ? 18  ARG B HG2  1 
ATOM   888  H  HG3  . ARG B 1 19 ? 7.26015   3.38003   -7.18988  1.000 50.38000  ? 18  ARG B HG3  1 
ATOM   889  H  HD2  . ARG B 1 19 ? 8.38491   3.45566   -5.17903  1.000 56.94000  ? 18  ARG B HD2  1 
ATOM   890  H  HD3  . ARG B 1 19 ? 8.04527   1.93391   -4.86914  1.000 56.94000  ? 18  ARG B HD3  1 
ATOM   891  H  HE   . ARG B 1 19 ? 9.80901   1.36823   -6.02954  1.000 54.74000  ? 18  ARG B HE   1 
ATOM   892  H  HH11 . ARG B 1 19 ? 9.13215   4.49110   -6.79103  1.000 63.32000  ? 18  ARG B HH11 1 
ATOM   893  H  HH12 . ARG B 1 19 ? 10.34449  4.72466   -7.62427  1.000 63.32000  ? 18  ARG B HH12 1 
ATOM   894  H  HH21 . ARG B 1 19 ? 11.66282  1.72780   -7.21055  1.000 52.64000  ? 18  ARG B HH21 1 
ATOM   895  H  HH22 . ARG B 1 19 ? 11.88366  3.04143   -7.87819  1.000 52.64000  ? 18  ARG B HH22 1 
ATOM   896  N  N    . LEU B 1 20 ? 3.61572   0.77393   -6.60512  1.000 26.70000  ? 19  LEU B N    1 
ATOM   897  C  CA   . LEU B 1 20 ? 3.13853   -0.45697  -7.18014  1.000 27.58000  ? 19  LEU B CA   1 
ATOM   898  C  C    . LEU B 1 20 ? 2.03017   -0.20986  -8.19878  1.000 29.75000  ? 19  LEU B C    1 
ATOM   899  O  O    . LEU B 1 20 ? 1.98077   -0.90406  -9.21498  1.000 32.61000  ? 19  LEU B O    1 
ATOM   900  C  CB   . LEU B 1 20 ? 2.66236   -1.34488  -6.06208  1.000 30.17000  ? 19  LEU B CB   1 
ATOM   901  C  CG   . LEU B 1 20 ? 3.73734   -1.97170  -5.20591  1.000 32.59000  ? 19  LEU B CG   1 
ATOM   902  C  CD1  . LEU B 1 20 ? 3.07188   -2.72748  -3.98867  1.000 41.34000  ? 19  LEU B CD1  1 
ATOM   903  C  CD2  . LEU B 1 20 ? 4.61359   -2.88107  -5.89675  1.000 36.84000  ? 19  LEU B CD2  1 
ATOM   904  H  H    . LEU B 1 20 ? 3.48354   0.86731   -5.76048  1.000 32.07000  ? 19  LEU B H    1 
ATOM   905  H  HA   . LEU B 1 20 ? 3.85836   -0.90283  -7.65451  1.000 33.12000  ? 19  LEU B HA   1 
ATOM   906  H  HB2  . LEU B 1 20 ? 2.10090   -0.81609  -5.47434  1.000 36.23000  ? 19  LEU B HB2  1 
ATOM   907  H  HB3  . LEU B 1 20 ? 2.14700   -2.06944  -6.45044  1.000 36.23000  ? 19  LEU B HB3  1 
ATOM   908  H  HG   . LEU B 1 20 ? 4.29943   -1.23979  -4.90690  1.000 39.13000  ? 19  LEU B HG   1 
ATOM   909  H  HD11 . LEU B 1 20 ? 3.76732   -3.14691  -3.45875  1.000 49.64000  ? 19  LEU B HD11 1 
ATOM   910  H  HD12 . LEU B 1 20 ? 2.58424   -2.08732  -3.44663  1.000 49.64000  ? 19  LEU B HD12 1 
ATOM   911  H  HD13 . LEU B 1 20 ? 2.46400   -3.40249  -4.33028  1.000 49.64000  ? 19  LEU B HD13 1 
ATOM   912  H  HD21 . LEU B 1 20 ? 5.30201   -3.18303  -5.28336  1.000 44.23000  ? 19  LEU B HD21 1 
ATOM   913  H  HD22 . LEU B 1 20 ? 4.09792   -3.63808  -6.21323  1.000 44.23000  ? 19  LEU B HD22 1 
ATOM   914  H  HD23 . LEU B 1 20 ? 5.01925   -2.41960  -6.64719  1.000 44.23000  ? 19  LEU B HD23 1 
ATOM   915  N  N    . GLN B 1 21 ? 1.06183   0.65579   -7.86713  1.000 27.27000  ? 20  GLN B N    1 
ATOM   916  C  CA   . GLN B 1 21 ? -0.05808  0.95638   -8.76661  1.000 30.83000  ? 20  GLN B CA   1 
ATOM   917  C  C    . GLN B 1 21 ? 0.43454   1.53529   -10.08596 1.000 36.63000  ? 20  GLN B C    1 
ATOM   918  O  O    . GLN B 1 21 ? -0.15872  1.25188   -11.12883 1.000 33.34000  ? 20  GLN B O    1 
ATOM   919  C  CB   . GLN B 1 21 ? -1.03601  1.93125   -8.11679  1.000 40.95000  ? 20  GLN B CB   1 
ATOM   920  C  CG   . GLN B 1 21 ? -2.32453  2.13389   -8.96320  1.000 34.65000  ? 20  GLN B CG   1 
ATOM   921  C  CD   . GLN B 1 21 ? -3.23966  0.94469   -9.01606  1.000 39.85000  ? 20  GLN B CD   1 
ATOM   922  O  OE1  . GLN B 1 21 ? -3.68996  0.49696   -10.10303 1.000 49.86000  ? 20  GLN B OE1  1 
ATOM   923  N  NE2  . GLN B 1 21 ? -3.56915  0.45965   -7.87451  1.000 34.26000  ? 20  GLN B NE2  1 
ATOM   924  H  H    . GLN B 1 21 ? 1.02890   1.08632   -7.12323  1.000 32.75000  ? 20  GLN B H    1 
ATOM   925  H  HA   . GLN B 1 21 ? -0.52980  0.12546   -8.93944  1.000 37.02000  ? 20  GLN B HA   1 
ATOM   926  H  HB2  . GLN B 1 21 ? -1.29680  1.58743   -7.24811  1.000 49.16000  ? 20  GLN B HB2  1 
ATOM   927  H  HB3  . GLN B 1 21 ? -0.60320  2.79360   -8.01595  1.000 49.16000  ? 20  GLN B HB3  1 
ATOM   928  H  HG2  . GLN B 1 21 ? -2.82822  2.87180   -8.58529  1.000 41.60000  ? 20  GLN B HG2  1 
ATOM   929  H  HG3  . GLN B 1 21 ? -2.06427  2.34191   -9.87415  1.000 41.60000  ? 20  GLN B HG3  1 
ATOM   930  H  HE21 . GLN B 1 21 ? -3.26738  0.81694   -7.15211  1.000 41.13000  ? 20  GLN B HE21 1 
ATOM   931  H  HE22 . GLN B 1 21 ? -4.09136  -0.22228  -7.83096  1.000 41.13000  ? 20  GLN B HE22 1 
ATOM   932  N  N    . ARG B 1 22 ? 1.49987   2.37113   -10.07388 1.000 30.13000  ? 21  ARG B N    1 
ATOM   933  C  CA   . ARG B 1 22 ? 2.09243   2.83476   -11.33935 1.000 30.29000  ? 21  ARG B CA   1 
ATOM   934  C  C    . ARG B 1 22 ? 2.61739   1.66883   -12.18885 1.000 30.22000  ? 21  ARG B C    1 
ATOM   935  O  O    . ARG B 1 22 ? 2.52916   1.69732   -13.42616 1.000 31.61000  ? 21  ARG B O    1 
ATOM   936  C  CB   . ARG B 1 22 ? 3.24746   3.81175   -11.07268 1.000 37.83000  ? 21  ARG B CB   1 
ATOM   937  C  CG   . ARG B 1 22 ? 2.79660   5.18013   -10.80493 1.000 43.37000  ? 21  ARG B CG   1 
ATOM   938  C  CD   . ARG B 1 22 ? 3.84955   6.14985   -11.23926 1.000 44.60000  ? 21  ARG B CD   1 
ATOM   939  N  NE   . ARG B 1 22 ? 5.11100   5.87194   -10.62762 1.000 38.17000  ? 21  ARG B NE   1 
ATOM   940  C  CZ   . ARG B 1 22 ? 5.44132   6.17090   -9.38088  1.000 39.05000  ? 21  ARG B CZ   1 
ATOM   941  N  NH1  . ARG B 1 22 ? 4.56342   6.74180   -8.53933  1.000 41.79000  ? 21  ARG B NH1  1 
ATOM   942  N  NH2  . ARG B 1 22 ? 6.66861   5.88862   -8.98274  1.000 41.64000  ? 21  ARG B NH2  1 
ATOM   943  H  H    . ARG B 1 22 ? 1.88413   2.67278   -9.36610  1.000 36.18000  ? 21  ARG B H    1 
ATOM   944  H  HA   . ARG B 1 22 ? 1.39436   3.29482   -11.83120 1.000 36.37000  ? 21  ARG B HA   1 
ATOM   945  H  HB2  . ARG B 1 22 ? 3.74665   3.50544   -10.30014 1.000 45.42000  ? 21  ARG B HB2  1 
ATOM   946  H  HB3  . ARG B 1 22 ? 3.82530   3.83544   -11.85264 1.000 45.42000  ? 21  ARG B HB3  1 
ATOM   947  H  HG2  . ARG B 1 22 ? 1.98184   5.36075   -11.30121 1.000 52.06000  ? 21  ARG B HG2  1 
ATOM   948  H  HG3  . ARG B 1 22 ? 2.63856   5.29391   -9.85459  1.000 52.06000  ? 21  ARG B HG3  1 
ATOM   949  H  HD2  . ARG B 1 22 ? 3.95975   6.09415   -12.20193 1.000 53.54000  ? 21  ARG B HD2  1 
ATOM   950  H  HD3  . ARG B 1 22 ? 3.58162   7.04841   -10.98789 1.000 53.54000  ? 21  ARG B HD3  1 
ATOM   951  H  HE   . ARG B 1 22 ? 5.70482   5.47804   -11.10885 1.000 45.83000  ? 21  ARG B HE   1 
ATOM   952  H  HH11 . ARG B 1 22 ? 3.76597   6.92199   -8.80664  1.000 50.18000  ? 21  ARG B HH11 1 
ATOM   953  H  HH12 . ARG B 1 22 ? 4.79977   6.92797   -7.73347  1.000 50.18000  ? 21  ARG B HH12 1 
ATOM   954  H  HH21 . ARG B 1 22 ? 7.22415   5.52223   -9.52807  1.000 49.99000  ? 21  ARG B HH21 1 
ATOM   955  H  HH22 . ARG B 1 22 ? 6.91230   6.07104   -8.17832  1.000 49.99000  ? 21  ARG B HH22 1 
ATOM   956  N  N    . GLN B 1 23 ? 3.23442   0.67696   -11.54531 1.000 29.99000  ? 22  GLN B N    1 
ATOM   957  C  CA   . GLN B 1 23 ? 3.74770   -0.47248  -12.26078 1.000 28.47000  ? 22  GLN B CA   1 
ATOM   958  C  C    . GLN B 1 23 ? 2.61752   -1.29343  -12.80348 1.000 30.69000  ? 22  GLN B C    1 
ATOM   959  O  O    . GLN B 1 23 ? 2.67197   -1.74049  -13.93676 1.000 30.51000  ? 22  GLN B O    1 
ATOM   960  C  CB   . GLN B 1 23 ? 4.58050   -1.34952  -11.37349 1.000 28.93000  ? 22  GLN B CB   1 
ATOM   961  C  CG   . GLN B 1 23 ? 5.82927   -0.66717  -10.82481 1.000 36.49000  ? 22  GLN B CG   1 
ATOM   962  C  CD   . GLN B 1 23 ? 6.55317   -1.57818  -9.79944  1.000 44.68000  ? 22  GLN B CD   1 
ATOM   963  O  OE1  . GLN B 1 23 ? 6.74315   -1.19251  -8.63139  1.000 52.63000  ? 22  GLN B OE1  1 
ATOM   964  N  NE2  . GLN B 1 23 ? 6.94859   -2.76189  -10.22890 1.000 35.84000  ? 22  GLN B NE2  1 
ATOM   965  H  H    . GLN B 1 23 ? 3.36651   0.64959   -10.69602 1.000 36.01000  ? 22  GLN B H    1 
ATOM   966  H  HA   . GLN B 1 23 ? 4.31143   -0.14389  -12.97913 1.000 34.19000  ? 22  GLN B HA   1 
ATOM   967  H  HB2  . GLN B 1 23 ? 4.03981   -1.62819  -10.61795 1.000 34.74000  ? 22  GLN B HB2  1 
ATOM   968  H  HB3  . GLN B 1 23 ? 4.86618   -2.12466  -11.88151 1.000 34.74000  ? 22  GLN B HB3  1 
ATOM   969  H  HG2  . GLN B 1 23 ? 6.44120   -0.47779  -11.55434 1.000 43.81000  ? 22  GLN B HG2  1 
ATOM   970  H  HG3  . GLN B 1 23 ? 5.57847   0.15746   -10.38023 1.000 43.81000  ? 22  GLN B HG3  1 
ATOM   971  H  HE21 . GLN B 1 23 ? 6.80161   -2.99526  -11.04385 1.000 43.03000  ? 22  GLN B HE21 1 
ATOM   972  H  HE22 . GLN B 1 23 ? 7.35408   -3.29979  -9.69487  1.000 43.03000  ? 22  GLN B HE22 1 
ATOM   973  N  N    . ILE B 1 24 ? 1.55359   -1.43570  -12.02852 1.000 30.93000  ? 23  ILE B N    1 
ATOM   974  C  CA   . ILE B 1 24 ? 0.40975   -2.18592  -12.51203 1.000 30.05000  ? 23  ILE B CA   1 
ATOM   975  C  C    . ILE B 1 24 ? -0.16847  -1.50758  -13.74949 1.000 31.15000  ? 23  ILE B C    1 
ATOM   976  O  O    . ILE B 1 24 ? -0.52170  -2.16578  -14.72954 1.000 33.72000  ? 23  ILE B O    1 
ATOM   977  C  CB   . ILE B 1 24 ? -0.63691  -2.35573  -11.39800 1.000 29.94000  ? 23  ILE B CB   1 
ATOM   978  C  CG1  . ILE B 1 24 ? -0.09439  -3.36536  -10.37054 1.000 30.10000  ? 23  ILE B CG1  1 
ATOM   979  C  CG2  . ILE B 1 24 ? -2.01604  -2.73645  -11.96202 1.000 32.19000  ? 23  ILE B CG2  1 
ATOM   980  C  CD1  . ILE B 1 24 ? -0.76572  -3.24851  -9.05537  1.000 32.82000  ? 23  ILE B CD1  1 
ATOM   981  H  H    . ILE B 1 24 ? 1.46842   -1.11510  -11.23540 1.000 37.14000  ? 23  ILE B H    1 
ATOM   982  H  HA   . ILE B 1 24 ? 0.70038   -3.07527  -12.76879 1.000 36.09000  ? 23  ILE B HA   1 
ATOM   983  H  HB   . ILE B 1 24 ? -0.77964  -1.50849  -10.94782 1.000 35.96000  ? 23  ILE B HB   1 
ATOM   984  H  HG12 . ILE B 1 24 ? -0.23723  -4.26450  -10.70380 1.000 36.15000  ? 23  ILE B HG12 1 
ATOM   985  H  HG13 . ILE B 1 24 ? 0.85349   -3.20636  -10.24005 1.000 36.15000  ? 23  ILE B HG13 1 
ATOM   986  H  HG21 . ILE B 1 24 ? -2.55682  -3.10842  -11.24725 1.000 38.66000  ? 23  ILE B HG21 1 
ATOM   987  H  HG22 . ILE B 1 24 ? -2.44193  -1.94106  -12.31869 1.000 38.66000  ? 23  ILE B HG22 1 
ATOM   988  H  HG23 . ILE B 1 24 ? -1.89970  -3.39417  -12.66509 1.000 38.66000  ? 23  ILE B HG23 1 
ATOM   989  H  HD11 . ILE B 1 24 ? -0.37320  -3.89159  -8.44317  1.000 39.40000  ? 23  ILE B HD11 1 
ATOM   990  H  HD12 . ILE B 1 24 ? -0.64072  -2.34944  -8.71500  1.000 39.40000  ? 23  ILE B HD12 1 
ATOM   991  H  HD13 . ILE B 1 24 ? -1.71142  -3.43240  -9.16631  1.000 39.40000  ? 23  ILE B HD13 1 
ATOM   992  N  N    . ARG B 1 25 ? -0.34587  -0.18940  -13.68361 1.000 28.05000  ? 24  ARG B N    1 
ATOM   993  C  CA   . ARG B 1 25 ? -0.88732  0.54291   -14.81649 1.000 31.30000  ? 24  ARG B CA   1 
ATOM   994  C  C    . ARG B 1 25 ? -0.05262  0.33119   -16.06357 1.000 32.57000  ? 24  ARG B C    1 
ATOM   995  O  O    . ARG B 1 25 ? -0.58919  0.10925   -17.15850 1.000 33.03000  ? 24  ARG B O    1 
ATOM   996  C  CB   . ARG B 1 25 ? -0.95143  2.01970   -14.47167 1.000 31.64000  ? 24  ARG B CB   1 
ATOM   997  C  CG   . ARG B 1 25 ? -2.05878  2.39638   -13.52731 1.000 30.09000  ? 24  ARG B CG   1 
ATOM   998  C  CD   . ARG B 1 25 ? -2.44254  3.81808   -13.58878 1.000 38.53000  ? 24  ARG B CD   1 
ATOM   999  N  NE   . ARG B 1 25 ? -1.37964  4.68540   -13.16840 1.000 42.18000  ? 24  ARG B NE   1 
ATOM   1000 C  CZ   . ARG B 1 25 ? -1.23375  5.15875   -11.93763 1.000 33.42000  ? 24  ARG B CZ   1 
ATOM   1001 N  NH1  . ARG B 1 25 ? -2.12172  4.92698   -10.97524 1.000 36.25000  ? 24  ARG B NH1  1 
ATOM   1002 N  NH2  . ARG B 1 25 ? -0.22435  5.97608   -11.68567 1.000 44.32000  ? 24  ARG B NH2  1 
ATOM   1003 H  H    . ARG B 1 25 ? -0.16245  0.29903   -13.00080 1.000 33.69000  ? 24  ARG B H    1 
ATOM   1004 H  HA   . ARG B 1 25 ? -1.78410  0.22288   -15.00214 1.000 37.58000  ? 24  ARG B HA   1 
ATOM   1005 H  HB2  . ARG B 1 25 ? -0.11310  2.27698   -14.05581 1.000 37.99000  ? 24  ARG B HB2  1 
ATOM   1006 H  HB3  . ARG B 1 25 ? -1.08299  2.52281   -15.29055 1.000 37.99000  ? 24  ARG B HB3  1 
ATOM   1007 H  HG2  . ARG B 1 25 ? -2.84427  1.86994   -13.74240 1.000 36.13000  ? 24  ARG B HG2  1 
ATOM   1008 H  HG3  . ARG B 1 25 ? -1.77156  2.20781   -12.61984 1.000 36.13000  ? 24  ARG B HG3  1 
ATOM   1009 H  HD2  . ARG B 1 25 ? -2.67404  4.04591   -14.50160 1.000 46.26000  ? 24  ARG B HD2  1 
ATOM   1010 H  HD3  . ARG B 1 25 ? -3.20271  3.96776   -13.00511 1.000 46.26000  ? 24  ARG B HD3  1 
ATOM   1011 H  HE   . ARG B 1 25 ? -0.79502  4.91451   -13.75606 1.000 50.64000  ? 24  ARG B HE   1 
ATOM   1012 H  HH11 . ARG B 1 25 ? -2.82130  4.45515   -11.14047 1.000 43.52000  ? 24  ARG B HH11 1 
ATOM   1013 H  HH12 . ARG B 1 25 ? -1.99602  5.24945   -10.18791 1.000 43.52000  ? 24  ARG B HH12 1 
ATOM   1014 H  HH21 . ARG B 1 25 ? 0.32156   6.19197   -12.31360 1.000 53.20000  ? 24  ARG B HH21 1 
ATOM   1015 H  HH22 . ARG B 1 25 ? -0.11512  6.29325   -10.89290 1.000 53.20000  ? 24  ARG B HH22 1 
ATOM   1016 N  N    . ALA B 1 26 ? 1.26146   0.29013   -15.90378 1.000 31.49000  ? 25  ALA B N    1 
ATOM   1017 C  CA   . ALA B 1 26 ? 2.15519   0.06030   -17.03501 1.000 33.42000  ? 25  ALA B CA   1 
ATOM   1018 C  C    . ALA B 1 26 ? 1.97239   -1.32516  -17.66132 1.000 29.22000  ? 25  ALA B C    1 
ATOM   1019 O  O    . ALA B 1 26 ? 2.23892   -1.51448  -18.83069 1.000 32.44000  ? 25  ALA B O    1 
ATOM   1020 C  CB   . ALA B 1 26 ? 3.59591   0.23448   -16.55930 1.000 35.87000  ? 25  ALA B CB   1 
ATOM   1021 H  H    . ALA B 1 26 ? 1.66770   0.39119   -15.15209 1.000 37.81000  ? 25  ALA B H    1 
ATOM   1022 H  HA   . ALA B 1 26 ? 1.95872   0.70966   -17.72854 1.000 40.13000  ? 25  ALA B HA   1 
ATOM   1023 H  HB1  . ALA B 1 26 ? 4.19587   0.08663   -17.30695 1.000 43.07000  ? 25  ALA B HB1  1 
ATOM   1024 H  HB2  . ALA B 1 26 ? 3.70945   1.13593   -16.21897 1.000 43.07000  ? 25  ALA B HB2  1 
ATOM   1025 H  HB3  . ALA B 1 26 ? 3.77728   -0.40934  -15.85724 1.000 43.07000  ? 25  ALA B HB3  1 
ATOM   1026 N  N    . LEU B 1 27 ? 1.57376   -2.31707  -16.89374 1.000 30.63000  ? 26  LEU B N    1 
ATOM   1027 C  CA   . LEU B 1 27 ? 1.50281   -3.69884  -17.34827 1.000 34.37000  ? 26  LEU B CA   1 
ATOM   1028 C  C    . LEU B 1 27 ? 0.13236   -4.07215  -17.88791 1.000 34.49000  ? 26  LEU B C    1 
ATOM   1029 O  O    . LEU B 1 27 ? -0.01015  -5.11811  -18.52287 1.000 35.22000  ? 26  LEU B O    1 
ATOM   1030 C  CB   . LEU B 1 27 ? 1.86176   -4.59125  -16.17791 1.000 37.09000  ? 26  LEU B CB   1 
ATOM   1031 C  CG   . LEU B 1 27 ? 3.32513   -4.59478  -15.75002 1.000 37.71000  ? 26  LEU B CG   1 
ATOM   1032 C  CD1  . LEU B 1 27 ? 3.50968   -5.32507  -14.40235 1.000 40.39000  ? 26  LEU B CD1  1 
ATOM   1033 C  CD2  . LEU B 1 27 ? 4.18414   -5.19199  -16.81250 1.000 42.40000  ? 26  LEU B CD2  1 
ATOM   1034 H  H    . LEU B 1 27 ? 1.32994   -2.21766  -16.07519 1.000 36.78000  ? 26  LEU B H    1 
ATOM   1035 H  HA   . LEU B 1 27 ? 2.13567   -3.85201  -18.06702 1.000 41.27000  ? 26  LEU B HA   1 
ATOM   1036 H  HB2  . LEU B 1 27 ? 1.34078   -4.30586  -15.41047 1.000 44.53000  ? 26  LEU B HB2  1 
ATOM   1037 H  HB3  . LEU B 1 27 ? 1.63080   -5.50358  -16.41352 1.000 44.53000  ? 26  LEU B HB3  1 
ATOM   1038 H  HG   . LEU B 1 27 ? 3.61447   -3.67813  -15.62052 1.000 45.27000  ? 26  LEU B HG   1 
ATOM   1039 H  HD11 . LEU B 1 27 ? 4.44771   -5.30215  -14.15705 1.000 48.50000  ? 26  LEU B HD11 1 
ATOM   1040 H  HD12 . LEU B 1 27 ? 2.97947   -4.87654  -13.72564 1.000 48.50000  ? 26  LEU B HD12 1 
ATOM   1041 H  HD13 . LEU B 1 27 ? 3.21466   -6.24403  -14.49845 1.000 48.50000  ? 26  LEU B HD13 1 
ATOM   1042 H  HD21 . LEU B 1 27 ? 4.79770   -5.82336  -16.40398 1.000 50.91000  ? 26  LEU B HD21 1 
ATOM   1043 H  HD22 . LEU B 1 27 ? 3.61954   -5.64747  -17.45542 1.000 50.91000  ? 26  LEU B HD22 1 
ATOM   1044 H  HD23 . LEU B 1 27 ? 4.68190   -4.48332  -17.25067 1.000 50.91000  ? 26  LEU B HD23 1 
ATOM   1045 N  N    . GLN B 1 28 ? -0.86133  -3.24582  -17.62106 1.000 33.48000  ? 27  GLN B N    1 
ATOM   1046 C  CA   . GLN B 1 28 ? -2.21191  -3.47404  -18.10779 1.000 31.22000  ? 27  GLN B CA   1 
ATOM   1047 C  C    . GLN B 1 28 ? -2.29836  -3.20330  -19.61279 1.000 37.03000  ? 27  GLN B C    1 
ATOM   1048 O  O    . GLN B 1 28 ? -1.46248  -2.54213  -20.22304 1.000 37.09000  ? 27  GLN B O    1 
ATOM   1049 C  CB   . GLN B 1 28 ? -3.19680  -2.63110  -17.34894 1.000 34.19000  ? 27  GLN B CB   1 
ATOM   1050 C  CG   . GLN B 1 28 ? -3.46016  -3.19220  -15.90139 1.000 38.07000  ? 27  GLN B CG   1 
ATOM   1051 C  CD   . GLN B 1 28 ? -4.21294  -2.25022  -15.02412 1.000 46.09000  ? 27  GLN B CD   1 
ATOM   1052 O  OE1  . GLN B 1 28 ? -4.13377  -1.03717  -15.16252 1.000 52.03000  ? 27  GLN B OE1  1 
ATOM   1053 N  NE2  . GLN B 1 28 ? -4.92768  -2.81041  -14.06859 1.000 50.80000  ? 27  GLN B NE2  1 
ATOM   1054 H  H    . GLN B 1 28 ? -0.78278  -2.52936  -17.15099 1.000 40.20000  ? 27  GLN B H    1 
ATOM   1055 H  HA   . GLN B 1 28 ? -2.45623  -4.40266  -17.96674 1.000 37.48000  ? 27  GLN B HA   1 
ATOM   1056 H  HB2  . GLN B 1 28 ? -2.84721  -1.73029  -17.26626 1.000 41.05000  ? 27  GLN B HB2  1 
ATOM   1057 H  HB3  . GLN B 1 28 ? -4.04059  -2.61775  -17.82729 1.000 41.05000  ? 27  GLN B HB3  1 
ATOM   1058 H  HG2  . GLN B 1 28 ? -3.97758  -4.00924  -15.97153 1.000 45.70000  ? 27  GLN B HG2  1 
ATOM   1059 H  HG3  . GLN B 1 28 ? -2.60743  -3.37419  -15.47691 1.000 45.70000  ? 27  GLN B HG3  1 
ATOM   1060 H  HE21 . GLN B 1 28 ? -4.93728  -3.66615  -13.98460 1.000 60.98000  ? 27  GLN B HE21 1 
ATOM   1061 H  HE22 . GLN B 1 28 ? -5.38465  -2.31977  -13.52950 1.000 60.98000  ? 27  GLN B HE22 1 
ATOM   1062 N  N    . TRP B 1 29 ? -3.26013  -3.86512  -20.23462 1.000 38.90000  ? 28  TRP B N    1 
ATOM   1063 C  CA   . TRP B 1 29 ? -3.37088  -3.86917  -21.71681 1.000 33.33000  ? 28  TRP B CA   1 
ATOM   1064 C  C    . TRP B 1 29 ? -4.05234  -2.56946  -22.13269 1.000 32.48000  ? 28  TRP B C    1 
ATOM   1065 O  O    . TRP B 1 29 ? -3.38537  -1.62978  -22.67514 1.000 39.35000  ? 28  TRP B O    1 
ATOM   1066 C  CB   . TRP B 1 29 ? -4.13660  -5.12268  -22.23009 1.000 31.97000  ? 28  TRP B CB   1 
ATOM   1067 C  CG   . TRP B 1 29 ? -4.34381  -5.12594  -23.66237 1.000 33.94000  ? 28  TRP B CG   1 
ATOM   1068 C  CD1  . TRP B 1 29 ? -3.53354  -4.61990  -24.62892 1.000 34.82000  ? 28  TRP B CD1  1 
ATOM   1069 C  CD2  . TRP B 1 29 ? -5.44489  -5.68680  -24.31133 1.000 29.41000  ? 28  TRP B CD2  1 
ATOM   1070 N  NE1  . TRP B 1 29 ? -4.07709  -4.84782  -25.88183 1.000 33.25000  ? 28  TRP B NE1  1 
ATOM   1071 C  CE2  . TRP B 1 29 ? -5.29403  -5.44435  -25.70719 1.000 32.18000  ? 28  TRP B CE2  1 
ATOM   1072 C  CE3  . TRP B 1 29 ? -6.58399  -6.35382  -23.87170 1.000 32.73000  ? 28  TRP B CE3  1 
ATOM   1073 C  CZ2  . TRP B 1 29 ? -6.21867  -5.91244  -26.65023 1.000 32.91000  ? 28  TRP B CZ2  1 
ATOM   1074 C  CZ3  . TRP B 1 29 ? -7.45635  -6.83466  -24.82542 1.000 32.67000  ? 28  TRP B CZ3  1 
ATOM   1075 C  CH2  . TRP B 1 29 ? -7.33356  -6.52665  -26.16245 1.000 29.89000  ? 28  TRP B CH2  1 
ATOM   1076 H  H    . TRP B 1 29 ? -3.86847  -4.32536  -19.83734 1.000 46.71000  ? 28  TRP B H    1 
ATOM   1077 H  HA   . TRP B 1 29 ? -2.49746  -3.92401  -22.13484 1.000 40.02000  ? 28  TRP B HA   1 
ATOM   1078 H  HB2  . TRP B 1 29 ? -3.62689  -5.91613  -22.00139 1.000 38.39000  ? 28  TRP B HB2  1 
ATOM   1079 H  HB3  . TRP B 1 29 ? -5.00740  -5.15342  -21.80335 1.000 38.39000  ? 28  TRP B HB3  1 
ATOM   1080 H  HD1  . TRP B 1 29 ? -2.72779  -4.18366  -24.47144 1.000 41.81000  ? 28  TRP B HD1  1 
ATOM   1081 H  HE1  . TRP B 1 29 ? -3.71289  -4.64971  -26.63509 1.000 39.93000  ? 28  TRP B HE1  1 
ATOM   1082 H  HE3  . TRP B 1 29 ? -6.75223  -6.47167  -22.96396 1.000 39.30000  ? 28  TRP B HE3  1 
ATOM   1083 H  HZ2  . TRP B 1 29 ? -6.07863  -5.80951  -27.56307 1.000 39.51000  ? 28  TRP B HZ2  1 
ATOM   1084 H  HZ3  . TRP B 1 29 ? -8.15288  -7.38807  -24.55494 1.000 39.23000  ? 28  TRP B HZ3  1 
ATOM   1085 H  HH2  . TRP B 1 29 ? -8.02600  -6.74255  -26.74499 1.000 35.89000  ? 28  TRP B HH2  1 
HETATM 1086 N  N    . NH2 B 1 30 ? -5.33404  -2.44679  -21.77399 1.000 33.92000  ? 29  NH2 B N    1 
HETATM 1087 H  HN1  . NH2 B 1 30 ? -5.81692  -3.22591  -21.33797 1.000 40.73000  ? 29  NH2 B HN1  1 
HETATM 1088 H  HN2  . NH2 B 1 30 ? -5.82617  -1.57327  -21.93759 1.000 40.73000  ? 29  NH2 B HN2  1 
HETATM 1089 CL CL   . CL  C 2 .  ? -2.47148  -9.27766  3.48561   1.000 42.70000  ? 101 CL  A CL   1 
HETATM 1090 CL CL   . CL  D 2 .  ? 3.25024   -2.69230  11.46626  1.000 50.32000  ? 102 CL  A CL   1 
HETATM 1091 CL CL   . CL  E 2 .  ? -7.43398  -11.02894 -1.20917  1.000 49.90000  ? 103 CL  A CL   1 
HETATM 1092 CL CL   A CL  F 2 .  ? 5.93884   -16.46245 -9.24782  0.450 38.77000  ? 104 CL  A CL   1 
HETATM 1093 CL CL   B CL  F 2 .  ? 5.97681   -16.19931 -10.99156 0.550 50.95000  ? 104 CL  A CL   1 
HETATM 1094 CL CL   . CL  G 2 .  ? 0.72799   11.25359  20.26221  1.000 34.08000  ? 101 CL  B CL   1 
HETATM 1095 O  O    . HOH H 3 .  ? -6.55272  12.84340  18.24847  1.000 41.68000  ? 201 HOH A O    1 
HETATM 1096 O  O    . HOH H 3 .  ? -7.29652  -3.88294  -0.65708  1.000 49.01000  ? 202 HOH A O    1 
HETATM 1097 O  O    . HOH H 3 .  ? -4.74786  9.19098   7.84306   1.000 44.86000  ? 203 HOH A O    1 
HETATM 1098 O  O    . HOH H 3 .  ? 4.98526   -8.72657  -6.68787  1.000 43.24000  ? 204 HOH A O    1 
HETATM 1099 O  O    . HOH H 3 .  ? -7.36325  -2.82824  2.03351   1.000 42.91000  ? 205 HOH A O    1 
HETATM 1100 O  O    . HOH H 3 .  ? -11.90931 5.50245   15.78708  1.000 41.06000  ? 206 HOH A O    1 
HETATM 1101 O  O    . HOH H 3 .  ? -8.18561  -2.42320  8.94976   1.000 34.99000  ? 207 HOH A O    1 
HETATM 1102 O  O    . HOH H 3 .  ? -9.25592  3.80822   9.21021   1.000 38.07000  ? 208 HOH A O    1 
HETATM 1103 O  O    . HOH H 3 .  ? -5.66327  5.13816   2.90838   1.000 43.94000  ? 209 HOH A O    1 
HETATM 1104 O  O    . HOH H 3 .  ? 0.00664   -13.64251 -8.05331  1.000 36.58000  ? 210 HOH A O    1 
HETATM 1105 O  O    . HOH H 3 .  ? -11.55589 3.24836   10.21149  1.000 49.43000  ? 211 HOH A O    1 
HETATM 1106 O  O    . HOH H 3 .  ? -1.68957  -5.63400  15.55639  1.000 41.53000  ? 212 HOH A O    1 
HETATM 1107 O  O    . HOH H 3 .  ? -2.86062  -6.08107  7.25940   1.000 39.63000  ? 213 HOH A O    1 
HETATM 1108 O  O    . HOH H 3 .  ? -8.48023  5.16233   19.48259  1.000 32.40000  ? 214 HOH A O    1 
HETATM 1109 O  O    . HOH H 3 .  ? -3.92622  -5.15738  14.04880  1.000 34.67000  ? 215 HOH A O    1 
HETATM 1110 O  O    . HOH H 3 .  ? 8.80517   -9.75254  -16.01181 1.000 51.11000  ? 216 HOH A O    1 
HETATM 1111 O  O    . HOH H 3 .  ? -12.63491 2.98960   16.99328  1.000 42.80000  ? 217 HOH A O    1 
HETATM 1112 O  O    . HOH H 3 .  ? -5.74810  -6.55799  7.92145   1.000 43.93000  ? 218 HOH A O    1 
HETATM 1113 O  O    . HOH H 3 .  ? 5.93881   -2.19751  -1.58035  1.000 39.52000  ? 219 HOH A O    1 
HETATM 1114 O  O    . HOH H 3 .  ? 6.69557   -8.33690  -17.97050 1.000 28.91000  ? 220 HOH A O    1 
HETATM 1115 O  O    . HOH H 3 .  ? -0.71229  -10.09725 -19.25278 1.000 53.27000  ? 221 HOH A O    1 
HETATM 1116 O  O    . HOH H 3 .  ? -4.67970  -6.49672  -13.43757 0.50  31.04000  ? 222 HOH A O    1 
HETATM 1117 O  O    A HOH H 3 .  ? -4.25653  15.72721  15.36143  0.680 25.27000  ? 223 HOH A O    1 
HETATM 1118 O  O    B HOH H 3 .  ? -3.25554  14.98347  14.98211  0.320 36.37000  ? 223 HOH A O    1 
HETATM 1119 O  O    A HOH H 3 .  ? -2.42003  -7.87597  11.40259  0.490 31.41000  ? 224 HOH A O    1 
HETATM 1120 O  O    B HOH H 3 .  ? -1.37153  -7.86829  13.13511  0.510 37.09000  ? 224 HOH A O    1 
HETATM 1121 O  O    . HOH H 3 .  ? -9.17501  1.82479   7.22890   1.000 43.00000  ? 225 HOH A O    1 
HETATM 1122 O  O    . HOH H 3 .  ? -7.89754  -4.54827  6.81827   1.000 38.63000  ? 226 HOH A O    1 
HETATM 1123 O  O    . HOH H 3 .  ? -3.56642  -9.09166  -12.00562 0.50  44.15000  ? 227 HOH A O    1 
HETATM 1124 O  O    . HOH H 3 .  ? 9.79721   -16.98117 -7.62694  1.000 43.68000  ? 228 HOH A O    1 
HETATM 1125 O  O    . HOH H 3 .  ? -11.28273 4.27296   19.41296  1.000 30.99000  ? 229 HOH A O    1 
HETATM 1126 O  O    . HOH H 3 .  ? -7.58084  -3.97675  11.45261  1.000 35.98000  ? 230 HOH A O    1 
HETATM 1127 O  O    . HOH I 3 .  ? -1.09474  -6.97674  -20.04844 1.000 49.18000  ? 201 HOH B O    1 
HETATM 1128 O  O    . HOH I 3 .  ? 6.58992   10.68327  16.60370  1.000 39.66000  ? 202 HOH B O    1 
HETATM 1129 O  O    . HOH I 3 .  ? 2.32835   3.64521   -15.27421 1.000 39.21000  ? 203 HOH B O    1 
HETATM 1130 O  O    . HOH I 3 .  ? -1.22350  5.35884   -2.42737  1.000 33.81000  ? 204 HOH B O    1 
HETATM 1131 O  O    . HOH I 3 .  ? 6.73923   8.47475   6.09349   1.000 43.35000  ? 205 HOH B O    1 
HETATM 1132 O  O    . HOH I 3 .  ? 6.44203   5.27650   11.79589  1.000 35.20000  ? 206 HOH B O    1 
HETATM 1133 O  O    . HOH I 3 .  ? -0.04207  15.46756  10.99970  1.000 44.63000  ? 207 HOH B O    1 
HETATM 1134 O  O    . HOH I 3 .  ? -4.24014  12.89667  5.65583   1.000 41.83000  ? 208 HOH B O    1 
HETATM 1135 O  O    . HOH I 3 .  ? 3.32371   8.91475   22.40306  1.000 34.25000  ? 209 HOH B O    1 
HETATM 1136 O  O    . HOH I 3 .  ? -5.31969  0.18397   -12.42338 1.000 45.54000  ? 210 HOH B O    1 
HETATM 1137 O  O    . HOH I 3 .  ? 6.44617   -0.04183  -3.33487  1.000 39.32000  ? 211 HOH B O    1 
HETATM 1138 O  O    . HOH I 3 .  ? -0.56994  10.25342  7.38250   1.000 41.11000  ? 212 HOH B O    1 
HETATM 1139 O  O    . HOH I 3 .  ? 0.05378   5.69676   -8.47034  1.000 39.36000  ? 213 HOH B O    1 
HETATM 1140 O  O    . HOH I 3 .  ? 1.66354   14.67283  5.35923   1.000 53.24000  ? 214 HOH B O    1 
HETATM 1141 O  O    . HOH I 3 .  ? 7.84880   6.09509   -6.04384  1.000 50.37000  ? 215 HOH B O    1 
HETATM 1142 O  O    A HOH I 3 .  ? -1.82001  15.43724  13.64477  0.500 37.28000  ? 216 HOH B O    1 
HETATM 1143 O  O    B HOH I 3 .  ? -1.07800  17.19277  12.04394  0.500 34.03000  ? 216 HOH B O    1 
HETATM 1144 O  O    . HOH I 3 .  ? 6.42970   8.55915   21.80027  1.000 34.75000  ? 217 HOH B O    1 
HETATM 1145 O  O    . HOH I 3 .  ? 2.34724   12.37947  17.96815  1.000 31.74000  ? 218 HOH B O    1 
HETATM 1146 O  O    . HOH I 3 .  ? 5.33354   2.91184   16.18168  1.000 32.45000  ? 219 HOH B O    1 
HETATM 1147 O  O    . HOH I 3 .  ? 4.43250   -0.87443  7.19522   1.000 37.40000  ? 220 HOH B O    1 
HETATM 1148 O  O    A HOH I 3 .  ? 6.46594   14.01200  14.98285  0.540 33.26000  ? 221 HOH B O    1 
HETATM 1149 O  O    B HOH I 3 .  ? 6.90272   13.34680  16.89799  0.460 29.27000  ? 221 HOH B O    1 
HETATM 1150 O  O    . HOH I 3 .  ? 5.22927   7.17005   -4.66600  1.000 47.13000  ? 222 HOH B O    1 
HETATM 1151 O  O    . HOH I 3 .  ? -5.14398  -5.66026  -18.46565 1.000 29.09000  ? 223 HOH B O    1 
HETATM 1152 O  O    . HOH I 3 .  ? 8.50900   6.90590   12.96036  1.000 43.17000  ? 224 HOH B O    1 
HETATM 1153 O  O    A HOH I 3 .  ? 1.20668   7.90327   -9.55788  0.680 34.45000  ? 225 HOH B O    1 
HETATM 1154 O  O    B HOH I 3 .  ? 1.50397   8.41232   -11.17257 0.320 35.68000  ? 225 HOH B O    1 
HETATM 1155 O  O    . HOH I 3 .  ? 8.79627   9.06781   17.76025  1.000 34.54000  ? 226 HOH B O    1 
HETATM 1156 O  O    . HOH I 3 .  ? -4.85304  5.66575   0.74056   1.000 45.82000  ? 227 HOH B O    1 
HETATM 1157 O  O    . HOH I 3 .  ? -0.93961  8.19528   -2.72808  1.000 39.01000  ? 228 HOH B O    1 
HETATM 1158 O  O    . HOH I 3 .  ? 3.40078   12.26138  8.36092   1.000 46.70000  ? 229 HOH B O    1 
HETATM 1159 O  O    . HOH I 3 .  ? -2.27166  6.25937   -7.21928  1.000 34.15000  ? 230 HOH B O    1 
HETATM 1160 O  O    . HOH I 3 .  ? 8.85276   6.77268   7.48363   1.000 51.61000  ? 231 HOH B O    1 
HETATM 1161 O  O    A HOH I 3 .  ? 7.44664   2.83998   7.96143   0.450 35.53000  ? 232 HOH B O    1 
HETATM 1162 O  O    B HOH I 3 .  ? 7.23163   5.14604   8.70588   0.550 35.60000  ? 232 HOH B O    1 
HETATM 1163 O  O    . HOH I 3 .  ? 6.35770   14.05225  20.23846  1.000 41.48000  ? 233 HOH B O    1 
# 
